data_3QC9
#
_entry.id   3QC9
#
_cell.length_a   58.696
_cell.length_b   89.965
_cell.length_c   122.638
_cell.angle_alpha   88.07
_cell.angle_beta   90.26
_cell.angle_gamma   68.78
#
_symmetry.space_group_name_H-M   'P 1'
#
loop_
_entity.id
_entity.type
_entity.pdbx_description
1 polymer 'Rhodopsin kinase'
2 non-polymer "ADENOSINE-5'-DIPHOSPHATE"
3 non-polymer 'MAGNESIUM ION'
4 non-polymer GLYCEROL
5 water water
#
_entity_poly.entity_id   1
_entity_poly.type   'polypeptide(L)'
_entity_poly.pdbx_seq_one_letter_code
;MDFGSLECVVANSAFIAARGSFDASSGPASRDRKYLARLKLPPLSKCEALRESLDLGFEGMCLEQPIGKRLFQQFLRTHE
QHGPALQLWKDIEDYDTADDALRPQKAQALRAAYLEPQAQLFCSFLDAETVARARAGAGDGLFQPLLRAVLAHLGQAPFQ
EFLDSLYFLRFLQWKWLEAQPMGEDWFLDFRVLGRGGFGEVFACQMKATGKLYACKKLNKKRLKKRKGYQGAMVEKKILA
KVHSRFIVSLAYAFETKTDLCLVMTIMNGGDIRYHIYNVDEDNPGFQEPRAIFYTAQIVSGLEHLHQRNIIYRDLKPENV
LLDDDGNVRISDLGLAVELKAGQTKTKGYAGTPGFMAPELLLGEEYDFSVDYFALGVTLYEMIAARGPFRARGEKVENKE
LKQRVLEQAVTYPDKFSPASKDFCEALLQKDPEKRLGFRDGSCDGLRTHPLFRDISWRQLEAGMLTPPFVPDSRTVYAKC
IQDVGAFSTVKGVAFEKADTEFFQEFASGTCPIPWQEEMIETGVFGDLNVWRPDGVDHHHHHH
;
_entity_poly.pdbx_strand_id   A,B,C,D
#
loop_
_chem_comp.id
_chem_comp.type
_chem_comp.name
_chem_comp.formula
ADP non-polymer ADENOSINE-5'-DIPHOSPHATE 'C10 H15 N5 O10 P2'
GOL non-polymer GLYCEROL 'C3 H8 O3'
MG non-polymer 'MAGNESIUM ION' 'Mg 2'
#
# COMPACT_ATOMS: atom_id res chain seq x y z
N ARG A 31 -17.01 0.00 13.35
CA ARG A 31 -17.55 -1.36 13.47
C ARG A 31 -18.57 -1.49 14.61
N ASP A 32 -19.83 -1.73 14.25
CA ASP A 32 -20.97 -1.71 15.18
C ASP A 32 -21.00 -2.82 16.24
N ARG A 33 -20.92 -2.44 17.52
CA ARG A 33 -20.88 -3.39 18.64
C ARG A 33 -22.20 -4.12 18.87
N LYS A 34 -23.31 -3.41 18.67
CA LYS A 34 -24.62 -4.04 18.78
C LYS A 34 -24.74 -5.24 17.83
N TYR A 35 -24.22 -5.09 16.61
CA TYR A 35 -24.30 -6.17 15.63
C TYR A 35 -23.23 -7.22 15.87
N LEU A 36 -22.03 -6.78 16.22
CA LEU A 36 -20.96 -7.70 16.62
C LEU A 36 -21.47 -8.72 17.65
N ALA A 37 -22.26 -8.24 18.61
CA ALA A 37 -22.80 -9.07 19.68
C ALA A 37 -23.82 -10.11 19.22
N ARG A 38 -24.26 -10.04 17.96
CA ARG A 38 -25.24 -11.03 17.49
C ARG A 38 -24.55 -12.24 16.91
N LEU A 39 -23.23 -12.19 16.85
CA LEU A 39 -22.42 -13.31 16.40
C LEU A 39 -21.88 -14.03 17.61
N LYS A 40 -22.58 -15.08 18.03
CA LYS A 40 -22.21 -15.85 19.20
C LYS A 40 -22.55 -17.29 18.94
N LEU A 41 -21.59 -18.17 19.19
CA LEU A 41 -21.76 -19.58 18.89
C LEU A 41 -22.90 -20.12 19.72
N PRO A 42 -23.72 -21.00 19.14
CA PRO A 42 -24.92 -21.57 19.77
C PRO A 42 -24.62 -22.79 20.66
N PRO A 43 -25.57 -23.14 21.52
CA PRO A 43 -25.58 -24.44 22.19
C PRO A 43 -25.61 -25.58 21.19
N LEU A 44 -24.82 -26.62 21.41
CA LEU A 44 -24.83 -27.80 20.57
C LEU A 44 -26.22 -28.32 20.20
N SER A 45 -27.18 -28.22 21.12
CA SER A 45 -28.50 -28.78 20.83
C SER A 45 -29.15 -28.11 19.61
N LYS A 46 -28.89 -26.82 19.44
CA LYS A 46 -29.40 -26.09 18.26
C LYS A 46 -28.78 -26.52 16.93
N CYS A 47 -27.74 -27.34 16.96
CA CYS A 47 -27.07 -27.74 15.74
C CYS A 47 -27.44 -29.13 15.30
N GLU A 48 -28.35 -29.77 16.03
CA GLU A 48 -28.64 -31.18 15.73
C GLU A 48 -29.27 -31.31 14.35
N ALA A 49 -30.17 -30.38 14.04
CA ALA A 49 -30.93 -30.41 12.81
C ALA A 49 -30.04 -30.26 11.58
N LEU A 50 -29.19 -29.25 11.58
CA LEU A 50 -28.38 -29.01 10.40
C LEU A 50 -27.20 -29.97 10.38
N ARG A 51 -27.23 -30.94 11.28
CA ARG A 51 -26.27 -32.02 11.24
C ARG A 51 -26.71 -33.12 10.28
N GLU A 52 -27.95 -33.05 9.80
CA GLU A 52 -28.40 -33.95 8.74
C GLU A 52 -28.42 -33.23 7.40
N SER A 53 -28.87 -31.99 7.42
CA SER A 53 -29.00 -31.19 6.21
C SER A 53 -27.65 -30.71 5.70
N LEU A 54 -26.58 -31.38 6.12
CA LEU A 54 -25.24 -30.98 5.70
C LEU A 54 -24.46 -32.08 5.01
N ASP A 55 -23.75 -31.68 3.95
CA ASP A 55 -22.87 -32.60 3.24
C ASP A 55 -21.63 -32.89 4.09
N LEU A 56 -21.46 -34.17 4.41
CA LEU A 56 -20.30 -34.63 5.17
C LEU A 56 -19.05 -34.63 4.33
N GLY A 57 -19.22 -34.73 3.01
CA GLY A 57 -18.11 -34.88 2.10
C GLY A 57 -16.83 -34.17 2.52
N PHE A 58 -15.73 -34.93 2.54
CA PHE A 58 -14.42 -34.41 2.92
C PHE A 58 -13.92 -33.16 2.16
N GLU A 59 -13.67 -33.30 0.87
CA GLU A 59 -13.12 -32.15 0.14
C GLU A 59 -14.10 -30.97 0.16
N GLY A 60 -15.38 -31.30 0.17
CA GLY A 60 -16.42 -30.29 0.25
C GLY A 60 -16.36 -29.41 1.50
N MET A 61 -16.08 -30.02 2.65
CA MET A 61 -16.09 -29.28 3.91
C MET A 61 -14.70 -28.91 4.45
N CYS A 62 -13.69 -29.69 4.16
CA CYS A 62 -12.38 -29.47 4.79
C CYS A 62 -11.39 -28.79 3.87
N LEU A 63 -11.65 -28.85 2.57
CA LEU A 63 -10.78 -28.18 1.61
C LEU A 63 -11.40 -26.89 1.07
N GLU A 64 -12.68 -26.94 0.73
CA GLU A 64 -13.33 -25.79 0.10
C GLU A 64 -13.86 -24.71 1.05
N GLN A 65 -14.37 -25.12 2.22
CA GLN A 65 -14.84 -24.15 3.23
C GLN A 65 -13.73 -23.69 4.17
N PRO A 66 -13.35 -22.41 4.07
CA PRO A 66 -12.25 -21.84 4.84
C PRO A 66 -12.28 -22.21 6.30
N ILE A 67 -13.45 -22.19 6.91
CA ILE A 67 -13.51 -22.47 8.35
C ILE A 67 -13.37 -23.95 8.67
N GLY A 68 -13.99 -24.82 7.87
CA GLY A 68 -13.80 -26.25 8.03
C GLY A 68 -12.33 -26.61 7.92
N LYS A 69 -11.64 -26.01 6.96
CA LYS A 69 -10.23 -26.27 6.74
C LYS A 69 -9.41 -25.85 7.99
N ARG A 70 -9.72 -24.67 8.48
CA ARG A 70 -9.06 -24.13 9.64
C ARG A 70 -9.28 -25.08 10.84
N LEU A 71 -10.52 -25.51 11.06
CA LEU A 71 -10.83 -26.36 12.19
C LEU A 71 -10.27 -27.77 12.04
N PHE A 72 -10.14 -28.22 10.81
CA PHE A 72 -9.60 -29.55 10.54
C PHE A 72 -8.08 -29.54 10.67
N GLN A 73 -7.45 -28.44 10.30
CA GLN A 73 -6.02 -28.32 10.56
C GLN A 73 -5.73 -28.23 12.06
N GLN A 74 -6.64 -27.63 12.82
CA GLN A 74 -6.49 -27.53 14.26
C GLN A 74 -6.50 -28.91 14.91
N PHE A 75 -7.53 -29.69 14.61
CA PHE A 75 -7.56 -31.09 14.98
C PHE A 75 -6.22 -31.75 14.67
N LEU A 76 -5.80 -31.66 13.42
CA LEU A 76 -4.52 -32.22 13.00
C LEU A 76 -3.33 -31.78 13.87
N ARG A 77 -3.26 -30.50 14.18
CA ARG A 77 -2.12 -29.97 14.92
C ARG A 77 -2.06 -30.55 16.33
N THR A 78 -3.22 -30.92 16.88
CA THR A 78 -3.29 -31.38 18.25
C THR A 78 -3.32 -32.91 18.36
N HIS A 79 -3.00 -33.58 17.27
CA HIS A 79 -2.85 -35.03 17.28
C HIS A 79 -1.49 -35.41 16.70
N GLU A 80 -0.55 -35.80 17.56
CA GLU A 80 0.82 -36.14 17.18
C GLU A 80 0.89 -36.87 15.84
N GLN A 81 0.18 -38.00 15.76
CA GLN A 81 0.25 -38.90 14.60
C GLN A 81 0.21 -38.14 13.28
N HIS A 82 -0.73 -37.21 13.20
CA HIS A 82 -1.00 -36.49 11.97
C HIS A 82 -0.04 -35.32 11.74
N GLY A 83 0.77 -34.99 12.74
CA GLY A 83 1.73 -33.89 12.62
C GLY A 83 2.46 -33.77 11.28
N PRO A 84 3.08 -34.86 10.83
CA PRO A 84 3.86 -34.82 9.57
C PRO A 84 3.00 -34.44 8.36
N ALA A 85 1.84 -35.09 8.21
CA ALA A 85 0.94 -34.81 7.09
C ALA A 85 0.52 -33.35 7.06
N LEU A 86 0.01 -32.85 8.18
CA LEU A 86 -0.35 -31.45 8.27
C LEU A 86 0.82 -30.54 7.84
N GLN A 87 2.01 -30.81 8.37
CA GLN A 87 3.15 -29.94 8.07
C GLN A 87 3.54 -29.97 6.60
N LEU A 88 3.49 -31.16 6.00
CA LEU A 88 3.71 -31.30 4.57
C LEU A 88 2.70 -30.46 3.79
N TRP A 89 1.43 -30.79 3.94
CA TRP A 89 0.34 -30.01 3.37
C TRP A 89 0.66 -28.51 3.47
N LYS A 90 0.84 -27.99 4.69
CA LYS A 90 1.14 -26.56 4.88
C LYS A 90 2.35 -26.11 4.05
N ASP A 91 3.41 -26.93 4.06
CA ASP A 91 4.63 -26.56 3.33
C ASP A 91 4.40 -26.44 1.82
N ILE A 92 3.56 -27.33 1.29
CA ILE A 92 3.30 -27.35 -0.14
C ILE A 92 2.60 -26.06 -0.55
N GLU A 93 1.59 -25.66 0.21
CA GLU A 93 0.90 -24.44 -0.13
C GLU A 93 1.88 -23.30 0.01
N ASP A 94 2.81 -23.39 0.96
CA ASP A 94 3.84 -22.35 1.07
C ASP A 94 4.73 -22.30 -0.17
N TYR A 95 5.05 -23.46 -0.71
CA TYR A 95 5.88 -23.54 -1.91
C TYR A 95 5.14 -22.96 -3.13
N ASP A 96 3.83 -23.24 -3.19
CA ASP A 96 2.96 -22.84 -4.30
C ASP A 96 2.67 -21.34 -4.34
N THR A 97 3.14 -20.65 -3.32
CA THR A 97 2.88 -19.22 -3.15
C THR A 97 4.17 -18.47 -2.94
N ALA A 98 5.28 -19.18 -3.04
CA ALA A 98 6.57 -18.54 -2.81
C ALA A 98 7.03 -17.78 -4.03
N ASP A 99 7.81 -16.72 -3.80
CA ASP A 99 8.50 -16.03 -4.90
C ASP A 99 9.41 -17.03 -5.62
N ASP A 100 9.53 -16.91 -6.95
CA ASP A 100 10.31 -17.87 -7.73
C ASP A 100 11.73 -18.00 -7.19
N ALA A 101 12.24 -16.91 -6.63
CA ALA A 101 13.56 -16.86 -6.03
C ALA A 101 13.76 -17.89 -4.89
N LEU A 102 12.73 -18.10 -4.08
CA LEU A 102 12.83 -18.98 -2.92
C LEU A 102 12.42 -20.43 -3.16
N ARG A 103 11.95 -20.73 -4.38
CA ARG A 103 11.40 -22.05 -4.68
C ARG A 103 12.39 -23.19 -4.50
N PRO A 104 13.58 -23.06 -5.13
CA PRO A 104 14.59 -24.13 -5.02
C PRO A 104 14.84 -24.61 -3.58
N GLN A 105 15.07 -23.68 -2.66
CA GLN A 105 15.42 -24.03 -1.28
C GLN A 105 14.22 -24.58 -0.53
N LYS A 106 13.06 -24.00 -0.78
CA LYS A 106 11.85 -24.50 -0.13
C LYS A 106 11.59 -25.94 -0.54
N ALA A 107 11.93 -26.26 -1.80
CA ALA A 107 11.81 -27.63 -2.31
C ALA A 107 12.84 -28.52 -1.65
N GLN A 108 14.02 -27.95 -1.41
CA GLN A 108 15.11 -28.62 -0.71
C GLN A 108 14.65 -29.01 0.69
N ALA A 109 14.45 -28.01 1.54
CA ALA A 109 14.01 -28.24 2.90
C ALA A 109 12.80 -29.17 2.95
N LEU A 110 11.98 -29.15 1.90
CA LEU A 110 10.74 -29.92 1.87
C LEU A 110 11.02 -31.41 1.68
N ARG A 111 11.96 -31.72 0.79
CA ARG A 111 12.36 -33.12 0.59
C ARG A 111 13.15 -33.64 1.78
N ALA A 112 14.02 -32.78 2.33
CA ALA A 112 14.76 -33.06 3.55
C ALA A 112 13.83 -33.35 4.74
N ALA A 113 12.72 -32.62 4.83
CA ALA A 113 11.88 -32.66 6.02
C ALA A 113 10.79 -33.73 6.00
N TYR A 114 10.38 -34.20 4.83
CA TYR A 114 9.26 -35.14 4.79
C TYR A 114 9.50 -36.37 3.91
N LEU A 115 10.59 -36.35 3.14
CA LEU A 115 10.81 -37.36 2.10
C LEU A 115 12.01 -38.31 2.31
N GLU A 116 13.02 -37.85 3.04
CA GLU A 116 14.09 -38.73 3.50
C GLU A 116 13.54 -39.59 4.64
N PRO A 117 13.68 -40.92 4.53
CA PRO A 117 13.12 -41.84 5.55
C PRO A 117 13.72 -41.62 6.94
N GLN A 118 14.82 -40.87 6.99
CA GLN A 118 15.47 -40.49 8.24
C GLN A 118 14.59 -39.53 9.04
N ALA A 119 14.45 -38.31 8.51
CA ALA A 119 13.84 -37.15 9.20
C ALA A 119 12.61 -37.44 10.09
N GLN A 120 12.50 -36.65 11.16
CA GLN A 120 11.40 -36.81 12.11
C GLN A 120 10.05 -36.79 11.40
N LEU A 121 9.90 -35.81 10.53
CA LEU A 121 8.61 -35.58 9.89
C LEU A 121 8.42 -36.39 8.61
N PHE A 122 9.12 -37.52 8.51
CA PHE A 122 8.97 -38.39 7.35
C PHE A 122 7.51 -38.83 7.22
N CYS A 123 7.01 -38.96 5.99
CA CYS A 123 5.61 -39.36 5.78
C CYS A 123 5.44 -40.81 5.35
N SER A 124 5.36 -41.70 6.33
CA SER A 124 5.30 -43.14 6.06
C SER A 124 4.07 -43.57 5.25
N PHE A 125 3.04 -42.71 5.17
CA PHE A 125 1.81 -43.08 4.47
C PHE A 125 1.94 -42.91 2.96
N LEU A 126 3.00 -42.24 2.54
CA LEU A 126 3.29 -42.04 1.12
C LEU A 126 3.95 -43.27 0.53
N ASP A 127 3.24 -43.98 -0.35
CA ASP A 127 3.83 -45.12 -1.05
C ASP A 127 5.10 -44.68 -1.79
N ALA A 128 6.14 -45.51 -1.74
CA ALA A 128 7.46 -45.17 -2.29
C ALA A 128 7.44 -44.63 -3.73
N GLU A 129 6.56 -45.17 -4.57
CA GLU A 129 6.47 -44.73 -5.97
C GLU A 129 6.17 -43.23 -6.06
N THR A 130 5.31 -42.76 -5.16
CA THR A 130 4.98 -41.33 -5.08
C THR A 130 6.18 -40.53 -4.56
N VAL A 131 6.85 -41.09 -3.55
CA VAL A 131 8.00 -40.43 -2.95
C VAL A 131 9.11 -40.22 -3.98
N ALA A 132 9.31 -41.24 -4.81
CA ALA A 132 10.28 -41.18 -5.90
C ALA A 132 10.05 -40.00 -6.84
N ARG A 133 8.85 -39.89 -7.39
CA ARG A 133 8.53 -38.76 -8.26
C ARG A 133 8.76 -37.42 -7.57
N ALA A 134 8.27 -37.29 -6.33
CA ALA A 134 8.37 -36.03 -5.57
C ALA A 134 9.82 -35.64 -5.34
N ARG A 135 10.66 -36.67 -5.23
CA ARG A 135 12.10 -36.51 -5.02
C ARG A 135 12.78 -35.84 -6.23
N ALA A 136 12.35 -36.20 -7.45
CA ALA A 136 12.97 -35.70 -8.68
C ALA A 136 12.19 -34.53 -9.29
N GLY A 137 12.64 -33.31 -9.01
CA GLY A 137 11.83 -32.12 -9.26
C GLY A 137 11.73 -31.58 -10.68
N ALA A 138 10.50 -31.54 -11.20
CA ALA A 138 10.21 -30.91 -12.50
C ALA A 138 10.09 -29.39 -12.37
N GLY A 139 9.00 -28.84 -12.90
CA GLY A 139 8.79 -27.39 -12.89
C GLY A 139 7.56 -26.96 -12.12
N ASP A 140 6.80 -26.03 -12.70
CA ASP A 140 5.54 -25.58 -12.10
C ASP A 140 4.57 -26.76 -12.06
N GLY A 141 4.10 -27.08 -10.86
CA GLY A 141 3.28 -28.26 -10.64
C GLY A 141 4.12 -29.35 -9.98
N LEU A 142 5.28 -28.93 -9.46
CA LEU A 142 6.27 -29.85 -8.89
C LEU A 142 5.70 -30.82 -7.85
N PHE A 143 5.20 -30.29 -6.74
CA PHE A 143 4.62 -31.15 -5.73
C PHE A 143 3.09 -31.30 -5.82
N GLN A 144 2.50 -30.99 -6.97
CA GLN A 144 1.06 -31.15 -7.14
C GLN A 144 0.59 -32.58 -6.93
N PRO A 145 1.29 -33.55 -7.54
CA PRO A 145 0.85 -34.94 -7.35
C PRO A 145 1.18 -35.45 -5.94
N LEU A 146 2.18 -34.84 -5.28
CA LEU A 146 2.43 -35.13 -3.87
C LEU A 146 1.22 -34.69 -3.05
N LEU A 147 0.82 -33.43 -3.25
CA LEU A 147 -0.28 -32.84 -2.51
C LEU A 147 -1.56 -33.65 -2.65
N ARG A 148 -1.78 -34.21 -3.84
CA ARG A 148 -2.99 -34.99 -4.08
C ARG A 148 -2.94 -36.26 -3.25
N ALA A 149 -1.75 -36.83 -3.09
CA ALA A 149 -1.60 -38.02 -2.29
C ALA A 149 -1.80 -37.73 -0.79
N VAL A 150 -1.27 -36.59 -0.33
CA VAL A 150 -1.46 -36.13 1.05
C VAL A 150 -2.94 -35.93 1.38
N LEU A 151 -3.65 -35.25 0.48
CA LEU A 151 -5.06 -34.98 0.71
C LEU A 151 -5.86 -36.27 0.62
N ALA A 152 -5.43 -37.17 -0.24
CA ALA A 152 -6.10 -38.46 -0.38
C ALA A 152 -5.99 -39.23 0.93
N HIS A 153 -4.85 -39.07 1.58
CA HIS A 153 -4.59 -39.68 2.89
C HIS A 153 -5.48 -39.04 3.96
N LEU A 154 -5.48 -37.71 4.00
CA LEU A 154 -6.22 -37.01 5.01
C LEU A 154 -7.72 -37.31 4.93
N GLY A 155 -8.21 -37.60 3.73
CA GLY A 155 -9.62 -37.87 3.54
C GLY A 155 -10.12 -39.19 4.09
N GLN A 156 -9.18 -40.03 4.52
CA GLN A 156 -9.55 -41.34 5.05
C GLN A 156 -9.76 -41.28 6.57
N ALA A 157 -8.90 -41.99 7.29
CA ALA A 157 -9.05 -42.07 8.74
C ALA A 157 -9.00 -40.69 9.39
N PRO A 158 -7.99 -39.88 9.03
CA PRO A 158 -7.84 -38.58 9.70
C PRO A 158 -9.13 -37.79 9.69
N PHE A 159 -9.79 -37.78 8.54
CA PHE A 159 -11.05 -37.09 8.42
C PHE A 159 -12.10 -37.77 9.27
N GLN A 160 -12.12 -39.09 9.21
CA GLN A 160 -13.10 -39.86 9.96
C GLN A 160 -12.93 -39.63 11.47
N GLU A 161 -11.69 -39.45 11.91
CA GLU A 161 -11.41 -39.10 13.29
C GLU A 161 -11.92 -37.67 13.59
N PHE A 162 -11.54 -36.70 12.76
CA PHE A 162 -12.08 -35.35 12.87
C PHE A 162 -13.58 -35.41 13.15
N LEU A 163 -14.32 -36.18 12.38
CA LEU A 163 -15.78 -36.24 12.53
C LEU A 163 -16.20 -36.71 13.91
N ASP A 164 -15.29 -37.40 14.60
CA ASP A 164 -15.56 -37.94 15.94
C ASP A 164 -14.93 -37.06 17.00
N SER A 165 -14.53 -35.86 16.62
CA SER A 165 -13.81 -34.97 17.52
C SER A 165 -14.65 -33.73 17.78
N LEU A 166 -14.20 -32.91 18.73
CA LEU A 166 -14.93 -31.69 19.10
C LEU A 166 -14.83 -30.66 17.97
N TYR A 167 -13.69 -30.65 17.32
CA TYR A 167 -13.48 -29.76 16.19
C TYR A 167 -14.60 -29.84 15.16
N PHE A 168 -15.08 -31.04 14.87
CA PHE A 168 -16.21 -31.15 13.97
C PHE A 168 -17.48 -30.54 14.56
N LEU A 169 -17.70 -30.70 15.86
CA LEU A 169 -18.83 -30.06 16.50
C LEU A 169 -18.75 -28.53 16.45
N ARG A 170 -17.53 -28.00 16.50
CA ARG A 170 -17.37 -26.56 16.41
C ARG A 170 -17.76 -26.06 15.02
N PHE A 171 -17.41 -26.85 14.03
CA PHE A 171 -17.72 -26.51 12.66
C PHE A 171 -19.24 -26.43 12.52
N LEU A 172 -19.96 -27.27 13.25
CA LEU A 172 -21.42 -27.24 13.19
C LEU A 172 -21.98 -26.00 13.86
N GLN A 173 -21.33 -25.54 14.93
CA GLN A 173 -21.74 -24.29 15.55
C GLN A 173 -21.60 -23.11 14.57
N TRP A 174 -20.44 -23.02 13.93
CA TRP A 174 -20.20 -21.97 12.98
C TRP A 174 -21.20 -22.04 11.83
N LYS A 175 -21.46 -23.25 11.35
CA LYS A 175 -22.39 -23.44 10.25
C LYS A 175 -23.78 -22.98 10.65
N TRP A 176 -24.03 -22.96 11.95
CA TRP A 176 -25.30 -22.52 12.48
C TRP A 176 -25.38 -21.02 12.50
N LEU A 177 -24.30 -20.37 12.93
CA LEU A 177 -24.26 -18.91 12.95
C LEU A 177 -24.39 -18.36 11.52
N GLU A 178 -23.80 -19.10 10.59
CA GLU A 178 -23.76 -18.73 9.17
C GLU A 178 -25.17 -18.72 8.58
N ALA A 179 -25.99 -19.66 9.02
CA ALA A 179 -27.33 -19.78 8.49
C ALA A 179 -28.31 -18.80 9.13
N GLN A 180 -27.89 -18.10 10.19
CA GLN A 180 -28.78 -17.15 10.84
C GLN A 180 -29.05 -15.93 9.95
N PRO A 181 -30.23 -15.33 10.08
CA PRO A 181 -30.62 -14.17 9.26
C PRO A 181 -29.71 -12.95 9.40
N MET A 182 -29.12 -12.53 8.27
CA MET A 182 -28.33 -11.32 8.19
C MET A 182 -28.75 -10.63 6.89
N GLY A 183 -29.77 -9.77 6.99
CA GLY A 183 -30.36 -9.08 5.85
C GLY A 183 -30.05 -7.59 5.88
N GLU A 184 -31.00 -6.76 5.43
CA GLU A 184 -30.73 -5.35 5.24
C GLU A 184 -30.22 -4.56 6.46
N ASP A 185 -30.79 -4.83 7.63
CA ASP A 185 -30.45 -4.05 8.83
C ASP A 185 -29.00 -4.32 9.23
N TRP A 186 -28.40 -5.31 8.60
CA TRP A 186 -27.02 -5.68 8.89
C TRP A 186 -25.99 -4.90 8.06
N PHE A 187 -26.47 -4.02 7.18
CA PHE A 187 -25.57 -3.33 6.26
C PHE A 187 -25.80 -1.82 6.15
N LEU A 188 -24.72 -1.07 6.15
CA LEU A 188 -24.82 0.39 6.15
C LEU A 188 -24.32 0.92 4.82
N ASP A 189 -25.23 1.41 3.98
CA ASP A 189 -24.83 2.07 2.73
C ASP A 189 -24.21 3.43 3.06
N PHE A 190 -23.20 3.85 2.30
CA PHE A 190 -22.55 5.12 2.62
C PHE A 190 -21.91 5.87 1.46
N ARG A 191 -22.16 5.41 0.23
CA ARG A 191 -21.66 6.06 -0.98
C ARG A 191 -22.16 5.29 -2.20
N VAL A 192 -22.46 6.01 -3.28
CA VAL A 192 -22.84 5.36 -4.54
C VAL A 192 -21.62 5.00 -5.38
N LEU A 193 -21.54 3.76 -5.82
CA LEU A 193 -20.38 3.29 -6.56
C LEU A 193 -20.67 3.39 -8.05
N GLY A 194 -21.96 3.56 -8.39
CA GLY A 194 -22.37 3.52 -9.76
C GLY A 194 -23.86 3.31 -9.91
N ARG A 195 -24.36 3.44 -11.13
CA ARG A 195 -25.78 3.30 -11.42
C ARG A 195 -26.02 2.22 -12.45
N GLY A 196 -27.12 1.51 -12.27
CA GLY A 196 -27.43 0.38 -13.12
C GLY A 196 -28.90 0.36 -13.47
N GLY A 197 -29.25 -0.38 -14.49
CA GLY A 197 -30.62 -0.48 -14.96
C GLY A 197 -31.73 -0.52 -13.93
N PHE A 198 -31.54 -1.22 -12.82
CA PHE A 198 -32.66 -1.30 -11.91
C PHE A 198 -32.48 -0.66 -10.56
N GLY A 199 -31.42 0.12 -10.41
CA GLY A 199 -31.14 0.71 -9.13
C GLY A 199 -29.67 1.01 -8.96
N GLU A 200 -29.33 1.59 -7.82
CA GLU A 200 -27.95 2.02 -7.65
C GLU A 200 -27.10 0.93 -7.03
N VAL A 201 -25.80 1.13 -7.07
CA VAL A 201 -24.89 0.25 -6.41
C VAL A 201 -24.20 1.10 -5.36
N PHE A 202 -24.21 0.62 -4.11
CA PHE A 202 -23.62 1.33 -2.99
C PHE A 202 -22.43 0.58 -2.42
N ALA A 203 -21.43 1.36 -1.98
CA ALA A 203 -20.42 0.83 -1.10
C ALA A 203 -21.08 0.78 0.26
N CYS A 204 -20.99 -0.37 0.94
CA CYS A 204 -21.65 -0.55 2.21
C CYS A 204 -20.77 -1.33 3.16
N GLN A 205 -21.12 -1.25 4.44
CA GLN A 205 -20.36 -1.93 5.48
C GLN A 205 -21.22 -3.01 6.12
N MET A 206 -20.61 -4.17 6.37
CA MET A 206 -21.29 -5.20 7.15
C MET A 206 -21.08 -4.82 8.61
N LYS A 207 -22.16 -4.45 9.29
CA LYS A 207 -22.06 -3.79 10.59
C LYS A 207 -21.28 -4.56 11.65
N ALA A 208 -21.53 -5.87 11.74
CA ALA A 208 -20.82 -6.72 12.68
C ALA A 208 -19.32 -6.64 12.48
N THR A 209 -18.88 -6.94 11.27
CA THR A 209 -17.47 -7.16 11.02
C THR A 209 -16.76 -5.91 10.56
N GLY A 210 -17.53 -4.98 9.99
CA GLY A 210 -16.96 -3.78 9.43
C GLY A 210 -16.35 -4.00 8.06
N LYS A 211 -16.53 -5.19 7.49
CA LYS A 211 -15.99 -5.44 6.17
C LYS A 211 -16.72 -4.63 5.10
N LEU A 212 -15.96 -4.15 4.12
CA LEU A 212 -16.52 -3.32 3.07
C LEU A 212 -16.96 -4.12 1.84
N TYR A 213 -18.20 -3.90 1.43
CA TYR A 213 -18.77 -4.58 0.29
C TYR A 213 -19.43 -3.60 -0.71
N ALA A 214 -19.88 -4.13 -1.85
CA ALA A 214 -20.72 -3.40 -2.77
C ALA A 214 -22.13 -3.98 -2.73
N CYS A 215 -23.14 -3.15 -2.50
CA CYS A 215 -24.52 -3.63 -2.51
C CYS A 215 -25.26 -3.14 -3.75
N LYS A 216 -25.63 -4.06 -4.62
CA LYS A 216 -26.31 -3.72 -5.86
C LYS A 216 -27.81 -3.88 -5.65
N LYS A 217 -28.57 -2.81 -5.87
CA LYS A 217 -30.01 -2.84 -5.66
C LYS A 217 -30.78 -3.00 -6.97
N LEU A 218 -31.82 -3.80 -6.92
CA LEU A 218 -32.76 -3.92 -8.01
C LEU A 218 -34.15 -3.62 -7.47
N ASN A 219 -34.59 -2.38 -7.62
CA ASN A 219 -35.97 -2.02 -7.36
C ASN A 219 -36.94 -3.09 -7.87
N LYS A 220 -37.85 -3.53 -7.01
CA LYS A 220 -38.71 -4.67 -7.34
C LYS A 220 -39.73 -4.38 -8.44
N LYS A 221 -40.32 -3.19 -8.39
CA LYS A 221 -41.36 -2.82 -9.35
C LYS A 221 -40.84 -2.73 -10.81
N ARG A 222 -39.73 -2.02 -11.00
CA ARG A 222 -39.13 -1.90 -12.31
C ARG A 222 -38.78 -3.27 -12.86
N LEU A 223 -38.21 -4.10 -11.99
CA LEU A 223 -37.82 -5.45 -12.38
C LEU A 223 -39.00 -6.18 -13.00
N LYS A 224 -40.17 -6.07 -12.36
CA LYS A 224 -41.36 -6.68 -12.90
C LYS A 224 -41.81 -5.99 -14.18
N LYS A 225 -41.92 -4.66 -14.11
CA LYS A 225 -42.40 -3.88 -15.25
C LYS A 225 -41.64 -4.20 -16.54
N ARG A 226 -40.33 -4.38 -16.44
CA ARG A 226 -39.49 -4.59 -17.61
C ARG A 226 -39.12 -6.04 -17.87
N LYS A 227 -39.85 -6.98 -17.28
CA LYS A 227 -39.61 -8.41 -17.53
C LYS A 227 -38.15 -8.84 -17.30
N GLY A 228 -37.54 -8.40 -16.21
CA GLY A 228 -36.14 -8.69 -15.97
C GLY A 228 -35.79 -9.75 -14.93
N TYR A 229 -36.76 -10.59 -14.56
CA TYR A 229 -36.51 -11.61 -13.54
C TYR A 229 -35.46 -12.67 -13.93
N GLN A 230 -35.52 -13.14 -15.17
CA GLN A 230 -34.58 -14.17 -15.60
C GLN A 230 -33.14 -13.64 -15.52
N GLY A 231 -32.92 -12.45 -16.08
CA GLY A 231 -31.58 -11.88 -16.07
C GLY A 231 -31.02 -11.70 -14.67
N ALA A 232 -31.86 -11.16 -13.79
CA ALA A 232 -31.48 -10.87 -12.40
C ALA A 232 -31.09 -12.14 -11.69
N MET A 233 -31.83 -13.20 -11.95
CA MET A 233 -31.61 -14.47 -11.28
C MET A 233 -30.36 -15.16 -11.80
N VAL A 234 -30.26 -15.24 -13.12
CA VAL A 234 -29.07 -15.82 -13.76
C VAL A 234 -27.81 -15.24 -13.14
N GLU A 235 -27.84 -13.95 -12.82
CA GLU A 235 -26.69 -13.31 -12.25
C GLU A 235 -26.44 -13.79 -10.82
N LYS A 236 -27.51 -13.88 -10.04
CA LYS A 236 -27.37 -14.18 -8.63
C LYS A 236 -26.87 -15.60 -8.49
N LYS A 237 -27.42 -16.51 -9.29
CA LYS A 237 -27.00 -17.91 -9.21
C LYS A 237 -25.54 -18.10 -9.66
N ILE A 238 -25.14 -17.37 -10.69
CA ILE A 238 -23.78 -17.48 -11.21
C ILE A 238 -22.81 -16.96 -10.15
N LEU A 239 -23.09 -15.79 -9.62
CA LEU A 239 -22.18 -15.18 -8.65
C LEU A 239 -22.08 -15.97 -7.35
N ALA A 240 -23.10 -16.78 -7.05
CA ALA A 240 -23.15 -17.54 -5.80
C ALA A 240 -22.36 -18.83 -5.91
N LYS A 241 -22.56 -19.54 -7.02
CA LYS A 241 -21.96 -20.84 -7.23
C LYS A 241 -20.54 -20.80 -7.82
N VAL A 242 -20.02 -19.60 -8.03
CA VAL A 242 -18.68 -19.43 -8.59
C VAL A 242 -17.72 -18.70 -7.64
N HIS A 243 -16.51 -19.23 -7.51
CA HIS A 243 -15.57 -18.69 -6.53
C HIS A 243 -14.22 -18.54 -7.18
N SER A 244 -13.98 -17.37 -7.76
CA SER A 244 -12.74 -17.09 -8.48
C SER A 244 -12.25 -15.72 -8.07
N ARG A 245 -10.94 -15.52 -8.01
CA ARG A 245 -10.47 -14.16 -7.74
C ARG A 245 -10.63 -13.21 -8.93
N PHE A 246 -11.19 -13.70 -10.04
CA PHE A 246 -11.39 -12.87 -11.23
C PHE A 246 -12.86 -12.62 -11.60
N ILE A 247 -13.78 -13.27 -10.89
CA ILE A 247 -15.19 -12.92 -10.95
C ILE A 247 -15.50 -12.17 -9.66
N VAL A 248 -16.36 -11.15 -9.71
CA VAL A 248 -16.80 -10.53 -8.46
C VAL A 248 -17.59 -11.57 -7.70
N SER A 249 -17.49 -11.51 -6.37
CA SER A 249 -17.98 -12.61 -5.52
C SER A 249 -19.20 -12.25 -4.67
N LEU A 250 -20.25 -13.08 -4.74
CA LEU A 250 -21.48 -12.83 -4.00
C LEU A 250 -21.34 -13.29 -2.53
N ALA A 251 -21.59 -12.40 -1.58
CA ALA A 251 -21.52 -12.75 -0.17
C ALA A 251 -22.91 -12.95 0.43
N TYR A 252 -23.83 -12.06 0.09
CA TYR A 252 -25.19 -12.12 0.62
C TYR A 252 -26.22 -11.84 -0.46
N ALA A 253 -27.42 -12.36 -0.29
CA ALA A 253 -28.51 -12.08 -1.21
C ALA A 253 -29.86 -12.01 -0.48
N PHE A 254 -30.36 -10.80 -0.29
CA PHE A 254 -31.62 -10.61 0.43
C PHE A 254 -32.55 -9.59 -0.22
N GLU A 255 -33.66 -9.29 0.46
CA GLU A 255 -34.69 -8.43 -0.10
C GLU A 255 -35.16 -7.39 0.90
N THR A 256 -35.57 -6.23 0.41
CA THR A 256 -36.17 -5.19 1.25
C THR A 256 -37.60 -4.97 0.80
N LYS A 257 -38.29 -4.02 1.42
CA LYS A 257 -39.62 -3.64 0.95
C LYS A 257 -39.59 -3.30 -0.54
N THR A 258 -38.55 -2.59 -0.94
CA THR A 258 -38.48 -2.02 -2.29
C THR A 258 -37.53 -2.74 -3.24
N ASP A 259 -36.52 -3.43 -2.70
CA ASP A 259 -35.41 -3.95 -3.53
C ASP A 259 -35.06 -5.42 -3.33
N LEU A 260 -34.47 -6.02 -4.36
CA LEU A 260 -33.62 -7.17 -4.19
C LEU A 260 -32.20 -6.66 -3.96
N CYS A 261 -31.36 -7.42 -3.26
CA CYS A 261 -29.99 -6.94 -2.99
C CYS A 261 -28.94 -8.00 -3.21
N LEU A 262 -27.82 -7.58 -3.79
CA LEU A 262 -26.65 -8.44 -3.95
C LEU A 262 -25.46 -7.77 -3.29
N VAL A 263 -24.97 -8.36 -2.22
CA VAL A 263 -23.80 -7.84 -1.55
C VAL A 263 -22.65 -8.63 -2.11
N MET A 264 -21.66 -7.95 -2.65
CA MET A 264 -20.61 -8.65 -3.38
C MET A 264 -19.29 -7.92 -3.24
N THR A 265 -18.22 -8.57 -3.65
CA THR A 265 -16.90 -7.96 -3.68
C THR A 265 -16.97 -6.50 -4.11
N ILE A 266 -16.33 -5.62 -3.35
CA ILE A 266 -16.27 -4.23 -3.75
C ILE A 266 -15.09 -4.02 -4.69
N MET A 267 -15.34 -3.30 -5.79
CA MET A 267 -14.31 -3.00 -6.78
C MET A 267 -14.29 -1.50 -7.00
N ASN A 268 -13.35 -0.82 -6.36
CA ASN A 268 -13.41 0.63 -6.19
C ASN A 268 -12.65 1.44 -7.24
N GLY A 269 -11.93 0.74 -8.10
CA GLY A 269 -11.02 1.38 -9.05
C GLY A 269 -11.51 1.62 -10.45
N GLY A 270 -12.83 1.71 -10.63
CA GLY A 270 -13.40 2.02 -11.94
C GLY A 270 -13.26 0.90 -12.96
N ASP A 271 -13.95 1.02 -14.09
CA ASP A 271 -13.86 -0.06 -15.07
C ASP A 271 -12.84 0.23 -16.16
N ILE A 272 -12.47 -0.82 -16.88
CA ILE A 272 -11.43 -0.71 -17.90
C ILE A 272 -11.79 0.38 -18.91
N ARG A 273 -13.07 0.49 -19.24
CA ARG A 273 -13.43 1.41 -20.29
C ARG A 273 -13.23 2.84 -19.79
N TYR A 274 -13.64 3.12 -18.56
CA TYR A 274 -13.33 4.41 -18.00
C TYR A 274 -11.84 4.65 -18.10
N HIS A 275 -11.04 3.67 -17.67
CA HIS A 275 -9.60 3.81 -17.68
C HIS A 275 -8.96 3.95 -19.06
N ILE A 276 -9.64 3.49 -20.10
CA ILE A 276 -9.12 3.60 -21.46
C ILE A 276 -9.21 5.04 -21.97
N TYR A 277 -10.36 5.66 -21.74
CA TYR A 277 -10.64 6.95 -22.36
C TYR A 277 -10.56 8.14 -21.40
N ASN A 278 -10.86 7.91 -20.14
CA ASN A 278 -11.15 9.03 -19.26
C ASN A 278 -10.01 9.48 -18.34
N VAL A 279 -8.96 8.70 -18.25
CA VAL A 279 -7.85 9.09 -17.39
C VAL A 279 -6.86 9.92 -18.21
N ASP A 280 -6.35 9.33 -19.28
CA ASP A 280 -5.37 9.98 -20.14
C ASP A 280 -5.99 10.66 -21.37
N GLU A 281 -7.11 11.37 -21.16
CA GLU A 281 -7.95 11.92 -22.24
C GLU A 281 -7.38 12.11 -23.65
N ASP A 282 -6.26 12.81 -23.76
CA ASP A 282 -5.70 13.14 -25.07
C ASP A 282 -4.80 12.04 -25.65
N ASN A 283 -4.36 11.13 -24.81
CA ASN A 283 -3.59 9.96 -25.24
C ASN A 283 -4.25 8.65 -24.81
N PRO A 284 -5.45 8.37 -25.35
CA PRO A 284 -6.28 7.23 -24.91
C PRO A 284 -5.63 5.89 -25.23
N GLY A 285 -5.69 4.97 -24.27
CA GLY A 285 -5.22 3.62 -24.50
C GLY A 285 -4.34 3.08 -23.38
N PHE A 286 -3.95 1.82 -23.53
CA PHE A 286 -3.06 1.19 -22.59
C PHE A 286 -1.77 0.81 -23.29
N GLN A 287 -0.64 1.05 -22.61
CA GLN A 287 0.62 0.47 -22.99
C GLN A 287 0.46 -1.05 -22.92
N GLU A 288 0.98 -1.76 -23.93
CA GLU A 288 0.81 -3.20 -24.03
C GLU A 288 0.87 -4.00 -22.72
N PRO A 289 1.95 -3.82 -21.95
CA PRO A 289 2.10 -4.65 -20.75
C PRO A 289 0.85 -4.58 -19.87
N ARG A 290 0.39 -3.37 -19.59
CA ARG A 290 -0.82 -3.21 -18.78
C ARG A 290 -2.01 -3.95 -19.41
N ALA A 291 -2.25 -3.70 -20.70
CA ALA A 291 -3.32 -4.36 -21.44
C ALA A 291 -3.20 -5.87 -21.42
N ILE A 292 -1.97 -6.37 -21.45
CA ILE A 292 -1.75 -7.81 -21.43
C ILE A 292 -2.10 -8.36 -20.07
N PHE A 293 -1.69 -7.63 -19.02
CA PHE A 293 -1.94 -8.04 -17.66
C PHE A 293 -3.44 -8.30 -17.51
N TYR A 294 -4.24 -7.30 -17.88
CA TYR A 294 -5.71 -7.42 -17.82
C TYR A 294 -6.23 -8.61 -18.64
N THR A 295 -5.75 -8.73 -19.87
CA THR A 295 -6.15 -9.82 -20.73
C THR A 295 -5.90 -11.14 -20.00
N ALA A 296 -4.75 -11.23 -19.36
CA ALA A 296 -4.36 -12.44 -18.66
C ALA A 296 -5.32 -12.70 -17.51
N GLN A 297 -5.59 -11.67 -16.70
CA GLN A 297 -6.58 -11.83 -15.64
C GLN A 297 -7.94 -12.24 -16.22
N ILE A 298 -8.41 -11.50 -17.22
CA ILE A 298 -9.73 -11.76 -17.83
C ILE A 298 -9.80 -13.19 -18.33
N VAL A 299 -8.76 -13.64 -19.00
CA VAL A 299 -8.72 -14.98 -19.54
C VAL A 299 -8.94 -15.99 -18.44
N SER A 300 -8.43 -15.67 -17.26
CA SER A 300 -8.61 -16.55 -16.12
C SER A 300 -10.07 -16.55 -15.67
N GLY A 301 -10.67 -15.36 -15.66
CA GLY A 301 -12.10 -15.24 -15.47
C GLY A 301 -12.95 -16.10 -16.39
N LEU A 302 -12.60 -16.16 -17.67
CA LEU A 302 -13.40 -16.95 -18.60
C LEU A 302 -13.26 -18.43 -18.30
N GLU A 303 -12.01 -18.86 -18.11
CA GLU A 303 -11.72 -20.27 -17.97
C GLU A 303 -12.55 -20.86 -16.85
N HIS A 304 -12.69 -20.09 -15.77
CA HIS A 304 -13.52 -20.52 -14.66
C HIS A 304 -14.97 -20.68 -15.10
N LEU A 305 -15.51 -19.63 -15.72
CA LEU A 305 -16.88 -19.67 -16.20
C LEU A 305 -17.08 -20.87 -17.11
N HIS A 306 -16.16 -21.06 -18.05
CA HIS A 306 -16.35 -22.14 -19.03
C HIS A 306 -16.22 -23.53 -18.38
N GLN A 307 -15.33 -23.62 -17.39
CA GLN A 307 -15.15 -24.86 -16.67
C GLN A 307 -16.42 -25.29 -15.95
N ARG A 308 -17.25 -24.30 -15.61
CA ARG A 308 -18.51 -24.57 -14.96
C ARG A 308 -19.65 -24.53 -15.97
N ASN A 309 -19.31 -24.71 -17.25
CA ASN A 309 -20.30 -24.64 -18.33
C ASN A 309 -21.15 -23.40 -18.32
N ILE A 310 -20.52 -22.24 -18.13
CA ILE A 310 -21.24 -20.98 -18.20
C ILE A 310 -20.72 -20.18 -19.38
N ILE A 311 -21.65 -19.60 -20.14
CA ILE A 311 -21.25 -18.67 -21.17
C ILE A 311 -21.55 -17.25 -20.72
N TYR A 312 -20.51 -16.42 -20.67
CA TYR A 312 -20.62 -15.04 -20.20
C TYR A 312 -21.58 -14.23 -21.11
N ARG A 313 -21.26 -14.17 -22.41
CA ARG A 313 -22.07 -13.48 -23.41
C ARG A 313 -22.02 -11.95 -23.35
N ASP A 314 -21.31 -11.39 -22.38
CA ASP A 314 -21.32 -9.94 -22.23
C ASP A 314 -19.97 -9.35 -21.82
N LEU A 315 -18.87 -9.98 -22.19
CA LEU A 315 -17.57 -9.44 -21.82
C LEU A 315 -17.28 -8.12 -22.54
N LYS A 316 -16.81 -7.12 -21.80
CA LYS A 316 -16.43 -5.84 -22.41
C LYS A 316 -15.77 -4.90 -21.41
N PRO A 317 -15.02 -3.90 -21.91
CA PRO A 317 -14.30 -2.97 -21.04
C PRO A 317 -15.13 -2.42 -19.90
N GLU A 318 -16.39 -2.09 -20.17
CA GLU A 318 -17.24 -1.46 -19.15
C GLU A 318 -17.69 -2.42 -18.06
N ASN A 319 -17.51 -3.71 -18.31
CA ASN A 319 -17.95 -4.74 -17.39
C ASN A 319 -16.83 -5.33 -16.59
N VAL A 320 -15.60 -4.92 -16.91
CA VAL A 320 -14.41 -5.38 -16.21
C VAL A 320 -13.97 -4.36 -15.17
N LEU A 321 -14.01 -4.73 -13.88
CA LEU A 321 -13.73 -3.77 -12.81
C LEU A 321 -12.34 -3.90 -12.18
N LEU A 322 -11.84 -2.79 -11.64
CA LEU A 322 -10.58 -2.73 -10.90
C LEU A 322 -10.85 -2.63 -9.39
N ASP A 323 -10.13 -3.42 -8.59
CA ASP A 323 -10.19 -3.22 -7.13
C ASP A 323 -9.12 -2.23 -6.72
N ASP A 324 -9.02 -1.96 -5.42
CA ASP A 324 -8.10 -0.96 -4.87
C ASP A 324 -6.61 -1.15 -5.26
N ASP A 325 -6.22 -2.40 -5.51
CA ASP A 325 -4.82 -2.72 -5.80
C ASP A 325 -4.56 -2.65 -7.28
N GLY A 326 -5.63 -2.66 -8.07
CA GLY A 326 -5.46 -2.66 -9.50
C GLY A 326 -5.59 -4.04 -10.11
N ASN A 327 -6.12 -4.97 -9.32
CA ASN A 327 -6.56 -6.22 -9.91
C ASN A 327 -7.99 -6.12 -10.45
N VAL A 328 -8.32 -7.04 -11.33
CA VAL A 328 -9.46 -6.91 -12.19
C VAL A 328 -10.39 -8.12 -12.07
N ARG A 329 -11.69 -7.88 -12.08
CA ARG A 329 -12.64 -8.98 -12.04
C ARG A 329 -13.75 -8.72 -13.04
N ILE A 330 -14.27 -9.79 -13.63
CA ILE A 330 -15.42 -9.58 -14.50
C ILE A 330 -16.69 -9.49 -13.66
N SER A 331 -17.66 -8.75 -14.15
CA SER A 331 -18.88 -8.48 -13.41
C SER A 331 -19.99 -8.28 -14.41
N ASP A 332 -21.21 -8.15 -13.90
CA ASP A 332 -22.42 -7.92 -14.71
C ASP A 332 -22.75 -9.19 -15.49
N LEU A 333 -23.70 -9.96 -15.00
CA LEU A 333 -23.89 -11.30 -15.57
C LEU A 333 -25.32 -11.66 -15.96
N GLY A 334 -26.16 -10.64 -16.12
CA GLY A 334 -27.55 -10.85 -16.47
C GLY A 334 -27.76 -11.54 -17.81
N LEU A 335 -26.74 -11.52 -18.67
CA LEU A 335 -26.86 -12.10 -20.00
C LEU A 335 -26.22 -13.47 -20.11
N ALA A 336 -25.59 -13.91 -19.04
CA ALA A 336 -24.98 -15.23 -19.00
C ALA A 336 -26.00 -16.35 -19.25
N VAL A 337 -25.51 -17.54 -19.59
CA VAL A 337 -26.36 -18.73 -19.60
C VAL A 337 -25.59 -19.93 -19.07
N GLU A 338 -26.27 -20.77 -18.28
CA GLU A 338 -25.67 -22.01 -17.79
C GLU A 338 -26.12 -23.19 -18.63
N LEU A 339 -25.15 -23.85 -19.27
CA LEU A 339 -25.47 -25.02 -20.04
C LEU A 339 -25.88 -26.18 -19.12
N LYS A 340 -27.12 -26.63 -19.25
CA LYS A 340 -27.57 -27.84 -18.55
C LYS A 340 -26.57 -28.95 -18.79
N ALA A 341 -26.40 -29.80 -17.79
CA ALA A 341 -25.44 -30.90 -17.87
C ALA A 341 -25.66 -31.76 -19.12
N GLY A 342 -24.55 -32.06 -19.81
CA GLY A 342 -24.60 -32.79 -21.06
C GLY A 342 -24.78 -31.91 -22.28
N GLN A 343 -25.30 -30.69 -22.08
CA GLN A 343 -25.49 -29.73 -23.18
C GLN A 343 -24.17 -29.05 -23.54
N THR A 344 -23.87 -29.01 -24.84
CA THR A 344 -22.60 -28.43 -25.27
C THR A 344 -22.73 -27.12 -26.04
N LYS A 345 -23.91 -26.85 -26.60
CA LYS A 345 -24.11 -25.65 -27.38
C LYS A 345 -25.47 -25.05 -27.10
N THR A 346 -25.63 -23.78 -27.43
CA THR A 346 -26.89 -23.08 -27.15
C THR A 346 -27.23 -22.04 -28.21
N LYS A 347 -28.46 -21.55 -28.18
CA LYS A 347 -28.89 -20.53 -29.12
C LYS A 347 -29.44 -19.34 -28.35
N GLY A 348 -29.60 -18.21 -29.04
CA GLY A 348 -30.24 -17.03 -28.45
C GLY A 348 -29.48 -15.75 -28.70
N TYR A 349 -30.15 -14.76 -29.25
CA TYR A 349 -29.57 -13.44 -29.45
C TYR A 349 -29.44 -12.75 -28.09
N ALA A 350 -28.22 -12.36 -27.73
CA ALA A 350 -27.98 -11.68 -26.46
C ALA A 350 -26.60 -11.07 -26.45
N GLY A 351 -26.49 -9.83 -26.02
CA GLY A 351 -25.18 -9.25 -25.84
C GLY A 351 -25.12 -7.79 -26.22
N THR A 352 -23.90 -7.28 -26.30
CA THR A 352 -23.70 -5.89 -26.62
C THR A 352 -23.22 -5.82 -28.06
N PRO A 353 -23.93 -5.02 -28.87
CA PRO A 353 -23.57 -4.74 -30.27
C PRO A 353 -22.12 -4.29 -30.38
N GLY A 354 -21.35 -5.01 -31.19
CA GLY A 354 -19.92 -4.75 -31.34
C GLY A 354 -19.06 -5.75 -30.59
N PHE A 355 -19.70 -6.66 -29.87
CA PHE A 355 -18.98 -7.69 -29.13
C PHE A 355 -19.56 -9.08 -29.37
N MET A 356 -20.79 -9.15 -29.86
CA MET A 356 -21.36 -10.45 -30.21
C MET A 356 -20.64 -11.04 -31.42
N ALA A 357 -20.31 -12.34 -31.34
CA ALA A 357 -19.52 -13.00 -32.36
C ALA A 357 -20.38 -13.51 -33.51
N PRO A 358 -19.77 -13.64 -34.70
CA PRO A 358 -20.45 -14.09 -35.93
C PRO A 358 -21.46 -15.24 -35.76
N GLU A 359 -21.03 -16.37 -35.21
CA GLU A 359 -21.96 -17.51 -35.04
C GLU A 359 -23.27 -17.07 -34.38
N LEU A 360 -23.16 -16.18 -33.40
CA LEU A 360 -24.34 -15.72 -32.67
C LEU A 360 -25.23 -14.91 -33.58
N LEU A 361 -24.62 -14.04 -34.36
CA LEU A 361 -25.36 -13.18 -35.26
C LEU A 361 -26.06 -14.03 -36.32
N LEU A 362 -25.36 -15.05 -36.83
CA LEU A 362 -25.89 -15.87 -37.92
C LEU A 362 -27.00 -16.77 -37.44
N GLY A 363 -27.43 -16.56 -36.20
CA GLY A 363 -28.53 -17.31 -35.63
C GLY A 363 -28.17 -18.76 -35.38
N GLU A 364 -26.88 -19.07 -35.43
CA GLU A 364 -26.42 -20.45 -35.23
C GLU A 364 -26.37 -20.77 -33.75
N GLU A 365 -26.05 -22.02 -33.46
CA GLU A 365 -25.85 -22.43 -32.08
C GLU A 365 -24.36 -22.33 -31.73
N TYR A 366 -24.08 -21.82 -30.54
CA TYR A 366 -22.72 -21.42 -30.20
C TYR A 366 -22.13 -22.00 -28.88
N ASP A 367 -20.81 -21.80 -28.73
CA ASP A 367 -19.97 -22.39 -27.69
C ASP A 367 -19.57 -21.36 -26.67
N PHE A 368 -18.55 -21.69 -25.89
CA PHE A 368 -17.85 -20.66 -25.12
C PHE A 368 -17.10 -19.75 -26.09
N SER A 369 -16.81 -20.26 -27.28
CA SER A 369 -16.07 -19.51 -28.30
C SER A 369 -16.50 -18.05 -28.37
N VAL A 370 -17.81 -17.85 -28.37
CA VAL A 370 -18.40 -16.53 -28.33
C VAL A 370 -17.59 -15.60 -27.42
N ASP A 371 -17.27 -16.05 -26.21
CA ASP A 371 -16.62 -15.17 -25.22
C ASP A 371 -15.22 -14.75 -25.66
N TYR A 372 -14.56 -15.61 -26.42
CA TYR A 372 -13.19 -15.34 -26.86
C TYR A 372 -13.16 -14.29 -27.94
N PHE A 373 -14.22 -14.26 -28.75
CA PHE A 373 -14.33 -13.22 -29.75
C PHE A 373 -14.46 -11.89 -29.01
N ALA A 374 -15.25 -11.89 -27.95
CA ALA A 374 -15.44 -10.69 -27.17
C ALA A 374 -14.13 -10.27 -26.51
N LEU A 375 -13.35 -11.25 -26.07
CA LEU A 375 -12.05 -10.99 -25.47
C LEU A 375 -11.20 -10.23 -26.47
N GLY A 376 -11.18 -10.73 -27.70
CA GLY A 376 -10.44 -10.09 -28.79
C GLY A 376 -10.83 -8.63 -29.06
N VAL A 377 -12.13 -8.36 -29.12
CA VAL A 377 -12.61 -7.01 -29.33
C VAL A 377 -12.12 -6.16 -28.18
N THR A 378 -12.01 -6.80 -27.02
CA THR A 378 -11.71 -6.11 -25.77
C THR A 378 -10.25 -5.71 -25.70
N LEU A 379 -9.37 -6.67 -25.99
CA LEU A 379 -7.95 -6.38 -26.00
C LEU A 379 -7.70 -5.28 -27.06
N TYR A 380 -8.34 -5.45 -28.21
CA TYR A 380 -8.22 -4.46 -29.28
C TYR A 380 -8.56 -3.06 -28.80
N GLU A 381 -9.70 -2.91 -28.12
CA GLU A 381 -10.12 -1.61 -27.65
C GLU A 381 -9.13 -1.09 -26.61
N MET A 382 -8.60 -1.98 -25.78
CA MET A 382 -7.66 -1.56 -24.74
C MET A 382 -6.41 -0.91 -25.30
N ILE A 383 -6.05 -1.32 -26.51
CA ILE A 383 -4.81 -0.88 -27.13
C ILE A 383 -5.04 0.27 -28.11
N ALA A 384 -6.15 0.24 -28.82
CA ALA A 384 -6.42 1.23 -29.87
C ALA A 384 -7.31 2.41 -29.45
N ALA A 385 -7.94 2.30 -28.27
CA ALA A 385 -8.93 3.28 -27.83
C ALA A 385 -9.98 3.53 -28.93
N ARG A 386 -10.33 2.46 -29.64
CA ARG A 386 -11.43 2.52 -30.59
C ARG A 386 -11.91 1.09 -30.86
N GLY A 387 -13.11 0.97 -31.40
CA GLY A 387 -13.60 -0.33 -31.82
C GLY A 387 -13.00 -0.76 -33.15
N PRO A 388 -13.02 -2.07 -33.42
CA PRO A 388 -12.49 -2.61 -34.66
C PRO A 388 -13.46 -2.40 -35.81
N PHE A 389 -14.71 -2.11 -35.50
CA PHE A 389 -15.75 -2.21 -36.50
C PHE A 389 -16.40 -0.87 -36.86
N ARG A 390 -16.08 0.18 -36.12
CA ARG A 390 -16.51 1.51 -36.52
C ARG A 390 -15.57 2.62 -36.09
N ALA A 391 -15.75 3.78 -36.71
CA ALA A 391 -14.88 4.92 -36.49
C ALA A 391 -15.40 5.74 -35.32
N ARG A 392 -14.58 6.68 -34.86
CA ARG A 392 -14.99 7.44 -33.69
C ARG A 392 -16.26 8.21 -34.02
N GLY A 393 -17.31 7.96 -33.22
CA GLY A 393 -18.55 8.70 -33.34
C GLY A 393 -19.47 8.08 -34.37
N GLU A 394 -18.88 7.24 -35.22
CA GLU A 394 -19.66 6.53 -36.20
C GLU A 394 -20.72 5.67 -35.52
N LYS A 395 -21.98 5.95 -35.80
CA LYS A 395 -23.07 5.17 -35.25
C LYS A 395 -23.90 4.65 -36.40
N VAL A 396 -24.04 3.32 -36.47
CA VAL A 396 -24.73 2.71 -37.61
C VAL A 396 -25.92 1.88 -37.14
N GLU A 397 -26.71 1.41 -38.09
CA GLU A 397 -27.86 0.60 -37.76
C GLU A 397 -27.38 -0.80 -37.44
N ASN A 398 -28.14 -1.52 -36.62
CA ASN A 398 -27.79 -2.88 -36.23
C ASN A 398 -27.46 -3.71 -37.47
N LYS A 399 -28.38 -3.71 -38.43
CA LYS A 399 -28.18 -4.44 -39.69
C LYS A 399 -26.78 -4.23 -40.29
N GLU A 400 -26.26 -3.00 -40.23
CA GLU A 400 -24.99 -2.67 -40.84
C GLU A 400 -23.84 -3.14 -39.94
N LEU A 401 -23.95 -2.88 -38.64
CA LEU A 401 -22.91 -3.30 -37.70
C LEU A 401 -22.72 -4.80 -37.79
N LYS A 402 -23.84 -5.50 -37.93
CA LYS A 402 -23.85 -6.94 -38.12
C LYS A 402 -22.99 -7.38 -39.30
N GLN A 403 -23.26 -6.81 -40.48
CA GLN A 403 -22.47 -7.09 -41.67
C GLN A 403 -20.97 -6.85 -41.48
N ARG A 404 -20.60 -5.76 -40.83
CA ARG A 404 -19.19 -5.50 -40.61
C ARG A 404 -18.58 -6.64 -39.77
N VAL A 405 -19.24 -7.00 -38.67
CA VAL A 405 -18.74 -8.06 -37.82
C VAL A 405 -18.61 -9.36 -38.59
N LEU A 406 -19.63 -9.65 -39.39
CA LEU A 406 -19.66 -10.90 -40.17
C LEU A 406 -18.63 -10.97 -41.29
N GLU A 407 -18.41 -9.86 -42.00
CA GLU A 407 -17.60 -9.94 -43.23
C GLU A 407 -16.45 -8.93 -43.34
N GLN A 408 -16.39 -7.96 -42.45
CA GLN A 408 -15.30 -6.98 -42.47
C GLN A 408 -14.06 -7.55 -41.79
N ALA A 409 -12.92 -7.43 -42.48
CA ALA A 409 -11.66 -7.88 -41.91
C ALA A 409 -11.07 -6.77 -41.06
N VAL A 410 -10.58 -7.13 -39.87
CA VAL A 410 -10.11 -6.10 -38.96
C VAL A 410 -8.79 -5.47 -39.41
N THR A 411 -8.61 -4.20 -39.03
CA THR A 411 -7.40 -3.43 -39.34
C THR A 411 -6.61 -3.05 -38.08
N TYR A 412 -5.31 -3.34 -38.07
CA TYR A 412 -4.49 -3.13 -36.88
C TYR A 412 -3.44 -2.06 -37.06
N PRO A 413 -3.66 -0.87 -36.47
CA PRO A 413 -2.71 0.25 -36.52
C PRO A 413 -1.33 -0.10 -35.99
N ASP A 414 -0.51 0.92 -35.79
CA ASP A 414 0.88 0.70 -35.45
C ASP A 414 1.06 0.47 -33.95
N LYS A 415 0.15 1.02 -33.15
CA LYS A 415 0.17 0.82 -31.71
C LYS A 415 0.30 -0.66 -31.34
N PHE A 416 -0.12 -1.54 -32.25
CA PHE A 416 -0.02 -2.97 -32.01
C PHE A 416 1.38 -3.53 -32.25
N SER A 417 1.75 -4.53 -31.46
CA SER A 417 3.00 -5.23 -31.65
C SER A 417 2.66 -6.52 -32.37
N PRO A 418 3.66 -7.13 -33.04
CA PRO A 418 3.37 -8.38 -33.75
C PRO A 418 2.51 -9.29 -32.90
N ALA A 419 2.92 -9.46 -31.65
CA ALA A 419 2.26 -10.36 -30.70
C ALA A 419 0.78 -10.01 -30.50
N SER A 420 0.52 -8.79 -30.03
CA SER A 420 -0.84 -8.27 -29.89
C SER A 420 -1.68 -8.59 -31.11
N LYS A 421 -1.23 -8.06 -32.24
CA LYS A 421 -1.91 -8.21 -33.50
C LYS A 421 -2.27 -9.66 -33.73
N ASP A 422 -1.29 -10.53 -33.51
CA ASP A 422 -1.49 -11.95 -33.81
C ASP A 422 -2.54 -12.59 -32.91
N PHE A 423 -2.52 -12.18 -31.65
CA PHE A 423 -3.46 -12.68 -30.66
C PHE A 423 -4.88 -12.28 -31.04
N CYS A 424 -5.06 -10.97 -31.22
CA CYS A 424 -6.33 -10.43 -31.70
C CYS A 424 -6.82 -11.09 -32.98
N GLU A 425 -5.90 -11.43 -33.89
CA GLU A 425 -6.32 -12.09 -35.12
C GLU A 425 -6.90 -13.47 -34.77
N ALA A 426 -6.31 -14.10 -33.77
CA ALA A 426 -6.67 -15.46 -33.39
C ALA A 426 -7.99 -15.52 -32.62
N LEU A 427 -8.27 -14.45 -31.89
CA LEU A 427 -9.54 -14.36 -31.18
C LEU A 427 -10.67 -13.88 -32.08
N LEU A 428 -10.32 -13.02 -33.04
CA LEU A 428 -11.31 -12.38 -33.93
C LEU A 428 -11.63 -13.19 -35.17
N GLN A 429 -11.01 -14.36 -35.27
CA GLN A 429 -11.33 -15.31 -36.32
C GLN A 429 -12.85 -15.43 -36.50
N LYS A 430 -13.36 -15.10 -37.68
CA LYS A 430 -14.81 -15.14 -37.92
C LYS A 430 -15.41 -16.53 -37.64
N ASP A 431 -14.65 -17.58 -37.93
CA ASP A 431 -15.16 -18.95 -37.79
C ASP A 431 -14.71 -19.57 -36.47
N PRO A 432 -15.67 -19.84 -35.56
CA PRO A 432 -15.32 -20.33 -34.23
C PRO A 432 -14.46 -21.60 -34.25
N GLU A 433 -14.61 -22.39 -35.31
CA GLU A 433 -13.86 -23.63 -35.46
C GLU A 433 -12.37 -23.33 -35.56
N LYS A 434 -12.04 -22.09 -35.95
CA LYS A 434 -10.65 -21.71 -36.16
C LYS A 434 -10.20 -20.67 -35.14
N ARG A 435 -11.04 -20.41 -34.14
CA ARG A 435 -10.78 -19.33 -33.19
C ARG A 435 -10.10 -19.82 -31.93
N LEU A 436 -8.97 -19.21 -31.62
CA LEU A 436 -8.30 -19.45 -30.36
C LEU A 436 -9.30 -19.41 -29.22
N GLY A 437 -9.26 -20.37 -28.31
CA GLY A 437 -10.21 -20.35 -27.21
C GLY A 437 -10.03 -21.37 -26.11
N PHE A 438 -11.04 -22.23 -25.97
CA PHE A 438 -11.14 -23.13 -24.83
C PHE A 438 -11.17 -24.56 -25.35
N ARG A 439 -10.03 -25.25 -25.22
CA ARG A 439 -9.93 -26.65 -25.61
C ARG A 439 -9.54 -27.52 -24.41
N ASP A 440 -10.12 -28.72 -24.36
CA ASP A 440 -9.76 -29.70 -23.35
C ASP A 440 -9.87 -29.14 -21.93
N GLY A 441 -11.09 -28.78 -21.56
CA GLY A 441 -11.39 -28.30 -20.22
C GLY A 441 -10.52 -27.16 -19.69
N SER A 442 -9.80 -26.45 -20.56
CA SER A 442 -9.02 -25.31 -20.08
C SER A 442 -8.63 -24.29 -21.15
N CYS A 443 -7.91 -23.27 -20.71
CA CYS A 443 -7.29 -22.30 -21.61
C CYS A 443 -5.76 -22.45 -21.64
N ASP A 444 -5.27 -23.62 -21.25
CA ASP A 444 -3.82 -23.82 -21.28
C ASP A 444 -3.28 -23.51 -22.66
N GLY A 445 -3.92 -24.06 -23.70
CA GLY A 445 -3.52 -23.82 -25.08
C GLY A 445 -3.34 -22.34 -25.31
N LEU A 446 -4.25 -21.55 -24.76
CA LEU A 446 -4.23 -20.11 -24.94
C LEU A 446 -3.13 -19.43 -24.11
N ARG A 447 -2.95 -19.82 -22.85
CA ARG A 447 -1.87 -19.23 -22.03
C ARG A 447 -0.50 -19.34 -22.74
N THR A 448 -0.37 -20.34 -23.60
CA THR A 448 0.84 -20.61 -24.35
C THR A 448 1.30 -19.43 -25.21
N HIS A 449 0.34 -18.73 -25.78
CA HIS A 449 0.65 -17.68 -26.76
C HIS A 449 1.79 -16.77 -26.33
N PRO A 450 2.65 -16.44 -27.29
CA PRO A 450 3.80 -15.52 -27.22
C PRO A 450 3.46 -14.18 -26.59
N LEU A 451 2.17 -13.87 -26.45
CA LEU A 451 1.79 -12.57 -25.94
C LEU A 451 1.98 -12.57 -24.42
N PHE A 452 1.85 -13.76 -23.84
CA PHE A 452 1.92 -13.94 -22.39
C PHE A 452 3.32 -14.41 -22.01
N ARG A 453 4.30 -13.97 -22.78
CA ARG A 453 5.67 -14.44 -22.65
C ARG A 453 6.24 -14.08 -21.30
N ASP A 454 5.86 -12.90 -20.79
CA ASP A 454 6.42 -12.38 -19.55
C ASP A 454 5.48 -12.54 -18.36
N ILE A 455 4.42 -13.34 -18.55
CA ILE A 455 3.43 -13.53 -17.52
C ILE A 455 3.68 -14.85 -16.79
N SER A 456 3.95 -14.76 -15.49
CA SER A 456 4.01 -15.95 -14.64
C SER A 456 2.60 -16.34 -14.25
N TRP A 457 2.05 -17.32 -14.94
CA TRP A 457 0.68 -17.74 -14.70
C TRP A 457 0.45 -18.18 -13.26
N ARG A 458 1.43 -18.86 -12.68
CA ARG A 458 1.33 -19.31 -11.30
C ARG A 458 1.02 -18.14 -10.40
N GLN A 459 1.86 -17.13 -10.48
CA GLN A 459 1.74 -15.96 -9.62
C GLN A 459 0.47 -15.18 -9.93
N LEU A 460 0.09 -15.14 -11.19
CA LEU A 460 -1.15 -14.48 -11.60
C LEU A 460 -2.37 -15.17 -11.03
N GLU A 461 -2.44 -16.49 -11.19
CA GLU A 461 -3.56 -17.27 -10.74
C GLU A 461 -3.71 -17.16 -9.21
N ALA A 462 -2.63 -16.79 -8.56
CA ALA A 462 -2.66 -16.70 -7.12
C ALA A 462 -2.70 -15.26 -6.64
N GLY A 463 -3.04 -14.35 -7.55
CA GLY A 463 -3.17 -12.94 -7.19
C GLY A 463 -1.93 -12.36 -6.53
N MET A 464 -0.77 -12.91 -6.85
CA MET A 464 0.45 -12.46 -6.18
C MET A 464 1.40 -11.66 -7.07
N LEU A 465 0.96 -11.28 -8.27
CA LEU A 465 1.73 -10.37 -9.13
C LEU A 465 1.44 -8.91 -8.81
N THR A 466 2.39 -8.04 -9.10
CA THR A 466 2.18 -6.61 -8.91
C THR A 466 1.48 -5.99 -10.12
N PRO A 467 0.25 -5.49 -9.93
CA PRO A 467 -0.55 -4.91 -11.02
C PRO A 467 0.16 -3.71 -11.63
N PRO A 468 0.08 -3.57 -12.95
CA PRO A 468 0.85 -2.54 -13.66
C PRO A 468 0.40 -1.13 -13.32
N PHE A 469 -0.74 -1.01 -12.66
CA PHE A 469 -1.31 0.29 -12.37
C PHE A 469 -2.17 0.22 -11.15
N VAL A 470 -1.95 1.16 -10.24
CA VAL A 470 -2.64 1.21 -8.95
C VAL A 470 -3.40 2.52 -8.83
N PRO A 471 -4.72 2.44 -8.66
CA PRO A 471 -5.62 3.60 -8.58
C PRO A 471 -5.34 4.47 -7.35
N ASP A 472 -6.15 5.51 -7.16
CA ASP A 472 -5.93 6.46 -6.07
C ASP A 472 -7.15 6.66 -5.17
N VAL A 490 -42.38 4.04 -9.64
CA VAL A 490 -43.12 3.86 -10.87
C VAL A 490 -44.58 3.50 -10.59
N LYS A 491 -45.43 3.56 -11.61
CA LYS A 491 -46.87 3.55 -11.39
C LYS A 491 -47.55 2.20 -11.66
N GLY A 492 -48.48 1.86 -10.78
CA GLY A 492 -49.48 0.82 -11.04
C GLY A 492 -49.06 -0.63 -11.21
N VAL A 493 -48.11 -1.08 -10.41
CA VAL A 493 -47.75 -2.51 -10.43
C VAL A 493 -48.26 -3.18 -9.17
N ALA A 494 -48.89 -4.33 -9.34
CA ALA A 494 -49.40 -5.11 -8.22
C ALA A 494 -48.65 -6.44 -8.12
N PHE A 495 -48.22 -6.79 -6.92
CA PHE A 495 -47.47 -8.03 -6.71
C PHE A 495 -48.38 -9.22 -6.41
N GLU A 496 -48.28 -10.26 -7.25
CA GLU A 496 -49.02 -11.49 -7.00
C GLU A 496 -48.16 -12.59 -6.36
N LYS A 497 -48.72 -13.80 -6.33
CA LYS A 497 -48.07 -14.95 -5.73
C LYS A 497 -46.71 -15.18 -6.37
N ALA A 498 -46.70 -15.30 -7.68
CA ALA A 498 -45.49 -15.59 -8.44
C ALA A 498 -44.37 -14.58 -8.20
N ASP A 499 -44.73 -13.32 -7.97
CA ASP A 499 -43.74 -12.28 -7.71
C ASP A 499 -43.09 -12.52 -6.38
N THR A 500 -43.90 -12.81 -5.37
CA THR A 500 -43.34 -13.03 -4.04
C THR A 500 -42.47 -14.28 -4.00
N GLU A 501 -42.93 -15.36 -4.62
CA GLU A 501 -42.12 -16.58 -4.71
C GLU A 501 -40.75 -16.27 -5.32
N PHE A 502 -40.74 -15.56 -6.45
CA PHE A 502 -39.49 -15.22 -7.12
C PHE A 502 -38.57 -14.51 -6.14
N PHE A 503 -39.09 -13.49 -5.50
CA PHE A 503 -38.28 -12.72 -4.57
C PHE A 503 -37.66 -13.61 -3.51
N GLN A 504 -38.47 -14.49 -2.92
CA GLN A 504 -37.97 -15.40 -1.88
C GLN A 504 -36.85 -16.30 -2.40
N GLU A 505 -37.04 -16.87 -3.59
CA GLU A 505 -36.03 -17.75 -4.18
C GLU A 505 -34.77 -16.94 -4.46
N PHE A 506 -34.93 -15.64 -4.64
CA PHE A 506 -33.78 -14.83 -5.00
C PHE A 506 -33.01 -14.54 -3.74
N ALA A 507 -33.72 -14.06 -2.72
CA ALA A 507 -33.11 -13.76 -1.43
C ALA A 507 -32.76 -15.06 -0.70
N SER A 508 -31.68 -15.70 -1.13
CA SER A 508 -31.32 -16.99 -0.60
C SER A 508 -30.35 -16.90 0.59
N GLY A 509 -30.10 -15.67 1.05
CA GLY A 509 -29.26 -15.44 2.21
C GLY A 509 -27.76 -15.47 1.99
N THR A 510 -27.04 -15.94 2.99
CA THR A 510 -25.59 -15.87 3.07
C THR A 510 -24.85 -16.92 2.22
N CYS A 511 -23.71 -16.53 1.64
CA CYS A 511 -22.93 -17.47 0.84
C CYS A 511 -21.77 -18.03 1.61
N PRO A 512 -21.84 -19.33 1.94
CA PRO A 512 -20.90 -20.02 2.82
C PRO A 512 -19.44 -19.56 2.66
N ILE A 513 -18.80 -19.85 1.53
CA ILE A 513 -17.37 -19.57 1.44
C ILE A 513 -17.01 -18.12 1.77
N PRO A 514 -17.66 -17.16 1.11
CA PRO A 514 -17.30 -15.77 1.37
C PRO A 514 -17.58 -15.33 2.80
N TRP A 515 -18.61 -15.87 3.45
CA TRP A 515 -18.89 -15.49 4.81
C TRP A 515 -17.78 -16.00 5.74
N GLN A 516 -17.29 -17.22 5.48
CA GLN A 516 -16.23 -17.77 6.32
C GLN A 516 -14.95 -16.97 6.09
N GLU A 517 -14.69 -16.61 4.84
CA GLU A 517 -13.58 -15.71 4.56
C GLU A 517 -13.70 -14.42 5.39
N GLU A 518 -14.84 -13.77 5.32
CA GLU A 518 -15.07 -12.55 6.07
C GLU A 518 -14.83 -12.77 7.57
N MET A 519 -15.44 -13.79 8.14
CA MET A 519 -15.24 -14.08 9.57
C MET A 519 -13.75 -14.16 9.87
N ILE A 520 -13.01 -14.78 8.99
CA ILE A 520 -11.59 -14.96 9.23
C ILE A 520 -10.79 -13.67 9.01
N GLU A 521 -10.95 -13.05 7.85
CA GLU A 521 -10.19 -11.84 7.58
C GLU A 521 -10.45 -10.81 8.65
N THR A 522 -11.69 -10.74 9.08
CA THR A 522 -12.16 -9.63 9.87
C THR A 522 -11.81 -9.83 11.34
N GLY A 523 -11.21 -10.98 11.65
CA GLY A 523 -10.78 -11.29 13.01
C GLY A 523 -11.83 -11.96 13.90
N VAL A 524 -13.10 -11.85 13.53
CA VAL A 524 -14.19 -12.41 14.30
C VAL A 524 -14.05 -13.91 14.60
N PHE A 525 -13.49 -14.68 13.68
CA PHE A 525 -13.35 -16.12 13.90
C PHE A 525 -12.34 -16.41 14.99
N GLY A 526 -11.18 -15.78 14.90
CA GLY A 526 -10.19 -15.87 15.95
C GLY A 526 -10.78 -15.59 17.32
N ASP A 527 -11.59 -14.54 17.41
CA ASP A 527 -12.17 -14.13 18.68
C ASP A 527 -13.19 -15.12 19.19
N LEU A 528 -14.18 -15.45 18.37
CA LEU A 528 -15.22 -16.39 18.81
C LEU A 528 -14.72 -17.82 19.00
N ASN A 529 -13.51 -18.14 18.56
CA ASN A 529 -13.13 -19.55 18.54
C ASN A 529 -12.26 -20.00 19.70
N VAL A 530 -11.72 -19.04 20.45
CA VAL A 530 -10.86 -19.32 21.59
C VAL A 530 -11.47 -20.39 22.50
N TRP A 531 -10.60 -21.21 23.08
CA TRP A 531 -10.99 -22.24 24.04
C TRP A 531 -10.73 -21.81 25.48
N ARG A 532 -9.48 -21.48 25.80
CA ARG A 532 -9.16 -20.91 27.10
C ARG A 532 -8.46 -19.58 26.89
N PRO A 533 -9.05 -18.49 27.38
CA PRO A 533 -8.51 -17.13 27.28
C PRO A 533 -7.33 -16.82 28.24
N ARG B 31 -1.59 21.36 1.94
CA ARG B 31 -0.45 22.05 1.31
C ARG B 31 -0.66 23.56 1.15
N ASP B 32 0.11 24.34 1.91
CA ASP B 32 -0.09 25.79 2.05
C ASP B 32 0.18 26.64 0.78
N ARG B 33 -0.86 27.31 0.27
CA ARG B 33 -0.76 28.09 -0.96
C ARG B 33 0.09 29.35 -0.83
N LYS B 34 0.01 30.00 0.33
CA LYS B 34 0.84 31.17 0.60
C LYS B 34 2.33 30.83 0.43
N TYR B 35 2.74 29.66 0.92
CA TYR B 35 4.15 29.27 0.84
C TYR B 35 4.47 28.71 -0.55
N LEU B 36 3.55 27.96 -1.13
CA LEU B 36 3.71 27.51 -2.51
C LEU B 36 4.08 28.66 -3.44
N ALA B 37 3.45 29.81 -3.20
CA ALA B 37 3.64 30.99 -4.02
C ALA B 37 5.02 31.63 -3.85
N ARG B 38 5.80 31.19 -2.88
CA ARG B 38 7.13 31.76 -2.68
C ARG B 38 8.18 31.04 -3.52
N LEU B 39 7.74 29.99 -4.20
CA LEU B 39 8.61 29.24 -5.08
C LEU B 39 8.31 29.67 -6.50
N LYS B 40 9.09 30.64 -6.98
CA LYS B 40 8.93 31.18 -8.33
C LYS B 40 10.30 31.47 -8.90
N LEU B 41 10.52 31.02 -10.14
CA LEU B 41 11.84 31.16 -10.74
C LEU B 41 12.15 32.62 -10.90
N PRO B 42 13.42 32.99 -10.66
CA PRO B 42 13.90 34.38 -10.72
C PRO B 42 14.21 34.87 -12.14
N PRO B 43 14.30 36.20 -12.30
CA PRO B 43 14.91 36.80 -13.48
C PRO B 43 16.37 36.37 -13.64
N LEU B 44 16.79 36.11 -14.87
CA LEU B 44 18.17 35.71 -15.14
C LEU B 44 19.21 36.60 -14.47
N SER B 45 18.92 37.89 -14.37
CA SER B 45 19.92 38.80 -13.82
C SER B 45 20.29 38.46 -12.38
N LYS B 46 19.32 37.93 -11.63
CA LYS B 46 19.56 37.52 -10.24
C LYS B 46 20.45 36.27 -10.10
N CYS B 47 20.74 35.60 -11.22
CA CYS B 47 21.53 34.39 -11.16
C CYS B 47 22.97 34.58 -11.61
N GLU B 48 23.35 35.81 -11.88
CA GLU B 48 24.67 36.04 -12.43
C GLU B 48 25.75 35.69 -11.41
N ALA B 49 25.50 36.09 -10.17
CA ALA B 49 26.44 35.91 -9.07
C ALA B 49 26.72 34.45 -8.79
N LEU B 50 25.66 33.66 -8.63
CA LEU B 50 25.87 32.26 -8.28
C LEU B 50 26.27 31.46 -9.53
N ARG B 51 26.51 32.17 -10.61
CA ARG B 51 27.07 31.56 -11.80
C ARG B 51 28.59 31.42 -11.68
N GLU B 52 29.19 32.07 -10.68
CA GLU B 52 30.63 31.90 -10.42
C GLU B 52 30.83 30.99 -9.24
N SER B 53 30.00 31.18 -8.22
CA SER B 53 30.12 30.43 -6.99
C SER B 53 29.62 29.00 -7.14
N LEU B 54 29.56 28.53 -8.39
CA LEU B 54 29.05 27.19 -8.65
C LEU B 54 30.03 26.29 -9.37
N ASP B 55 30.09 25.03 -8.94
CA ASP B 55 30.91 24.04 -9.61
C ASP B 55 30.29 23.65 -10.96
N LEU B 56 31.05 23.87 -12.03
CA LEU B 56 30.59 23.53 -13.37
C LEU B 56 30.66 22.03 -13.60
N GLY B 57 31.54 21.37 -12.85
CA GLY B 57 31.83 19.96 -13.07
C GLY B 57 30.65 19.15 -13.56
N PHE B 58 30.88 18.40 -14.63
CA PHE B 58 29.84 17.56 -15.24
C PHE B 58 29.15 16.54 -14.32
N GLU B 59 29.90 15.55 -13.84
CA GLU B 59 29.25 14.53 -13.02
C GLU B 59 28.67 15.13 -11.77
N GLY B 60 29.28 16.19 -11.28
CA GLY B 60 28.77 16.90 -10.11
C GLY B 60 27.39 17.51 -10.28
N MET B 61 27.11 18.07 -11.46
CA MET B 61 25.84 18.78 -11.68
C MET B 61 24.83 18.01 -12.54
N CYS B 62 25.29 17.19 -13.46
CA CYS B 62 24.36 16.50 -14.34
C CYS B 62 24.05 15.04 -13.97
N LEU B 63 24.88 14.44 -13.13
CA LEU B 63 24.61 13.09 -12.66
C LEU B 63 24.11 13.07 -11.22
N GLU B 64 24.76 13.83 -10.34
CA GLU B 64 24.44 13.79 -8.90
C GLU B 64 23.27 14.68 -8.46
N GLN B 65 23.09 15.83 -9.11
CA GLN B 65 21.95 16.69 -8.77
C GLN B 65 20.70 16.35 -9.61
N PRO B 66 19.66 15.81 -8.96
CA PRO B 66 18.45 15.35 -9.65
C PRO B 66 17.90 16.34 -10.68
N ILE B 67 17.89 17.64 -10.36
CA ILE B 67 17.35 18.63 -11.28
C ILE B 67 18.29 18.94 -12.47
N GLY B 68 19.59 19.03 -12.20
CA GLY B 68 20.55 19.15 -13.29
C GLY B 68 20.40 18.00 -14.28
N LYS B 69 20.27 16.78 -13.75
CA LYS B 69 20.14 15.59 -14.57
C LYS B 69 18.88 15.66 -15.43
N ARG B 70 17.80 16.10 -14.81
CA ARG B 70 16.53 16.23 -15.49
C ARG B 70 16.62 17.27 -16.62
N LEU B 71 17.23 18.43 -16.33
CA LEU B 71 17.34 19.49 -17.34
C LEU B 71 18.35 19.15 -18.45
N PHE B 72 19.32 18.30 -18.13
CA PHE B 72 20.34 17.90 -19.10
C PHE B 72 19.79 16.80 -19.99
N GLN B 73 18.97 15.93 -19.43
CA GLN B 73 18.28 14.97 -20.27
C GLN B 73 17.28 15.66 -21.21
N GLN B 74 16.66 16.75 -20.73
CA GLN B 74 15.75 17.53 -21.57
C GLN B 74 16.44 18.12 -22.80
N PHE B 75 17.52 18.85 -22.56
CA PHE B 75 18.41 19.29 -23.62
C PHE B 75 18.67 18.16 -24.60
N LEU B 76 19.17 17.04 -24.09
CA LEU B 76 19.45 15.87 -24.91
C LEU B 76 18.24 15.42 -25.74
N ARG B 77 17.06 15.39 -25.14
CA ARG B 77 15.87 14.92 -25.86
C ARG B 77 15.49 15.84 -27.03
N THR B 78 15.81 17.12 -26.91
CA THR B 78 15.47 18.09 -27.94
C THR B 78 16.59 18.38 -28.95
N HIS B 79 17.61 17.52 -28.96
CA HIS B 79 18.67 17.61 -29.95
C HIS B 79 18.87 16.24 -30.61
N GLU B 80 18.38 16.11 -31.84
CA GLU B 80 18.43 14.86 -32.60
C GLU B 80 19.73 14.09 -32.35
N GLN B 81 20.86 14.72 -32.65
CA GLN B 81 22.17 14.07 -32.60
C GLN B 81 22.33 13.19 -31.38
N HIS B 82 21.93 13.72 -30.23
CA HIS B 82 22.17 13.07 -28.95
C HIS B 82 21.09 12.03 -28.61
N GLY B 83 20.03 11.97 -29.41
CA GLY B 83 18.95 11.03 -29.18
C GLY B 83 19.37 9.62 -28.79
N PRO B 84 20.26 9.01 -29.57
CA PRO B 84 20.72 7.65 -29.26
C PRO B 84 21.34 7.53 -27.88
N ALA B 85 22.28 8.42 -27.57
CA ALA B 85 22.98 8.36 -26.29
C ALA B 85 22.02 8.45 -25.11
N LEU B 86 21.15 9.44 -25.16
CA LEU B 86 20.16 9.59 -24.12
C LEU B 86 19.35 8.32 -23.95
N GLN B 87 18.89 7.76 -25.05
CA GLN B 87 18.04 6.58 -24.98
C GLN B 87 18.75 5.38 -24.42
N LEU B 88 20.01 5.23 -24.79
CA LEU B 88 20.84 4.17 -24.23
C LEU B 88 20.95 4.36 -22.73
N TRP B 89 21.44 5.53 -22.33
CA TRP B 89 21.53 5.88 -20.93
C TRP B 89 20.26 5.48 -20.19
N LYS B 90 19.12 6.01 -20.62
CA LYS B 90 17.83 5.69 -20.00
C LYS B 90 17.56 4.19 -19.96
N ASP B 91 17.82 3.49 -21.05
CA ASP B 91 17.57 2.05 -21.08
C ASP B 91 18.40 1.29 -20.04
N ILE B 92 19.64 1.73 -19.82
CA ILE B 92 20.55 1.02 -18.92
C ILE B 92 20.00 1.13 -17.53
N GLU B 93 19.61 2.33 -17.14
CA GLU B 93 19.08 2.47 -15.80
C GLU B 93 17.83 1.63 -15.69
N ASP B 94 17.07 1.51 -16.77
CA ASP B 94 15.88 0.67 -16.74
C ASP B 94 16.26 -0.79 -16.50
N TYR B 95 17.36 -1.22 -17.09
CA TYR B 95 17.79 -2.60 -16.96
C TYR B 95 18.26 -2.84 -15.54
N ASP B 96 18.92 -1.82 -14.97
CA ASP B 96 19.51 -1.90 -13.63
C ASP B 96 18.49 -1.90 -12.50
N THR B 97 17.22 -1.77 -12.87
CA THR B 97 16.15 -1.65 -11.91
C THR B 97 15.05 -2.65 -12.24
N ALA B 98 15.28 -3.43 -13.29
CA ALA B 98 14.25 -4.36 -13.73
C ALA B 98 14.21 -5.58 -12.83
N ASP B 99 13.04 -6.21 -12.74
CA ASP B 99 12.91 -7.51 -12.10
C ASP B 99 13.79 -8.51 -12.82
N ASP B 100 14.41 -9.43 -12.08
CA ASP B 100 15.33 -10.37 -12.69
C ASP B 100 14.68 -11.11 -13.86
N ALA B 101 13.38 -11.29 -13.76
CA ALA B 101 12.59 -11.97 -14.79
C ALA B 101 12.66 -11.29 -16.16
N LEU B 102 12.71 -9.96 -16.17
CA LEU B 102 12.70 -9.20 -17.42
C LEU B 102 14.08 -8.83 -17.96
N ARG B 103 15.12 -9.15 -17.20
CA ARG B 103 16.48 -8.74 -17.59
C ARG B 103 16.95 -9.27 -18.94
N PRO B 104 16.84 -10.59 -19.18
CA PRO B 104 17.30 -11.16 -20.45
C PRO B 104 16.76 -10.41 -21.68
N GLN B 105 15.45 -10.14 -21.72
CA GLN B 105 14.85 -9.51 -22.90
C GLN B 105 15.22 -8.04 -23.00
N LYS B 106 15.29 -7.36 -21.86
CA LYS B 106 15.69 -5.96 -21.86
C LYS B 106 17.11 -5.84 -22.38
N ALA B 107 17.94 -6.85 -22.09
CA ALA B 107 19.32 -6.88 -22.59
C ALA B 107 19.34 -7.16 -24.09
N GLN B 108 18.41 -8.00 -24.53
CA GLN B 108 18.18 -8.30 -25.93
C GLN B 108 17.83 -7.02 -26.70
N ALA B 109 16.66 -6.46 -26.42
CA ALA B 109 16.22 -5.23 -27.06
C ALA B 109 17.28 -4.14 -27.01
N LEU B 110 18.09 -4.16 -25.96
CA LEU B 110 19.09 -3.11 -25.74
C LEU B 110 20.23 -3.25 -26.72
N ARG B 111 20.69 -4.48 -26.96
CA ARG B 111 21.75 -4.73 -27.93
C ARG B 111 21.23 -4.52 -29.36
N ALA B 112 19.99 -4.94 -29.58
CA ALA B 112 19.33 -4.76 -30.85
C ALA B 112 19.16 -3.27 -31.18
N ALA B 113 18.90 -2.46 -30.16
CA ALA B 113 18.53 -1.07 -30.38
C ALA B 113 19.70 -0.09 -30.43
N TYR B 114 20.85 -0.45 -29.86
CA TYR B 114 21.95 0.50 -29.79
C TYR B 114 23.31 -0.05 -30.21
N LEU B 115 23.40 -1.37 -30.38
CA LEU B 115 24.69 -2.05 -30.57
C LEU B 115 24.92 -2.74 -31.92
N GLU B 116 23.84 -3.09 -32.62
CA GLU B 116 23.92 -3.53 -34.01
C GLU B 116 24.11 -2.29 -34.88
N PRO B 117 25.15 -2.28 -35.73
CA PRO B 117 25.47 -1.10 -36.55
C PRO B 117 24.35 -0.73 -37.49
N GLN B 118 23.38 -1.65 -37.66
CA GLN B 118 22.20 -1.41 -38.47
C GLN B 118 21.28 -0.37 -37.84
N ALA B 119 20.65 -0.77 -36.73
CA ALA B 119 19.60 -0.02 -36.02
C ALA B 119 19.70 1.51 -36.01
N GLN B 120 18.54 2.16 -36.01
CA GLN B 120 18.47 3.61 -36.05
C GLN B 120 19.26 4.22 -34.92
N LEU B 121 19.06 3.67 -33.74
CA LEU B 121 19.65 4.25 -32.55
C LEU B 121 21.04 3.71 -32.25
N PHE B 122 21.74 3.22 -33.27
CA PHE B 122 23.11 2.77 -33.09
C PHE B 122 23.97 3.88 -32.47
N CYS B 123 24.91 3.52 -31.61
CA CYS B 123 25.77 4.53 -30.99
C CYS B 123 27.18 4.58 -31.57
N SER B 124 27.35 5.37 -32.62
CA SER B 124 28.62 5.46 -33.32
C SER B 124 29.80 5.97 -32.46
N PHE B 125 29.50 6.61 -31.33
CA PHE B 125 30.55 7.17 -30.47
C PHE B 125 31.22 6.11 -29.60
N LEU B 126 30.62 4.93 -29.55
CA LEU B 126 31.17 3.79 -28.80
C LEU B 126 32.23 3.07 -29.61
N ASP B 127 33.47 3.12 -29.13
CA ASP B 127 34.56 2.42 -29.81
C ASP B 127 34.24 0.95 -29.83
N ALA B 128 34.55 0.28 -30.94
CA ALA B 128 34.16 -1.11 -31.16
C ALA B 128 34.58 -2.08 -30.02
N GLU B 129 35.73 -1.82 -29.40
CA GLU B 129 36.19 -2.69 -28.32
C GLU B 129 35.16 -2.73 -27.18
N THR B 130 34.58 -1.57 -26.89
CA THR B 130 33.53 -1.45 -25.87
C THR B 130 32.26 -2.16 -26.32
N VAL B 131 31.90 -1.97 -27.57
CA VAL B 131 30.70 -2.58 -28.12
C VAL B 131 30.80 -4.09 -28.04
N ALA B 132 31.98 -4.63 -28.33
CA ALA B 132 32.22 -6.06 -28.26
C ALA B 132 31.90 -6.62 -26.87
N ARG B 133 32.50 -6.04 -25.84
CA ARG B 133 32.22 -6.48 -24.48
C ARG B 133 30.74 -6.42 -24.15
N ALA B 134 30.12 -5.29 -24.46
CA ALA B 134 28.70 -5.09 -24.16
C ALA B 134 27.83 -6.14 -24.85
N ARG B 135 28.31 -6.59 -25.99
CA ARG B 135 27.60 -7.57 -26.81
C ARG B 135 27.54 -8.94 -26.12
N ALA B 136 28.62 -9.30 -25.41
CA ALA B 136 28.73 -10.62 -24.76
C ALA B 136 28.43 -10.58 -23.25
N GLY B 137 27.17 -10.86 -22.90
CA GLY B 137 26.66 -10.58 -21.58
C GLY B 137 27.09 -11.45 -20.43
N ALA B 138 27.72 -10.83 -19.43
CA ALA B 138 28.04 -11.50 -18.16
C ALA B 138 26.85 -11.53 -17.21
N GLY B 139 27.05 -11.10 -15.97
CA GLY B 139 26.00 -11.13 -14.96
C GLY B 139 25.62 -9.76 -14.42
N ASP B 140 25.49 -9.67 -13.10
CA ASP B 140 25.19 -8.39 -12.47
C ASP B 140 26.35 -7.43 -12.69
N GLY B 141 26.07 -6.29 -13.31
CA GLY B 141 27.11 -5.37 -13.70
C GLY B 141 27.32 -5.46 -15.20
N LEU B 142 26.34 -6.08 -15.86
CA LEU B 142 26.42 -6.36 -17.30
C LEU B 142 26.76 -5.14 -18.14
N PHE B 143 25.90 -4.14 -18.13
CA PHE B 143 26.16 -2.95 -18.92
C PHE B 143 26.80 -1.81 -18.12
N GLN B 144 27.41 -2.12 -16.99
CA GLN B 144 28.08 -1.07 -16.21
C GLN B 144 29.20 -0.40 -17.01
N PRO B 145 30.08 -1.20 -17.62
CA PRO B 145 31.17 -0.55 -18.35
C PRO B 145 30.67 0.15 -19.60
N LEU B 146 29.53 -0.30 -20.14
CA LEU B 146 28.88 0.43 -21.23
C LEU B 146 28.48 1.81 -20.74
N LEU B 147 27.74 1.83 -19.64
CA LEU B 147 27.23 3.08 -19.08
C LEU B 147 28.33 4.08 -18.78
N ARG B 148 29.46 3.59 -18.28
CA ARG B 148 30.59 4.47 -18.03
C ARG B 148 31.08 5.13 -19.32
N ALA B 149 31.04 4.39 -20.42
CA ALA B 149 31.47 4.92 -21.71
C ALA B 149 30.47 5.95 -22.24
N VAL B 150 29.19 5.68 -22.06
CA VAL B 150 28.13 6.61 -22.44
C VAL B 150 28.26 7.93 -21.69
N LEU B 151 28.43 7.85 -20.38
CA LEU B 151 28.56 9.04 -19.57
C LEU B 151 29.86 9.76 -19.89
N ALA B 152 30.91 9.01 -20.18
CA ALA B 152 32.18 9.63 -20.55
C ALA B 152 32.01 10.48 -21.82
N HIS B 153 31.17 9.99 -22.72
CA HIS B 153 30.83 10.68 -23.96
C HIS B 153 30.02 11.94 -23.67
N LEU B 154 28.96 11.78 -22.89
CA LEU B 154 28.09 12.90 -22.58
C LEU B 154 28.85 14.04 -21.90
N GLY B 155 29.89 13.71 -21.14
CA GLY B 155 30.62 14.73 -20.40
C GLY B 155 31.50 15.63 -21.25
N GLN B 156 31.64 15.28 -22.52
CA GLN B 156 32.45 16.07 -23.43
C GLN B 156 31.62 17.16 -24.13
N ALA B 157 31.51 17.07 -25.45
CA ALA B 157 30.79 18.07 -26.22
C ALA B 157 29.34 18.25 -25.76
N PRO B 158 28.61 17.13 -25.58
CA PRO B 158 27.19 17.25 -25.26
C PRO B 158 27.02 18.14 -24.05
N PHE B 159 27.86 17.95 -23.04
CA PHE B 159 27.76 18.74 -21.83
C PHE B 159 28.14 20.17 -22.15
N GLN B 160 29.20 20.32 -22.93
CA GLN B 160 29.68 21.65 -23.27
C GLN B 160 28.61 22.42 -24.07
N GLU B 161 27.87 21.72 -24.92
CA GLU B 161 26.70 22.31 -25.58
C GLU B 161 25.59 22.68 -24.56
N PHE B 162 25.20 21.74 -23.71
CA PHE B 162 24.29 22.04 -22.61
C PHE B 162 24.63 23.39 -21.95
N LEU B 163 25.92 23.60 -21.66
CA LEU B 163 26.34 24.81 -20.96
C LEU B 163 26.04 26.07 -21.77
N ASP B 164 25.88 25.88 -23.09
CA ASP B 164 25.64 26.99 -24.01
C ASP B 164 24.19 27.01 -24.41
N SER B 165 23.34 26.33 -23.64
CA SER B 165 21.94 26.21 -23.97
C SER B 165 21.10 26.87 -22.89
N LEU B 166 19.79 26.99 -23.13
CA LEU B 166 18.89 27.62 -22.17
C LEU B 166 18.66 26.73 -20.97
N TYR B 167 18.68 25.43 -21.23
CA TYR B 167 18.54 24.46 -20.16
C TYR B 167 19.53 24.69 -19.02
N PHE B 168 20.78 25.04 -19.36
CA PHE B 168 21.73 25.37 -18.30
C PHE B 168 21.34 26.63 -17.53
N LEU B 169 20.80 27.63 -18.21
CA LEU B 169 20.33 28.83 -17.53
C LEU B 169 19.15 28.54 -16.62
N ARG B 170 18.33 27.55 -16.98
CA ARG B 170 17.22 27.16 -16.14
C ARG B 170 17.72 26.53 -14.86
N PHE B 171 18.78 25.75 -14.99
CA PHE B 171 19.36 25.09 -13.84
C PHE B 171 19.87 26.16 -12.88
N LEU B 172 20.34 27.30 -13.42
CA LEU B 172 20.80 28.37 -12.55
C LEU B 172 19.64 29.06 -11.82
N GLN B 173 18.49 29.14 -12.47
CA GLN B 173 17.31 29.70 -11.81
C GLN B 173 16.89 28.82 -10.63
N TRP B 174 16.88 27.52 -10.87
CA TRP B 174 16.50 26.56 -9.84
C TRP B 174 17.50 26.61 -8.68
N LYS B 175 18.78 26.69 -9.02
CA LYS B 175 19.82 26.76 -8.00
C LYS B 175 19.66 28.02 -7.16
N TRP B 176 18.97 29.02 -7.72
CA TRP B 176 18.78 30.28 -7.05
C TRP B 176 17.64 30.14 -6.07
N LEU B 177 16.57 29.50 -6.52
CA LEU B 177 15.43 29.31 -5.65
C LEU B 177 15.82 28.42 -4.46
N GLU B 178 16.72 27.48 -4.75
CA GLU B 178 17.20 26.51 -3.77
C GLU B 178 17.99 27.23 -2.67
N ALA B 179 18.68 28.30 -3.07
CA ALA B 179 19.50 29.04 -2.12
C ALA B 179 18.70 30.04 -1.28
N GLN B 180 17.44 30.26 -1.65
CA GLN B 180 16.65 31.22 -0.90
C GLN B 180 16.34 30.72 0.53
N PRO B 181 16.13 31.64 1.46
CA PRO B 181 15.84 31.28 2.85
C PRO B 181 14.53 30.47 3.05
N MET B 182 14.67 29.27 3.59
CA MET B 182 13.53 28.43 3.96
C MET B 182 13.81 27.86 5.36
N GLY B 183 13.42 28.63 6.39
CA GLY B 183 13.68 28.28 7.77
C GLY B 183 12.43 27.84 8.53
N GLU B 184 12.36 28.19 9.81
CA GLU B 184 11.30 27.65 10.66
C GLU B 184 9.87 27.92 10.21
N ASP B 185 9.61 29.11 9.68
CA ASP B 185 8.24 29.49 9.33
C ASP B 185 7.74 28.65 8.17
N TRP B 186 8.67 27.93 7.56
CA TRP B 186 8.37 27.09 6.40
C TRP B 186 7.92 25.67 6.78
N PHE B 187 7.84 25.39 8.07
CA PHE B 187 7.56 24.03 8.51
C PHE B 187 6.52 23.95 9.61
N LEU B 188 5.62 22.99 9.48
CA LEU B 188 4.54 22.87 10.43
C LEU B 188 4.72 21.59 11.24
N ASP B 189 5.10 21.70 12.52
CA ASP B 189 5.17 20.54 13.41
C ASP B 189 3.73 20.09 13.72
N PHE B 190 3.51 18.79 13.84
CA PHE B 190 2.16 18.31 14.10
C PHE B 190 2.03 16.98 14.86
N ARG B 191 3.15 16.47 15.38
CA ARG B 191 3.16 15.26 16.19
C ARG B 191 4.59 14.99 16.66
N VAL B 192 4.73 14.44 17.87
CA VAL B 192 6.07 14.07 18.36
C VAL B 192 6.42 12.64 17.92
N LEU B 193 7.60 12.46 17.35
CA LEU B 193 8.01 11.17 16.84
C LEU B 193 8.86 10.45 17.87
N GLY B 194 9.38 11.23 18.83
CA GLY B 194 10.31 10.69 19.80
C GLY B 194 10.99 11.78 20.59
N ARG B 195 11.73 11.38 21.63
CA ARG B 195 12.40 12.32 22.52
C ARG B 195 13.89 12.02 22.54
N GLY B 196 14.68 13.08 22.63
CA GLY B 196 16.13 12.95 22.53
C GLY B 196 16.80 13.88 23.52
N GLY B 197 18.06 13.61 23.79
CA GLY B 197 18.84 14.37 24.74
C GLY B 197 18.63 15.88 24.76
N PHE B 198 18.47 16.51 23.59
CA PHE B 198 18.39 17.95 23.62
C PHE B 198 17.08 18.57 23.16
N GLY B 199 16.07 17.73 22.98
CA GLY B 199 14.80 18.25 22.52
C GLY B 199 14.02 17.16 21.84
N GLU B 200 12.79 17.48 21.46
CA GLU B 200 11.94 16.48 20.85
C GLU B 200 12.17 16.39 19.35
N VAL B 201 11.64 15.32 18.77
CA VAL B 201 11.66 15.18 17.33
C VAL B 201 10.21 15.17 16.89
N PHE B 202 9.90 16.04 15.93
CA PHE B 202 8.53 16.18 15.43
C PHE B 202 8.41 15.71 14.00
N ALA B 203 7.28 15.07 13.69
CA ALA B 203 6.85 14.94 12.30
C ALA B 203 6.35 16.31 11.88
N CYS B 204 6.84 16.79 10.73
CA CYS B 204 6.48 18.13 10.30
C CYS B 204 6.27 18.15 8.80
N GLN B 205 5.60 19.18 8.34
CA GLN B 205 5.30 19.34 6.92
C GLN B 205 6.03 20.56 6.36
N MET B 206 6.60 20.39 5.17
CA MET B 206 7.19 21.53 4.48
C MET B 206 6.01 22.20 3.79
N LYS B 207 5.70 23.42 4.20
CA LYS B 207 4.44 24.08 3.86
C LYS B 207 4.18 24.24 2.35
N ALA B 208 5.21 24.67 1.62
CA ALA B 208 5.10 24.84 0.18
C ALA B 208 4.69 23.54 -0.50
N THR B 209 5.46 22.48 -0.25
CA THR B 209 5.32 21.26 -1.01
C THR B 209 4.42 20.25 -0.34
N GLY B 210 4.27 20.37 0.97
CA GLY B 210 3.48 19.41 1.70
C GLY B 210 4.19 18.09 1.93
N LYS B 211 5.49 18.05 1.65
CA LYS B 211 6.26 16.84 1.93
C LYS B 211 6.47 16.65 3.44
N LEU B 212 6.38 15.40 3.87
CA LEU B 212 6.50 15.07 5.26
C LEU B 212 7.95 14.78 5.65
N TYR B 213 8.39 15.44 6.72
CA TYR B 213 9.74 15.24 7.26
C TYR B 213 9.74 14.98 8.78
N ALA B 214 10.93 14.72 9.33
CA ALA B 214 11.16 14.68 10.76
C ALA B 214 12.03 15.87 11.15
N CYS B 215 11.57 16.68 12.10
CA CYS B 215 12.37 17.81 12.54
C CYS B 215 12.91 17.57 13.96
N LYS B 216 14.22 17.43 14.07
CA LYS B 216 14.88 17.15 15.33
C LYS B 216 15.32 18.47 15.94
N LYS B 217 14.84 18.76 17.14
CA LYS B 217 15.21 20.00 17.83
C LYS B 217 16.33 19.78 18.82
N LEU B 218 17.24 20.74 18.87
CA LEU B 218 18.24 20.84 19.92
C LEU B 218 18.13 22.20 20.59
N ASN B 219 17.46 22.26 21.74
CA ASN B 219 17.42 23.45 22.57
C ASN B 219 18.82 24.03 22.72
N LYS B 220 18.96 25.32 22.44
CA LYS B 220 20.29 25.94 22.41
C LYS B 220 21.00 25.99 23.77
N LYS B 221 20.25 26.30 24.83
CA LYS B 221 20.85 26.46 26.15
C LYS B 221 21.41 25.15 26.71
N ARG B 222 20.59 24.11 26.72
CA ARG B 222 21.05 22.80 27.15
C ARG B 222 22.29 22.37 26.40
N LEU B 223 22.26 22.51 25.08
CA LEU B 223 23.41 22.19 24.24
C LEU B 223 24.69 22.82 24.78
N LYS B 224 24.62 24.10 25.16
CA LYS B 224 25.79 24.77 25.70
C LYS B 224 26.09 24.22 27.08
N LYS B 225 25.08 24.18 27.95
CA LYS B 225 25.26 23.74 29.34
C LYS B 225 25.97 22.40 29.44
N ARG B 226 25.65 21.49 28.52
CA ARG B 226 26.21 20.13 28.55
C ARG B 226 27.36 19.87 27.58
N LYS B 227 27.98 20.93 27.08
CA LYS B 227 29.14 20.76 26.22
C LYS B 227 28.89 19.83 25.01
N GLY B 228 27.73 19.98 24.35
CA GLY B 228 27.40 19.09 23.26
C GLY B 228 27.52 19.63 21.82
N TYR B 229 28.24 20.74 21.64
CA TYR B 229 28.42 21.31 20.29
C TYR B 229 29.11 20.39 19.27
N GLN B 230 30.20 19.74 19.66
CA GLN B 230 30.93 18.88 18.74
C GLN B 230 30.02 17.76 18.24
N GLY B 231 29.31 17.11 19.17
CA GLY B 231 28.45 16.00 18.80
C GLY B 231 27.36 16.42 17.84
N ALA B 232 26.72 17.53 18.17
CA ALA B 232 25.62 18.05 17.38
C ALA B 232 26.07 18.38 15.93
N MET B 233 27.29 18.90 15.81
CA MET B 233 27.80 19.33 14.52
C MET B 233 28.24 18.12 13.71
N VAL B 234 28.98 17.22 14.34
CA VAL B 234 29.44 16.01 13.66
C VAL B 234 28.26 15.34 12.99
N GLU B 235 27.12 15.39 13.65
CA GLU B 235 25.94 14.77 13.09
C GLU B 235 25.45 15.55 11.86
N LYS B 236 25.34 16.87 12.01
CA LYS B 236 24.79 17.67 10.95
C LYS B 236 25.63 17.55 9.69
N LYS B 237 26.96 17.58 9.86
CA LYS B 237 27.86 17.49 8.72
C LYS B 237 27.81 16.13 8.04
N ILE B 238 27.70 15.08 8.85
CA ILE B 238 27.65 13.73 8.29
C ILE B 238 26.39 13.59 7.49
N LEU B 239 25.26 13.98 8.07
CA LEU B 239 23.96 13.76 7.45
C LEU B 239 23.80 14.60 6.19
N ALA B 240 24.57 15.68 6.09
CA ALA B 240 24.46 16.60 4.96
C ALA B 240 25.26 16.10 3.76
N LYS B 241 26.49 15.67 4.02
CA LYS B 241 27.42 15.26 2.98
C LYS B 241 27.28 13.79 2.55
N VAL B 242 26.31 13.07 3.11
CA VAL B 242 26.10 11.67 2.79
C VAL B 242 24.71 11.39 2.21
N HIS B 243 24.67 10.62 1.13
CA HIS B 243 23.41 10.44 0.41
C HIS B 243 23.22 8.98 0.12
N SER B 244 22.60 8.30 1.07
CA SER B 244 22.37 6.85 0.97
C SER B 244 20.93 6.52 1.34
N ARG B 245 20.35 5.51 0.72
CA ARG B 245 19.00 5.16 1.12
C ARG B 245 18.98 4.42 2.46
N PHE B 246 20.15 4.23 3.08
CA PHE B 246 20.25 3.51 4.35
C PHE B 246 20.72 4.36 5.52
N ILE B 247 21.09 5.62 5.22
CA ILE B 247 21.30 6.63 6.27
C ILE B 247 20.11 7.56 6.21
N VAL B 248 19.63 8.05 7.35
CA VAL B 248 18.60 9.09 7.29
C VAL B 248 19.22 10.33 6.65
N SER B 249 18.41 11.08 5.90
CA SER B 249 18.93 12.12 5.02
C SER B 249 18.55 13.53 5.47
N LEU B 250 19.56 14.40 5.61
CA LEU B 250 19.33 15.79 5.97
C LEU B 250 18.83 16.65 4.78
N ALA B 251 17.70 17.33 4.96
CA ALA B 251 17.14 18.19 3.93
C ALA B 251 17.41 19.66 4.22
N TYR B 252 17.23 20.05 5.48
CA TYR B 252 17.39 21.44 5.89
C TYR B 252 18.09 21.52 7.25
N ALA B 253 18.76 22.63 7.50
CA ALA B 253 19.39 22.84 8.78
C ALA B 253 19.32 24.33 9.13
N PHE B 254 18.44 24.67 10.06
CA PHE B 254 18.31 26.06 10.50
C PHE B 254 18.20 26.23 12.03
N GLU B 255 17.98 27.47 12.46
CA GLU B 255 17.90 27.80 13.88
C GLU B 255 16.68 28.64 14.23
N THR B 256 16.20 28.50 15.46
CA THR B 256 15.13 29.35 15.96
C THR B 256 15.64 30.13 17.15
N LYS B 257 14.78 30.93 17.77
CA LYS B 257 15.17 31.64 18.98
C LYS B 257 15.77 30.65 19.99
N THR B 258 15.09 29.50 20.10
CA THR B 258 15.38 28.52 21.14
C THR B 258 16.16 27.28 20.70
N ASP B 259 16.07 26.93 19.43
CA ASP B 259 16.59 25.64 18.95
C ASP B 259 17.51 25.70 17.73
N LEU B 260 18.36 24.69 17.59
CA LEU B 260 18.87 24.30 16.29
C LEU B 260 17.90 23.25 15.70
N CYS B 261 17.82 23.15 14.38
CA CYS B 261 16.87 22.21 13.78
C CYS B 261 17.50 21.39 12.67
N LEU B 262 17.14 20.10 12.60
CA LEU B 262 17.54 19.22 11.51
C LEU B 262 16.27 18.62 10.92
N VAL B 263 15.98 19.01 9.70
CA VAL B 263 14.84 18.46 8.97
C VAL B 263 15.40 17.32 8.13
N MET B 264 14.88 16.12 8.33
CA MET B 264 15.51 14.95 7.71
C MET B 264 14.45 13.93 7.34
N THR B 265 14.85 12.94 6.57
CA THR B 265 13.96 11.82 6.29
C THR B 265 13.11 11.42 7.50
N ILE B 266 11.80 11.29 7.32
CA ILE B 266 10.95 10.77 8.37
C ILE B 266 10.93 9.25 8.34
N MET B 267 11.05 8.65 9.51
CA MET B 267 11.06 7.21 9.66
C MET B 267 10.03 6.86 10.72
N ASN B 268 8.85 6.42 10.27
CA ASN B 268 7.66 6.39 11.12
C ASN B 268 7.39 5.04 11.78
N GLY B 269 8.19 4.03 11.40
CA GLY B 269 7.96 2.65 11.81
C GLY B 269 8.68 2.15 13.04
N GLY B 270 9.12 3.04 13.92
CA GLY B 270 9.81 2.62 15.14
C GLY B 270 11.18 2.03 14.91
N ASP B 271 11.93 1.81 15.98
CA ASP B 271 13.29 1.30 15.82
C ASP B 271 13.35 -0.19 16.04
N ILE B 272 14.45 -0.79 15.60
CA ILE B 272 14.61 -2.23 15.65
C ILE B 272 14.45 -2.74 17.07
N ARG B 273 14.99 -2.00 18.03
CA ARG B 273 14.95 -2.49 19.40
C ARG B 273 13.50 -2.52 19.87
N TYR B 274 12.73 -1.47 19.61
CA TYR B 274 11.31 -1.53 19.93
C TYR B 274 10.71 -2.79 19.33
N HIS B 275 10.99 -2.98 18.04
CA HIS B 275 10.43 -4.13 17.33
C HIS B 275 10.92 -5.50 17.81
N ILE B 276 12.07 -5.56 18.46
CA ILE B 276 12.57 -6.83 19.01
C ILE B 276 11.76 -7.28 20.24
N TYR B 277 11.53 -6.36 21.17
CA TYR B 277 10.96 -6.69 22.47
C TYR B 277 9.49 -6.31 22.65
N ASN B 278 9.05 -5.25 21.97
CA ASN B 278 7.78 -4.62 22.33
C ASN B 278 6.57 -4.98 21.49
N VAL B 279 6.79 -5.61 20.34
CA VAL B 279 5.67 -6.00 19.50
C VAL B 279 5.18 -7.38 19.92
N ASP B 280 6.08 -8.37 19.85
CA ASP B 280 5.75 -9.76 20.22
C ASP B 280 6.11 -10.13 21.66
N GLU B 281 5.80 -9.23 22.60
CA GLU B 281 6.23 -9.32 24.02
C GLU B 281 6.69 -10.68 24.58
N ASP B 282 5.85 -11.70 24.46
CA ASP B 282 6.16 -12.99 25.08
C ASP B 282 7.04 -13.89 24.23
N ASN B 283 7.12 -13.58 22.94
CA ASN B 283 8.03 -14.28 22.02
C ASN B 283 9.01 -13.33 21.33
N PRO B 284 9.91 -12.71 22.11
CA PRO B 284 10.80 -11.66 21.63
C PRO B 284 11.81 -12.16 20.60
N GLY B 285 11.99 -11.40 19.53
CA GLY B 285 13.01 -11.72 18.55
C GLY B 285 12.53 -11.65 17.12
N PHE B 286 13.46 -11.84 16.20
CA PHE B 286 13.14 -11.86 14.77
C PHE B 286 13.41 -13.24 14.19
N GLN B 287 12.49 -13.70 13.35
CA GLN B 287 12.76 -14.85 12.51
C GLN B 287 13.94 -14.50 11.63
N GLU B 288 14.88 -15.42 11.49
CA GLU B 288 16.10 -15.18 10.73
C GLU B 288 15.98 -14.30 9.47
N PRO B 289 15.07 -14.66 8.54
CA PRO B 289 15.00 -13.92 7.29
C PRO B 289 14.85 -12.42 7.54
N ARG B 290 13.88 -12.03 8.36
CA ARG B 290 13.70 -10.62 8.68
C ARG B 290 15.00 -10.03 9.23
N ALA B 291 15.59 -10.69 10.22
CA ALA B 291 16.83 -10.22 10.82
C ALA B 291 17.96 -10.07 9.79
N ILE B 292 17.97 -10.97 8.83
CA ILE B 292 19.00 -10.94 7.81
C ILE B 292 18.79 -9.75 6.90
N PHE B 293 17.53 -9.53 6.52
CA PHE B 293 17.15 -8.42 5.66
C PHE B 293 17.72 -7.13 6.24
N TYR B 294 17.43 -6.88 7.52
CA TYR B 294 17.94 -5.69 8.23
C TYR B 294 19.48 -5.66 8.23
N THR B 295 20.09 -6.78 8.59
CA THR B 295 21.54 -6.86 8.61
C THR B 295 22.07 -6.43 7.25
N ALA B 296 21.41 -6.90 6.20
CA ALA B 296 21.83 -6.56 4.86
C ALA B 296 21.71 -5.06 4.61
N GLN B 297 20.55 -4.48 4.95
CA GLN B 297 20.38 -3.06 4.78
C GLN B 297 21.43 -2.31 5.61
N ILE B 298 21.56 -2.67 6.89
CA ILE B 298 22.52 -2.01 7.79
C ILE B 298 23.94 -2.09 7.23
N VAL B 299 24.32 -3.27 6.75
CA VAL B 299 25.64 -3.43 6.14
C VAL B 299 25.87 -2.41 5.05
N SER B 300 24.80 -2.09 4.32
CA SER B 300 24.93 -1.16 3.21
C SER B 300 25.12 0.24 3.76
N GLY B 301 24.45 0.53 4.87
CA GLY B 301 24.67 1.77 5.59
C GLY B 301 26.13 1.95 6.02
N LEU B 302 26.76 0.88 6.50
CA LEU B 302 28.13 1.02 6.98
C LEU B 302 29.06 1.29 5.83
N GLU B 303 28.92 0.48 4.77
CA GLU B 303 29.81 0.59 3.62
C GLU B 303 29.87 2.03 3.13
N HIS B 304 28.72 2.69 3.08
CA HIS B 304 28.69 4.07 2.64
C HIS B 304 29.51 4.95 3.58
N LEU B 305 29.23 4.85 4.87
CA LEU B 305 29.96 5.63 5.87
C LEU B 305 31.46 5.38 5.76
N HIS B 306 31.85 4.10 5.64
CA HIS B 306 33.28 3.77 5.59
C HIS B 306 33.95 4.23 4.29
N GLN B 307 33.19 4.20 3.20
CA GLN B 307 33.68 4.65 1.92
C GLN B 307 33.97 6.15 1.95
N ARG B 308 33.31 6.85 2.86
CA ARG B 308 33.54 8.29 3.00
C ARG B 308 34.42 8.54 4.22
N ASN B 309 35.17 7.51 4.63
CA ASN B 309 36.01 7.59 5.81
C ASN B 309 35.32 8.10 7.08
N ILE B 310 34.14 7.57 7.34
CA ILE B 310 33.43 7.88 8.57
C ILE B 310 33.33 6.65 9.45
N ILE B 311 33.58 6.82 10.74
CA ILE B 311 33.33 5.74 11.68
C ILE B 311 32.08 6.08 12.48
N TYR B 312 31.11 5.16 12.44
CA TYR B 312 29.81 5.35 13.07
C TYR B 312 29.97 5.44 14.57
N ARG B 313 30.54 4.39 15.15
CA ARG B 313 30.82 4.30 16.60
C ARG B 313 29.59 4.09 17.48
N ASP B 314 28.41 4.05 16.90
CA ASP B 314 27.21 3.97 17.72
C ASP B 314 26.11 3.13 17.12
N LEU B 315 26.47 2.09 16.38
CA LEU B 315 25.43 1.27 15.77
C LEU B 315 24.73 0.42 16.83
N LYS B 316 23.40 0.39 16.79
CA LYS B 316 22.62 -0.45 17.70
C LYS B 316 21.12 -0.47 17.39
N PRO B 317 20.41 -1.49 17.85
CA PRO B 317 18.99 -1.66 17.54
C PRO B 317 18.19 -0.38 17.72
N GLU B 318 18.47 0.37 18.79
CA GLU B 318 17.69 1.58 19.08
C GLU B 318 17.98 2.72 18.12
N ASN B 319 19.04 2.58 17.34
CA ASN B 319 19.46 3.64 16.45
C ASN B 319 19.13 3.36 14.99
N VAL B 320 18.58 2.17 14.74
CA VAL B 320 18.19 1.76 13.40
C VAL B 320 16.68 1.90 13.23
N LEU B 321 16.25 2.85 12.39
CA LEU B 321 14.83 3.13 12.19
C LEU B 321 14.16 2.46 10.96
N LEU B 322 12.84 2.27 11.09
CA LEU B 322 11.99 1.74 10.02
C LEU B 322 11.16 2.85 9.43
N ASP B 323 11.11 2.93 8.10
CA ASP B 323 10.16 3.83 7.44
C ASP B 323 8.82 3.12 7.22
N ASP B 324 7.88 3.82 6.62
CA ASP B 324 6.50 3.31 6.47
C ASP B 324 6.40 1.97 5.75
N ASP B 325 7.37 1.67 4.87
CA ASP B 325 7.35 0.45 4.07
C ASP B 325 8.03 -0.70 4.77
N GLY B 326 8.83 -0.39 5.79
CA GLY B 326 9.56 -1.40 6.52
C GLY B 326 11.00 -1.45 6.08
N ASN B 327 11.43 -0.43 5.34
CA ASN B 327 12.87 -0.28 5.12
C ASN B 327 13.54 0.47 6.25
N VAL B 328 14.84 0.31 6.32
CA VAL B 328 15.58 0.65 7.50
C VAL B 328 16.75 1.60 7.18
N ARG B 329 16.96 2.58 8.04
CA ARG B 329 18.09 3.48 7.88
C ARG B 329 18.79 3.64 9.22
N ILE B 330 20.10 3.81 9.21
CA ILE B 330 20.78 4.13 10.45
C ILE B 330 20.65 5.62 10.72
N SER B 331 20.71 6.00 11.99
CA SER B 331 20.44 7.37 12.40
C SER B 331 21.19 7.59 13.69
N ASP B 332 21.17 8.83 14.16
CA ASP B 332 21.81 9.21 15.43
C ASP B 332 23.32 9.14 15.25
N LEU B 333 23.97 10.28 15.04
CA LEU B 333 25.37 10.26 14.65
C LEU B 333 26.31 11.18 15.41
N GLY B 334 25.86 11.64 16.59
CA GLY B 334 26.67 12.49 17.44
C GLY B 334 28.02 11.90 17.84
N LEU B 335 28.12 10.59 17.80
CA LEU B 335 29.34 9.95 18.23
C LEU B 335 30.26 9.59 17.08
N ALA B 336 29.80 9.87 15.87
CA ALA B 336 30.59 9.57 14.68
C ALA B 336 31.91 10.37 14.64
N VAL B 337 32.86 9.90 13.84
CA VAL B 337 34.07 10.68 13.59
C VAL B 337 34.47 10.59 12.12
N GLU B 338 34.88 11.73 11.54
CA GLU B 338 35.38 11.73 10.16
C GLU B 338 36.90 11.67 10.15
N LEU B 339 37.46 10.64 9.54
CA LEU B 339 38.90 10.55 9.40
C LEU B 339 39.41 11.58 8.39
N LYS B 340 40.23 12.52 8.87
CA LYS B 340 40.89 13.49 7.99
C LYS B 340 41.57 12.73 6.86
N ALA B 341 41.63 13.35 5.69
CA ALA B 341 42.20 12.69 4.51
C ALA B 341 43.61 12.20 4.78
N GLY B 342 43.89 10.96 4.35
CA GLY B 342 45.16 10.32 4.63
C GLY B 342 45.22 9.57 5.95
N GLN B 343 44.34 9.94 6.89
CA GLN B 343 44.27 9.28 8.20
C GLN B 343 43.52 7.95 8.12
N THR B 344 44.10 6.90 8.71
CA THR B 344 43.51 5.58 8.58
C THR B 344 42.96 5.03 9.88
N LYS B 345 43.47 5.53 11.00
CA LYS B 345 43.07 5.04 12.32
C LYS B 345 42.87 6.18 13.30
N THR B 346 42.11 5.94 14.35
CA THR B 346 41.82 6.99 15.32
C THR B 346 41.73 6.46 16.77
N LYS B 347 41.70 7.36 17.72
CA LYS B 347 41.56 6.98 19.11
C LYS B 347 40.42 7.76 19.76
N GLY B 348 39.98 7.31 20.93
CA GLY B 348 38.92 7.99 21.65
C GLY B 348 37.83 7.07 22.17
N TYR B 349 37.58 7.13 23.48
CA TYR B 349 36.51 6.36 24.11
C TYR B 349 35.18 6.99 23.72
N ALA B 350 34.31 6.21 23.08
CA ALA B 350 33.01 6.72 22.68
C ALA B 350 32.11 5.57 22.29
N GLY B 351 30.88 5.57 22.80
CA GLY B 351 29.93 4.60 22.32
C GLY B 351 28.99 4.13 23.38
N THR B 352 28.23 3.10 23.06
CA THR B 352 27.30 2.55 24.00
C THR B 352 27.89 1.26 24.57
N PRO B 353 27.94 1.18 25.92
CA PRO B 353 28.40 -0.01 26.68
C PRO B 353 27.67 -1.27 26.24
N GLY B 354 28.43 -2.29 25.84
CA GLY B 354 27.86 -3.48 25.26
C GLY B 354 27.93 -3.51 23.74
N PHE B 355 28.41 -2.42 23.14
CA PHE B 355 28.58 -2.35 21.70
C PHE B 355 29.97 -1.90 21.25
N MET B 356 30.71 -1.28 22.16
CA MET B 356 32.07 -0.89 21.85
C MET B 356 32.95 -2.11 21.74
N ALA B 357 33.82 -2.16 20.73
CA ALA B 357 34.65 -3.33 20.45
C ALA B 357 35.94 -3.29 21.24
N PRO B 358 36.54 -4.47 21.49
CA PRO B 358 37.79 -4.65 22.25
C PRO B 358 38.90 -3.63 21.99
N GLU B 359 39.30 -3.43 20.74
CA GLU B 359 40.36 -2.46 20.45
C GLU B 359 40.07 -1.10 21.08
N LEU B 360 38.80 -0.71 21.04
CA LEU B 360 38.41 0.61 21.54
C LEU B 360 38.57 0.67 23.05
N LEU B 361 38.14 -0.41 23.70
CA LEU B 361 38.23 -0.52 25.14
C LEU B 361 39.70 -0.57 25.58
N LEU B 362 40.54 -1.30 24.85
CA LEU B 362 41.95 -1.44 25.24
C LEU B 362 42.72 -0.15 25.05
N GLY B 363 42.01 0.92 24.74
CA GLY B 363 42.63 2.21 24.54
C GLY B 363 43.48 2.29 23.29
N GLU B 364 43.35 1.29 22.42
CA GLU B 364 44.13 1.26 21.17
C GLU B 364 43.55 2.18 20.12
N GLU B 365 44.23 2.29 18.99
CA GLU B 365 43.72 3.06 17.88
C GLU B 365 42.98 2.11 16.92
N TYR B 366 41.82 2.54 16.44
CA TYR B 366 40.91 1.64 15.74
C TYR B 366 40.44 2.08 14.33
N ASP B 367 39.81 1.13 13.64
CA ASP B 367 39.43 1.21 12.24
C ASP B 367 37.93 1.42 12.09
N PHE B 368 37.42 1.11 10.90
CA PHE B 368 35.98 0.95 10.72
C PHE B 368 35.56 -0.34 11.43
N SER B 369 36.55 -1.21 11.64
CA SER B 369 36.32 -2.54 12.22
C SER B 369 35.37 -2.48 13.42
N VAL B 370 35.63 -1.49 14.28
CA VAL B 370 34.76 -1.19 15.40
C VAL B 370 33.28 -1.36 15.02
N ASP B 371 32.86 -0.79 13.90
CA ASP B 371 31.44 -0.81 13.52
C ASP B 371 30.93 -2.23 13.30
N TYR B 372 31.82 -3.09 12.78
CA TYR B 372 31.41 -4.44 12.44
C TYR B 372 31.22 -5.28 13.67
N PHE B 373 31.96 -4.96 14.72
CA PHE B 373 31.75 -5.66 15.98
C PHE B 373 30.34 -5.31 16.46
N ALA B 374 30.01 -4.04 16.33
CA ALA B 374 28.70 -3.54 16.73
C ALA B 374 27.60 -4.19 15.88
N LEU B 375 27.84 -4.32 14.58
CA LEU B 375 26.92 -5.05 13.72
C LEU B 375 26.62 -6.43 14.30
N GLY B 376 27.69 -7.14 14.69
CA GLY B 376 27.57 -8.47 15.27
C GLY B 376 26.73 -8.52 16.54
N VAL B 377 26.99 -7.59 17.46
CA VAL B 377 26.18 -7.55 18.67
C VAL B 377 24.73 -7.33 18.29
N THR B 378 24.53 -6.62 17.18
CA THR B 378 23.22 -6.16 16.78
C THR B 378 22.43 -7.33 16.20
N LEU B 379 23.03 -8.03 15.25
CA LEU B 379 22.38 -9.18 14.66
C LEU B 379 22.05 -10.16 15.80
N TYR B 380 23.04 -10.39 16.65
CA TYR B 380 22.85 -11.28 17.78
C TYR B 380 21.61 -10.90 18.61
N GLU B 381 21.47 -9.63 18.96
CA GLU B 381 20.33 -9.19 19.73
C GLU B 381 19.02 -9.35 18.94
N MET B 382 19.07 -9.12 17.62
CA MET B 382 17.88 -9.24 16.78
C MET B 382 17.31 -10.66 16.79
N ILE B 383 18.18 -11.65 17.01
CA ILE B 383 17.80 -13.04 16.96
C ILE B 383 17.53 -13.61 18.35
N ALA B 384 18.32 -13.20 19.33
CA ALA B 384 18.22 -13.78 20.68
C ALA B 384 17.36 -12.98 21.67
N ALA B 385 16.96 -11.77 21.29
CA ALA B 385 16.28 -10.88 22.23
C ALA B 385 17.03 -10.77 23.55
N ARG B 386 18.35 -10.76 23.46
CA ARG B 386 19.21 -10.54 24.63
C ARG B 386 20.61 -10.17 24.16
N GLY B 387 21.37 -9.55 25.05
CA GLY B 387 22.75 -9.25 24.73
C GLY B 387 23.62 -10.48 24.88
N PRO B 388 24.78 -10.47 24.24
CA PRO B 388 25.75 -11.57 24.30
C PRO B 388 26.54 -11.54 25.61
N PHE B 389 26.50 -10.41 26.30
CA PHE B 389 27.47 -10.19 27.37
C PHE B 389 26.87 -10.10 28.77
N ARG B 390 25.55 -10.06 28.86
CA ARG B 390 24.88 -10.18 30.14
C ARG B 390 23.50 -10.82 30.06
N ALA B 391 23.01 -11.22 31.22
CA ALA B 391 21.73 -11.90 31.32
C ALA B 391 20.61 -10.89 31.43
N ARG B 392 19.36 -11.35 31.32
CA ARG B 392 18.26 -10.40 31.41
C ARG B 392 18.23 -9.70 32.79
N GLY B 393 18.28 -8.38 32.76
CA GLY B 393 18.18 -7.60 33.99
C GLY B 393 19.52 -7.43 34.66
N GLU B 394 20.47 -8.29 34.31
CA GLU B 394 21.80 -8.23 34.85
C GLU B 394 22.41 -6.87 34.51
N LYS B 395 22.76 -6.10 35.54
CA LYS B 395 23.39 -4.82 35.34
C LYS B 395 24.69 -4.81 36.09
N VAL B 396 25.79 -4.57 35.39
CA VAL B 396 27.11 -4.64 36.00
C VAL B 396 27.83 -3.34 35.89
N GLU B 397 28.97 -3.26 36.56
CA GLU B 397 29.78 -2.05 36.51
C GLU B 397 30.54 -2.04 35.20
N ASN B 398 30.84 -0.84 34.71
CA ASN B 398 31.59 -0.68 33.46
C ASN B 398 32.83 -1.59 33.46
N LYS B 399 33.62 -1.52 34.54
CA LYS B 399 34.84 -2.30 34.65
C LYS B 399 34.58 -3.77 34.34
N GLU B 400 33.45 -4.30 34.80
CA GLU B 400 33.12 -5.71 34.61
C GLU B 400 32.61 -6.00 33.19
N LEU B 401 31.71 -5.15 32.69
CA LEU B 401 31.22 -5.31 31.32
C LEU B 401 32.37 -5.32 30.35
N LYS B 402 33.32 -4.42 30.58
CA LYS B 402 34.54 -4.34 29.80
C LYS B 402 35.25 -5.69 29.71
N GLN B 403 35.56 -6.28 30.86
CA GLN B 403 36.19 -7.59 30.91
C GLN B 403 35.44 -8.67 30.14
N ARG B 404 34.12 -8.71 30.26
CA ARG B 404 33.35 -9.66 29.47
C ARG B 404 33.60 -9.47 27.96
N VAL B 405 33.47 -8.24 27.49
CA VAL B 405 33.63 -7.96 26.07
C VAL B 405 35.03 -8.36 25.63
N LEU B 406 36.02 -8.02 26.43
CA LEU B 406 37.43 -8.31 26.12
C LEU B 406 37.79 -9.81 26.14
N GLU B 407 37.25 -10.57 27.09
CA GLU B 407 37.74 -11.93 27.27
C GLU B 407 36.70 -13.03 27.37
N GLN B 408 35.42 -12.67 27.52
CA GLN B 408 34.35 -13.65 27.47
C GLN B 408 34.04 -14.12 26.02
N ALA B 409 33.98 -15.42 25.82
CA ALA B 409 33.61 -15.97 24.52
C ALA B 409 32.09 -16.06 24.42
N VAL B 410 31.54 -15.63 23.29
CA VAL B 410 30.08 -15.58 23.18
C VAL B 410 29.41 -16.96 23.12
N THR B 411 28.18 -17.03 23.61
CA THR B 411 27.39 -18.25 23.56
C THR B 411 26.15 -18.15 22.67
N TYR B 412 25.97 -19.10 21.77
CA TYR B 412 24.88 -19.03 20.79
C TYR B 412 23.83 -20.10 20.98
N PRO B 413 22.66 -19.74 21.53
CA PRO B 413 21.53 -20.65 21.75
C PRO B 413 21.06 -21.33 20.46
N ASP B 414 19.90 -21.98 20.52
CA ASP B 414 19.45 -22.81 19.42
C ASP B 414 18.75 -21.99 18.35
N LYS B 415 18.15 -20.88 18.76
CA LYS B 415 17.50 -19.96 17.82
C LYS B 415 18.40 -19.64 16.60
N PHE B 416 19.70 -19.75 16.79
CA PHE B 416 20.64 -19.49 15.70
C PHE B 416 20.76 -20.65 14.73
N SER B 417 20.97 -20.31 13.46
CA SER B 417 21.22 -21.31 12.44
C SER B 417 22.72 -21.32 12.20
N PRO B 418 23.25 -22.43 11.69
CA PRO B 418 24.70 -22.48 11.45
C PRO B 418 25.19 -21.14 10.89
N ALA B 419 24.48 -20.65 9.88
CA ALA B 419 24.89 -19.46 9.14
C ALA B 419 24.97 -18.26 10.09
N SER B 420 23.85 -17.92 10.73
CA SER B 420 23.79 -16.82 11.68
C SER B 420 24.97 -16.87 12.62
N LYS B 421 25.04 -17.98 13.35
CA LYS B 421 26.08 -18.25 14.35
C LYS B 421 27.45 -17.93 13.78
N ASP B 422 27.73 -18.43 12.56
CA ASP B 422 29.04 -18.27 11.97
C ASP B 422 29.33 -16.79 11.66
N PHE B 423 28.30 -16.09 11.19
CA PHE B 423 28.43 -14.70 10.81
C PHE B 423 28.79 -13.91 12.05
N CYS B 424 27.94 -14.04 13.07
CA CYS B 424 28.19 -13.45 14.39
C CYS B 424 29.54 -13.77 14.99
N GLU B 425 30.02 -15.00 14.80
CA GLU B 425 31.36 -15.33 15.26
C GLU B 425 32.42 -14.49 14.53
N ALA B 426 32.15 -14.20 13.26
CA ALA B 426 33.13 -13.55 12.39
C ALA B 426 33.17 -12.05 12.67
N LEU B 427 32.02 -11.51 13.08
CA LEU B 427 31.93 -10.10 13.42
C LEU B 427 32.43 -9.87 14.83
N LEU B 428 32.21 -10.86 15.70
CA LEU B 428 32.48 -10.71 17.14
C LEU B 428 33.89 -11.09 17.49
N GLN B 429 34.65 -11.52 16.49
CA GLN B 429 36.07 -11.77 16.64
C GLN B 429 36.73 -10.68 17.50
N LYS B 430 37.34 -11.09 18.61
CA LYS B 430 37.94 -10.12 19.53
C LYS B 430 39.05 -9.32 18.88
N ASP B 431 39.80 -9.94 17.98
CA ASP B 431 40.91 -9.23 17.32
C ASP B 431 40.49 -8.69 15.94
N PRO B 432 40.50 -7.34 15.78
CA PRO B 432 40.02 -6.71 14.55
C PRO B 432 40.75 -7.19 13.29
N GLU B 433 41.99 -7.63 13.45
CA GLU B 433 42.79 -8.16 12.35
C GLU B 433 42.17 -9.43 11.79
N LYS B 434 41.33 -10.09 12.59
CA LYS B 434 40.69 -11.33 12.17
C LYS B 434 39.17 -11.17 12.01
N ARG B 435 38.67 -9.95 12.13
CA ARG B 435 37.24 -9.72 12.12
C ARG B 435 36.71 -9.37 10.73
N LEU B 436 35.74 -10.15 10.29
CA LEU B 436 34.99 -9.85 9.07
C LEU B 436 34.62 -8.37 9.02
N GLY B 437 34.89 -7.70 7.90
CA GLY B 437 34.56 -6.29 7.85
C GLY B 437 34.67 -5.59 6.50
N PHE B 438 35.55 -4.60 6.46
CA PHE B 438 35.64 -3.71 5.34
C PHE B 438 37.04 -3.80 4.72
N ARG B 439 37.13 -4.53 3.60
CA ARG B 439 38.38 -4.68 2.86
C ARG B 439 38.26 -4.13 1.44
N ASP B 440 39.33 -3.48 0.97
CA ASP B 440 39.41 -2.98 -0.38
C ASP B 440 38.23 -2.10 -0.74
N GLY B 441 38.12 -0.98 -0.03
CA GLY B 441 37.10 0.02 -0.32
C GLY B 441 35.66 -0.49 -0.38
N SER B 442 35.38 -1.67 0.15
CA SER B 442 33.99 -2.12 0.17
C SER B 442 33.69 -3.24 1.16
N CYS B 443 32.43 -3.66 1.16
CA CYS B 443 31.98 -4.82 1.93
C CYS B 443 31.66 -5.98 1.01
N ASP B 444 32.15 -5.96 -0.22
CA ASP B 444 31.90 -7.07 -1.13
C ASP B 444 32.26 -8.41 -0.47
N GLY B 445 33.44 -8.45 0.15
CA GLY B 445 33.90 -9.65 0.82
C GLY B 445 32.84 -10.14 1.78
N LEU B 446 32.21 -9.20 2.45
CA LEU B 446 31.20 -9.52 3.44
C LEU B 446 29.87 -9.97 2.77
N ARG B 447 29.42 -9.26 1.75
CA ARG B 447 28.16 -9.66 1.09
C ARG B 447 28.20 -11.15 0.67
N THR B 448 29.41 -11.63 0.40
CA THR B 448 29.67 -13.02 0.00
C THR B 448 29.10 -14.06 0.95
N HIS B 449 29.17 -13.76 2.24
CA HIS B 449 28.82 -14.73 3.26
C HIS B 449 27.52 -15.49 2.94
N PRO B 450 27.54 -16.80 3.21
CA PRO B 450 26.44 -17.77 3.14
C PRO B 450 25.16 -17.31 3.81
N LEU B 451 25.24 -16.27 4.65
CA LEU B 451 24.06 -15.81 5.37
C LEU B 451 23.16 -15.05 4.42
N PHE B 452 23.79 -14.41 3.42
CA PHE B 452 23.11 -13.55 2.47
C PHE B 452 22.84 -14.33 1.19
N ARG B 453 22.66 -15.63 1.35
CA ARG B 453 22.48 -16.55 0.23
C ARG B 453 21.24 -16.19 -0.59
N ASP B 454 20.18 -15.74 0.08
CA ASP B 454 18.91 -15.47 -0.60
C ASP B 454 18.67 -13.97 -0.83
N ILE B 455 19.71 -13.17 -0.65
CA ILE B 455 19.60 -11.72 -0.79
C ILE B 455 20.12 -11.27 -2.15
N SER B 456 19.24 -10.67 -2.95
CA SER B 456 19.67 -10.07 -4.21
C SER B 456 20.20 -8.68 -3.91
N TRP B 457 21.53 -8.56 -3.88
CA TRP B 457 22.13 -7.30 -3.47
C TRP B 457 21.74 -6.16 -4.39
N ARG B 458 21.63 -6.47 -5.68
CA ARG B 458 21.24 -5.48 -6.67
C ARG B 458 19.93 -4.84 -6.24
N GLN B 459 18.94 -5.68 -6.02
CA GLN B 459 17.60 -5.21 -5.72
C GLN B 459 17.57 -4.50 -4.36
N LEU B 460 18.38 -5.00 -3.43
CA LEU B 460 18.48 -4.41 -2.10
C LEU B 460 19.08 -3.03 -2.15
N GLU B 461 20.23 -2.92 -2.81
CA GLU B 461 20.90 -1.64 -2.98
C GLU B 461 20.00 -0.61 -3.65
N ALA B 462 19.02 -1.09 -4.41
CA ALA B 462 18.16 -0.18 -5.15
C ALA B 462 16.80 -0.02 -4.46
N GLY B 463 16.70 -0.46 -3.22
CA GLY B 463 15.45 -0.33 -2.46
C GLY B 463 14.24 -0.95 -3.16
N MET B 464 14.48 -1.98 -3.96
CA MET B 464 13.40 -2.57 -4.72
C MET B 464 12.99 -3.97 -4.25
N LEU B 465 13.51 -4.40 -3.10
CA LEU B 465 13.06 -5.67 -2.51
C LEU B 465 11.83 -5.43 -1.65
N THR B 466 11.03 -6.48 -1.44
CA THR B 466 9.89 -6.39 -0.53
C THR B 466 10.29 -6.68 0.92
N PRO B 467 10.20 -5.66 1.80
CA PRO B 467 10.62 -5.79 3.20
C PRO B 467 9.82 -6.87 3.91
N PRO B 468 10.46 -7.66 4.77
CA PRO B 468 9.82 -8.84 5.37
C PRO B 468 8.68 -8.48 6.31
N PHE B 469 8.59 -7.21 6.69
CA PHE B 469 7.60 -6.77 7.65
C PHE B 469 7.22 -5.32 7.37
N VAL B 470 5.91 -5.08 7.33
CA VAL B 470 5.39 -3.74 7.05
C VAL B 470 4.54 -3.24 8.23
N PRO B 471 4.93 -2.09 8.81
CA PRO B 471 4.27 -1.50 9.99
C PRO B 471 2.83 -1.09 9.71
N ASP B 472 2.18 -0.47 10.69
CA ASP B 472 0.77 -0.10 10.55
C ASP B 472 0.51 1.37 10.85
N PHE B 495 24.73 33.81 26.16
CA PHE B 495 25.30 33.52 24.85
C PHE B 495 26.34 34.56 24.43
N GLU B 496 27.56 34.11 24.19
CA GLU B 496 28.60 34.99 23.69
C GLU B 496 28.82 34.88 22.17
N LYS B 497 29.90 35.51 21.71
CA LYS B 497 30.24 35.53 20.30
C LYS B 497 30.36 34.12 19.75
N ALA B 498 31.17 33.30 20.41
CA ALA B 498 31.44 31.95 19.95
C ALA B 498 30.17 31.09 19.83
N ASP B 499 29.22 31.35 20.72
CA ASP B 499 27.95 30.61 20.67
C ASP B 499 27.20 30.95 19.41
N THR B 500 27.10 32.24 19.12
CA THR B 500 26.35 32.66 17.94
C THR B 500 27.04 32.18 16.67
N GLU B 501 28.36 32.32 16.59
CA GLU B 501 29.07 31.79 15.44
C GLU B 501 28.75 30.32 15.21
N PHE B 502 28.85 29.51 16.27
CA PHE B 502 28.55 28.08 16.16
C PHE B 502 27.17 27.86 15.55
N PHE B 503 26.16 28.45 16.18
CA PHE B 503 24.81 28.37 15.64
C PHE B 503 24.74 28.70 14.13
N GLN B 504 25.33 29.81 13.72
CA GLN B 504 25.29 30.19 12.31
C GLN B 504 25.93 29.14 11.41
N GLU B 505 27.11 28.63 11.82
CA GLU B 505 27.77 27.60 11.05
C GLU B 505 26.91 26.34 11.02
N PHE B 506 26.05 26.18 12.01
CA PHE B 506 25.27 24.96 12.07
C PHE B 506 24.13 25.12 11.10
N ALA B 507 23.40 26.22 11.27
CA ALA B 507 22.25 26.49 10.41
C ALA B 507 22.71 26.85 8.98
N SER B 508 23.07 25.83 8.21
CA SER B 508 23.69 26.04 6.91
C SER B 508 22.68 26.01 5.79
N GLY B 509 21.40 25.96 6.15
CA GLY B 509 20.32 26.04 5.18
C GLY B 509 19.99 24.75 4.46
N THR B 510 19.59 24.89 3.19
CA THR B 510 19.02 23.79 2.41
C THR B 510 20.05 22.83 1.84
N CYS B 511 19.72 21.55 1.80
CA CYS B 511 20.64 20.59 1.22
C CYS B 511 20.28 20.24 -0.24
N PRO B 512 21.09 20.72 -1.19
CA PRO B 512 20.86 20.59 -2.63
C PRO B 512 20.14 19.29 -3.06
N ILE B 513 20.80 18.13 -2.97
CA ILE B 513 20.19 16.91 -3.52
C ILE B 513 18.76 16.67 -2.98
N PRO B 514 18.62 16.63 -1.65
CA PRO B 514 17.27 16.32 -1.12
C PRO B 514 16.23 17.35 -1.50
N TRP B 515 16.63 18.62 -1.64
CA TRP B 515 15.68 19.66 -2.03
C TRP B 515 15.20 19.44 -3.47
N GLN B 516 16.10 19.05 -4.35
CA GLN B 516 15.72 18.82 -5.75
C GLN B 516 14.82 17.59 -5.81
N GLU B 517 15.16 16.57 -5.03
CA GLU B 517 14.29 15.40 -4.92
C GLU B 517 12.87 15.82 -4.53
N GLU B 518 12.77 16.59 -3.44
CA GLU B 518 11.49 17.07 -2.95
C GLU B 518 10.76 17.84 -4.05
N MET B 519 11.43 18.81 -4.66
CA MET B 519 10.80 19.58 -5.73
C MET B 519 10.21 18.64 -6.78
N ILE B 520 10.97 17.60 -7.12
CA ILE B 520 10.51 16.66 -8.13
C ILE B 520 9.39 15.73 -7.67
N GLU B 521 9.57 15.07 -6.53
CA GLU B 521 8.57 14.12 -6.06
C GLU B 521 7.26 14.84 -5.85
N THR B 522 7.38 16.06 -5.36
CA THR B 522 6.23 16.78 -4.85
C THR B 522 5.45 17.45 -5.97
N GLY B 523 5.97 17.33 -7.19
CA GLY B 523 5.32 17.88 -8.37
C GLY B 523 5.67 19.33 -8.70
N VAL B 524 6.19 20.04 -7.70
CA VAL B 524 6.52 21.45 -7.86
C VAL B 524 7.44 21.73 -9.06
N PHE B 525 8.40 20.84 -9.33
CA PHE B 525 9.33 21.06 -10.42
C PHE B 525 8.64 21.02 -11.78
N GLY B 526 7.86 19.96 -12.01
CA GLY B 526 7.03 19.88 -13.19
C GLY B 526 6.22 21.14 -13.42
N ASP B 527 5.60 21.66 -12.37
CA ASP B 527 4.76 22.84 -12.51
C ASP B 527 5.56 24.08 -12.84
N LEU B 528 6.60 24.36 -12.06
CA LEU B 528 7.38 25.57 -12.29
C LEU B 528 8.24 25.52 -13.53
N ASN B 529 8.35 24.37 -14.17
CA ASN B 529 9.30 24.24 -15.28
C ASN B 529 8.72 24.40 -16.66
N VAL B 530 7.41 24.30 -16.78
CA VAL B 530 6.72 24.39 -18.07
C VAL B 530 7.20 25.59 -18.92
N TRP B 531 7.22 25.37 -20.24
CA TRP B 531 7.62 26.40 -21.18
C TRP B 531 6.40 27.03 -21.87
N ARG B 532 5.59 26.21 -22.50
CA ARG B 532 4.32 26.70 -23.04
C ARG B 532 3.21 25.84 -22.48
N PRO B 533 2.26 26.46 -21.78
CA PRO B 533 1.11 25.78 -21.15
C PRO B 533 -0.01 25.42 -22.13
N ARG C 31 8.45 18.91 -49.52
CA ARG C 31 9.25 19.73 -48.61
C ARG C 31 10.60 19.09 -48.26
N ASP C 32 11.69 19.73 -48.71
CA ASP C 32 13.04 19.16 -48.66
C ASP C 32 13.65 19.01 -47.25
N ARG C 33 13.91 17.77 -46.86
CA ARG C 33 14.44 17.47 -45.51
C ARG C 33 15.89 17.95 -45.29
N LYS C 34 16.71 17.86 -46.32
CA LYS C 34 18.07 18.36 -46.24
C LYS C 34 18.09 19.84 -45.84
N TYR C 35 17.17 20.62 -46.42
CA TYR C 35 17.13 22.04 -46.11
C TYR C 35 16.41 22.31 -44.79
N LEU C 36 15.35 21.54 -44.52
CA LEU C 36 14.67 21.60 -43.23
C LEU C 36 15.66 21.50 -42.07
N ALA C 37 16.62 20.60 -42.24
CA ALA C 37 17.64 20.35 -41.23
C ALA C 37 18.63 21.49 -41.02
N ARG C 38 18.61 22.51 -41.87
CA ARG C 38 19.52 23.64 -41.68
C ARG C 38 18.91 24.70 -40.80
N LEU C 39 17.66 24.48 -40.40
CA LEU C 39 16.99 25.40 -39.49
C LEU C 39 17.03 24.80 -38.11
N LYS C 40 18.04 25.20 -37.33
CA LYS C 40 18.23 24.69 -35.97
C LYS C 40 18.72 25.82 -35.08
N LEU C 41 18.09 25.98 -33.93
CA LEU C 41 18.43 27.08 -33.05
C LEU C 41 19.87 26.95 -32.62
N PRO C 42 20.58 28.07 -32.52
CA PRO C 42 22.01 28.11 -32.18
C PRO C 42 22.26 28.09 -30.67
N PRO C 43 23.50 27.79 -30.29
CA PRO C 43 23.97 28.04 -28.93
C PRO C 43 23.86 29.51 -28.56
N LEU C 44 23.43 29.81 -27.34
CA LEU C 44 23.36 31.19 -26.87
C LEU C 44 24.62 32.02 -27.15
N SER C 45 25.79 31.41 -27.12
CA SER C 45 27.02 32.18 -27.27
C SER C 45 27.08 32.84 -28.66
N LYS C 46 26.52 32.18 -29.66
CA LYS C 46 26.48 32.73 -31.02
C LYS C 46 25.53 33.94 -31.16
N CYS C 47 24.73 34.21 -30.15
CA CYS C 47 23.77 35.31 -30.24
C CYS C 47 24.22 36.55 -29.49
N GLU C 48 25.43 36.53 -28.95
CA GLU C 48 25.87 37.64 -28.10
C GLU C 48 26.01 38.91 -28.93
N ALA C 49 26.59 38.74 -30.13
CA ALA C 49 26.87 39.85 -31.02
C ALA C 49 25.60 40.58 -31.46
N LEU C 50 24.62 39.83 -31.96
CA LEU C 50 23.42 40.47 -32.46
C LEU C 50 22.51 40.89 -31.32
N ARG C 51 23.02 40.75 -30.10
CA ARG C 51 22.33 41.27 -28.95
C ARG C 51 22.61 42.76 -28.76
N GLU C 52 23.58 43.29 -29.51
CA GLU C 52 23.81 44.73 -29.49
C GLU C 52 23.24 45.36 -30.74
N SER C 53 23.43 44.69 -31.87
CA SER C 53 22.99 45.20 -33.16
C SER C 53 21.49 45.07 -33.33
N LEU C 54 20.77 44.96 -32.21
CA LEU C 54 19.32 44.82 -32.26
C LEU C 54 18.57 45.91 -31.49
N ASP C 55 17.49 46.39 -32.10
CA ASP C 55 16.60 47.34 -31.45
C ASP C 55 15.80 46.64 -30.35
N LEU C 56 15.98 47.12 -29.12
CA LEU C 56 15.27 46.60 -27.97
C LEU C 56 13.82 47.06 -27.97
N GLY C 57 13.56 48.18 -28.63
CA GLY C 57 12.25 48.81 -28.61
C GLY C 57 11.06 47.86 -28.50
N PHE C 58 10.18 48.13 -27.54
CA PHE C 58 9.04 47.26 -27.27
C PHE C 58 8.08 47.04 -28.45
N GLU C 59 7.44 48.10 -28.91
CA GLU C 59 6.48 47.90 -30.00
C GLU C 59 7.15 47.34 -31.26
N GLY C 60 8.40 47.71 -31.45
CA GLY C 60 9.20 47.21 -32.55
C GLY C 60 9.41 45.71 -32.57
N MET C 61 9.63 45.12 -31.38
CA MET C 61 9.94 43.70 -31.30
C MET C 61 8.79 42.80 -30.83
N CYS C 62 7.91 43.33 -29.98
CA CYS C 62 6.86 42.49 -29.40
C CYS C 62 5.50 42.66 -30.06
N LEU C 63 5.31 43.76 -30.78
CA LEU C 63 4.06 43.96 -31.50
C LEU C 63 4.22 43.70 -33.00
N GLU C 64 5.29 44.20 -33.60
CA GLU C 64 5.44 44.13 -35.06
C GLU C 64 6.05 42.82 -35.58
N GLN C 65 6.99 42.24 -34.85
CA GLN C 65 7.60 40.96 -35.25
C GLN C 65 6.82 39.75 -34.73
N PRO C 66 6.20 39.01 -35.64
CA PRO C 66 5.32 37.90 -35.29
C PRO C 66 5.92 36.97 -34.25
N ILE C 67 7.20 36.68 -34.34
CA ILE C 67 7.79 35.74 -33.41
C ILE C 67 8.08 36.34 -32.03
N GLY C 68 8.53 37.58 -32.00
CA GLY C 68 8.67 38.29 -30.75
C GLY C 68 7.33 38.35 -29.99
N LYS C 69 6.26 38.62 -30.73
CA LYS C 69 4.93 38.71 -30.15
C LYS C 69 4.51 37.35 -29.56
N ARG C 70 4.76 36.30 -30.32
CA ARG C 70 4.44 34.97 -29.89
C ARG C 70 5.23 34.63 -28.62
N LEU C 71 6.52 34.92 -28.61
CA LEU C 71 7.36 34.59 -27.46
C LEU C 71 7.06 35.45 -26.23
N PHE C 72 6.58 36.66 -26.46
CA PHE C 72 6.26 37.58 -25.38
C PHE C 72 4.91 37.21 -24.79
N GLN C 73 4.00 36.71 -25.62
CA GLN C 73 2.74 36.22 -25.07
C GLN C 73 2.96 34.94 -24.26
N GLN C 74 3.92 34.13 -24.67
CA GLN C 74 4.27 32.91 -23.92
C GLN C 74 4.78 33.24 -22.53
N PHE C 75 5.75 34.14 -22.46
CA PHE C 75 6.18 34.69 -21.18
C PHE C 75 4.96 35.09 -20.35
N LEU C 76 4.12 35.95 -20.92
CA LEU C 76 2.91 36.42 -20.25
C LEU C 76 2.03 35.27 -19.73
N ARG C 77 1.81 34.26 -20.56
CA ARG C 77 0.94 33.16 -20.18
C ARG C 77 1.46 32.39 -18.96
N THR C 78 2.78 32.37 -18.79
CA THR C 78 3.41 31.57 -17.72
C THR C 78 3.75 32.39 -16.48
N HIS C 79 3.24 33.61 -16.42
CA HIS C 79 3.36 34.45 -15.23
C HIS C 79 1.98 34.91 -14.76
N GLU C 80 1.48 34.31 -13.67
CA GLU C 80 0.15 34.59 -13.14
C GLU C 80 -0.24 36.07 -13.23
N GLN C 81 0.60 36.93 -12.66
CA GLN C 81 0.32 38.36 -12.54
C GLN C 81 -0.24 38.93 -13.82
N HIS C 82 0.41 38.59 -14.92
CA HIS C 82 0.11 39.18 -16.23
C HIS C 82 -1.07 38.50 -16.94
N GLY C 83 -1.55 37.40 -16.39
CA GLY C 83 -2.65 36.66 -16.97
C GLY C 83 -3.82 37.51 -17.47
N PRO C 84 -4.34 38.42 -16.64
CA PRO C 84 -5.47 39.26 -17.06
C PRO C 84 -5.15 40.13 -18.30
N ALA C 85 -4.00 40.81 -18.27
CA ALA C 85 -3.61 41.67 -19.38
C ALA C 85 -3.50 40.91 -20.70
N LEU C 86 -2.79 39.80 -20.67
CA LEU C 86 -2.67 38.95 -21.84
C LEU C 86 -4.05 38.56 -22.36
N GLN C 87 -4.92 38.11 -21.46
CA GLN C 87 -6.24 37.65 -21.89
C GLN C 87 -7.09 38.77 -22.50
N LEU C 88 -7.05 39.94 -21.88
CA LEU C 88 -7.70 41.10 -22.44
C LEU C 88 -7.18 41.38 -23.86
N TRP C 89 -5.89 41.63 -23.96
CA TRP C 89 -5.23 41.79 -25.24
C TRP C 89 -5.77 40.78 -26.28
N LYS C 90 -5.60 39.49 -26.01
CA LYS C 90 -6.12 38.45 -26.91
C LYS C 90 -7.61 38.62 -27.24
N ASP C 91 -8.43 38.93 -26.25
CA ASP C 91 -9.87 39.07 -26.48
C ASP C 91 -10.18 40.25 -27.41
N ILE C 92 -9.40 41.32 -27.31
CA ILE C 92 -9.65 42.50 -28.12
C ILE C 92 -9.41 42.18 -29.58
N GLU C 93 -8.30 41.51 -29.85
CA GLU C 93 -8.01 41.16 -31.23
C GLU C 93 -9.08 40.21 -31.73
N ASP C 94 -9.59 39.35 -30.85
CA ASP C 94 -10.69 38.48 -31.23
C ASP C 94 -11.95 39.26 -31.60
N TYR C 95 -12.21 40.35 -30.86
CA TYR C 95 -13.35 41.19 -31.13
C TYR C 95 -13.19 41.92 -32.47
N ASP C 96 -11.96 42.36 -32.74
CA ASP C 96 -11.62 43.14 -33.93
C ASP C 96 -11.64 42.33 -35.21
N THR C 97 -11.86 41.03 -35.07
CA THR C 97 -11.82 40.12 -36.20
C THR C 97 -13.11 39.32 -36.25
N ALA C 98 -14.04 39.61 -35.35
CA ALA C 98 -15.25 38.81 -35.26
C ALA C 98 -16.24 39.22 -36.33
N ASP C 99 -17.10 38.29 -36.74
CA ASP C 99 -18.22 38.62 -37.60
C ASP C 99 -19.11 39.64 -36.89
N ASP C 100 -19.68 40.59 -37.62
CA ASP C 100 -20.48 41.65 -36.99
C ASP C 100 -21.56 41.05 -36.09
N ALA C 101 -22.03 39.87 -36.48
CA ALA C 101 -23.08 39.17 -35.76
C ALA C 101 -22.69 38.86 -34.31
N LEU C 102 -21.42 38.53 -34.10
CA LEU C 102 -20.95 38.12 -32.79
C LEU C 102 -20.38 39.26 -31.94
N ARG C 103 -20.29 40.45 -32.49
CA ARG C 103 -19.64 41.54 -31.78
C ARG C 103 -20.31 41.92 -30.45
N PRO C 104 -21.65 42.12 -30.46
CA PRO C 104 -22.33 42.53 -29.22
C PRO C 104 -21.99 41.65 -28.02
N GLN C 105 -22.06 40.33 -28.20
CA GLN C 105 -21.84 39.42 -27.07
C GLN C 105 -20.39 39.35 -26.67
N LYS C 106 -19.49 39.37 -27.65
CA LYS C 106 -18.07 39.37 -27.35
C LYS C 106 -17.72 40.60 -26.52
N ALA C 107 -18.38 41.72 -26.82
CA ALA C 107 -18.20 42.96 -26.07
C ALA C 107 -18.77 42.80 -24.66
N GLN C 108 -19.88 42.08 -24.58
CA GLN C 108 -20.52 41.75 -23.31
C GLN C 108 -19.55 40.95 -22.43
N ALA C 109 -19.24 39.74 -22.86
CA ALA C 109 -18.32 38.88 -22.12
C ALA C 109 -17.00 39.58 -21.79
N LEU C 110 -16.62 40.53 -22.63
CA LEU C 110 -15.34 41.22 -22.48
C LEU C 110 -15.39 42.21 -21.30
N ARG C 111 -16.49 42.95 -21.20
CA ARG C 111 -16.68 43.87 -20.08
C ARG C 111 -16.90 43.11 -18.78
N ALA C 112 -17.66 42.02 -18.87
CA ALA C 112 -17.89 41.12 -17.74
C ALA C 112 -16.58 40.49 -17.24
N ALA C 113 -15.66 40.20 -18.16
CA ALA C 113 -14.49 39.43 -17.80
C ALA C 113 -13.28 40.26 -17.36
N TYR C 114 -13.22 41.53 -17.72
CA TYR C 114 -12.03 42.31 -17.41
C TYR C 114 -12.31 43.69 -16.82
N LEU C 115 -13.58 44.11 -16.85
CA LEU C 115 -13.94 45.49 -16.53
C LEU C 115 -14.81 45.68 -15.28
N GLU C 116 -15.57 44.65 -14.90
CA GLU C 116 -16.22 44.65 -13.60
C GLU C 116 -15.19 44.36 -12.51
N PRO C 117 -15.10 45.22 -11.47
CA PRO C 117 -14.08 45.07 -10.43
C PRO C 117 -14.20 43.75 -9.67
N GLN C 118 -15.33 43.08 -9.85
CA GLN C 118 -15.57 41.77 -9.28
C GLN C 118 -14.68 40.72 -9.91
N ALA C 119 -14.96 40.42 -11.18
CA ALA C 119 -14.36 39.30 -11.94
C ALA C 119 -12.89 38.97 -11.66
N GLN C 120 -12.55 37.70 -11.78
CA GLN C 120 -11.20 37.22 -11.55
C GLN C 120 -10.19 37.97 -12.39
N LEU C 121 -10.49 38.09 -13.68
CA LEU C 121 -9.58 38.69 -14.63
C LEU C 121 -9.71 40.21 -14.74
N PHE C 122 -10.18 40.85 -13.69
CA PHE C 122 -10.28 42.31 -13.66
C PHE C 122 -8.88 42.91 -13.88
N CYS C 123 -8.82 44.03 -14.60
CA CYS C 123 -7.53 44.64 -14.87
C CYS C 123 -7.26 45.88 -14.02
N SER C 124 -6.67 45.66 -12.85
CA SER C 124 -6.42 46.75 -11.91
C SER C 124 -5.46 47.84 -12.40
N PHE C 125 -4.71 47.56 -13.47
CA PHE C 125 -3.75 48.53 -14.01
C PHE C 125 -4.41 49.59 -14.90
N LEU C 126 -5.67 49.33 -15.27
CA LEU C 126 -6.45 50.30 -16.04
C LEU C 126 -7.03 51.39 -15.14
N ASP C 127 -6.55 52.62 -15.31
CA ASP C 127 -7.11 53.75 -14.57
C ASP C 127 -8.62 53.85 -14.85
N ALA C 128 -9.39 54.15 -13.81
CA ALA C 128 -10.85 54.16 -13.90
C ALA C 128 -11.43 54.98 -15.07
N GLU C 129 -10.80 56.09 -15.41
CA GLU C 129 -11.27 56.94 -16.49
C GLU C 129 -11.31 56.17 -17.81
N THR C 130 -10.30 55.33 -18.02
CA THR C 130 -10.25 54.46 -19.19
C THR C 130 -11.32 53.39 -19.13
N VAL C 131 -11.51 52.80 -17.94
CA VAL C 131 -12.49 51.75 -17.75
C VAL C 131 -13.90 52.27 -18.03
N ALA C 132 -14.17 53.49 -17.59
CA ALA C 132 -15.44 54.13 -17.86
C ALA C 132 -15.77 54.18 -19.36
N ARG C 133 -14.87 54.76 -20.15
CA ARG C 133 -15.08 54.83 -21.59
C ARG C 133 -15.32 53.44 -22.19
N ALA C 134 -14.46 52.48 -21.84
CA ALA C 134 -14.53 51.14 -22.40
C ALA C 134 -15.86 50.48 -22.09
N ARG C 135 -16.41 50.87 -20.94
CA ARG C 135 -17.69 50.37 -20.46
C ARG C 135 -18.86 50.81 -21.35
N ALA C 136 -18.80 52.04 -21.85
CA ALA C 136 -19.89 52.58 -22.66
C ALA C 136 -19.63 52.44 -24.16
N LEU C 142 -14.30 50.46 -31.02
CA LEU C 142 -14.89 50.39 -29.68
C LEU C 142 -13.83 50.25 -28.59
N PHE C 143 -13.10 49.15 -28.62
CA PHE C 143 -12.06 48.95 -27.61
C PHE C 143 -10.66 49.35 -28.08
N GLN C 144 -10.56 50.20 -29.10
CA GLN C 144 -9.26 50.66 -29.58
C GLN C 144 -8.49 51.41 -28.49
N PRO C 145 -9.16 52.35 -27.82
CA PRO C 145 -8.43 53.10 -26.81
C PRO C 145 -8.16 52.25 -25.56
N LEU C 146 -8.96 51.21 -25.35
CA LEU C 146 -8.66 50.22 -24.32
C LEU C 146 -7.35 49.51 -24.66
N LEU C 147 -7.29 48.97 -25.87
CA LEU C 147 -6.12 48.25 -26.34
C LEU C 147 -4.84 49.06 -26.23
N ARG C 148 -4.93 50.35 -26.50
CA ARG C 148 -3.76 51.23 -26.42
C ARG C 148 -3.27 51.31 -24.98
N ALA C 149 -4.22 51.31 -24.05
CA ALA C 149 -3.87 51.36 -22.64
C ALA C 149 -3.26 50.04 -22.14
N VAL C 150 -3.78 48.92 -22.62
CA VAL C 150 -3.23 47.61 -22.33
C VAL C 150 -1.79 47.48 -22.85
N LEU C 151 -1.58 47.90 -24.09
CA LEU C 151 -0.26 47.79 -24.67
C LEU C 151 0.70 48.77 -24.00
N ALA C 152 0.19 49.91 -23.59
CA ALA C 152 1.00 50.90 -22.88
C ALA C 152 1.49 50.30 -21.56
N HIS C 153 0.65 49.47 -20.98
CA HIS C 153 0.97 48.79 -19.73
C HIS C 153 2.03 47.71 -19.96
N LEU C 154 1.79 46.88 -20.98
CA LEU C 154 2.70 45.80 -21.26
C LEU C 154 4.09 46.30 -21.60
N GLY C 155 4.18 47.51 -22.17
CA GLY C 155 5.47 48.05 -22.58
C GLY C 155 6.38 48.49 -21.44
N GLN C 156 5.83 48.51 -20.22
CA GLN C 156 6.60 48.92 -19.05
C GLN C 156 7.29 47.73 -18.37
N ALA C 157 6.88 47.44 -17.14
CA ALA C 157 7.51 46.38 -16.38
C ALA C 157 7.41 45.03 -17.07
N PRO C 158 6.22 44.68 -17.57
CA PRO C 158 6.05 43.35 -18.16
C PRO C 158 7.07 43.10 -19.26
N PHE C 159 7.30 44.10 -20.08
CA PHE C 159 8.30 44.00 -21.13
C PHE C 159 9.70 43.91 -20.54
N GLN C 160 9.96 44.74 -19.54
CA GLN C 160 11.25 44.76 -18.88
C GLN C 160 11.55 43.41 -18.22
N GLU C 161 10.52 42.78 -17.68
CA GLU C 161 10.65 41.42 -17.15
C GLU C 161 10.96 40.41 -18.28
N PHE C 162 10.14 40.42 -19.34
CA PHE C 162 10.42 39.64 -20.53
C PHE C 162 11.90 39.68 -20.89
N LEU C 163 12.49 40.88 -20.95
CA LEU C 163 13.90 41.04 -21.32
C LEU C 163 14.85 40.29 -20.36
N ASP C 164 14.37 40.04 -19.15
CA ASP C 164 15.17 39.35 -18.14
C ASP C 164 14.75 37.89 -18.04
N SER C 165 14.04 37.41 -19.06
CA SER C 165 13.53 36.05 -19.02
C SER C 165 14.16 35.23 -20.13
N LEU C 166 13.92 33.92 -20.13
CA LEU C 166 14.48 33.04 -21.15
C LEU C 166 13.83 33.30 -22.49
N TYR C 167 12.54 33.62 -22.44
CA TYR C 167 11.80 33.90 -23.65
C TYR C 167 12.50 34.95 -24.53
N PHE C 168 13.08 35.97 -23.92
CA PHE C 168 13.80 36.95 -24.71
C PHE C 168 15.07 36.33 -25.34
N LEU C 169 15.74 35.45 -24.61
CA LEU C 169 16.91 34.76 -25.17
C LEU C 169 16.53 33.84 -26.33
N ARG C 170 15.33 33.28 -26.29
CA ARG C 170 14.85 32.47 -27.40
C ARG C 170 14.64 33.33 -28.65
N PHE C 171 14.11 34.52 -28.42
CA PHE C 171 13.89 35.46 -29.51
C PHE C 171 15.23 35.75 -30.18
N LEU C 172 16.31 35.78 -29.39
CA LEU C 172 17.62 36.08 -29.94
C LEU C 172 18.10 34.91 -30.77
N GLN C 173 17.77 33.69 -30.35
CA GLN C 173 18.15 32.53 -31.14
C GLN C 173 17.47 32.55 -32.52
N TRP C 174 16.18 32.85 -32.51
CA TRP C 174 15.42 32.91 -33.72
C TRP C 174 15.94 34.02 -34.64
N LYS C 175 16.23 35.18 -34.08
CA LYS C 175 16.77 36.28 -34.86
C LYS C 175 18.10 35.92 -35.48
N TRP C 176 18.77 34.93 -34.89
CA TRP C 176 20.05 34.47 -35.38
C TRP C 176 19.86 33.56 -36.57
N LEU C 177 18.85 32.71 -36.50
CA LEU C 177 18.59 31.77 -37.57
C LEU C 177 18.07 32.56 -38.79
N GLU C 178 17.37 33.65 -38.49
CA GLU C 178 16.80 34.52 -39.49
C GLU C 178 17.91 35.21 -40.29
N ALA C 179 18.99 35.54 -39.58
CA ALA C 179 20.10 36.25 -40.22
C ALA C 179 21.01 35.33 -41.01
N GLN C 180 20.83 34.03 -40.89
CA GLN C 180 21.69 33.11 -41.62
C GLN C 180 21.42 33.16 -43.13
N PRO C 181 22.44 32.87 -43.93
CA PRO C 181 22.29 32.89 -45.39
C PRO C 181 21.25 31.90 -45.94
N MET C 182 20.27 32.45 -46.66
CA MET C 182 19.29 31.65 -47.38
C MET C 182 19.10 32.30 -48.74
N GLY C 183 19.93 31.89 -49.70
CA GLY C 183 19.94 32.45 -51.03
C GLY C 183 19.38 31.50 -52.06
N GLU C 184 19.96 31.50 -53.27
CA GLU C 184 19.37 30.77 -54.40
C GLU C 184 19.16 29.25 -54.23
N ASP C 185 20.13 28.60 -53.60
CA ASP C 185 20.08 27.15 -53.45
C ASP C 185 18.91 26.75 -52.56
N TRP C 186 18.34 27.74 -51.89
CA TRP C 186 17.23 27.51 -50.98
C TRP C 186 15.86 27.55 -51.66
N PHE C 187 15.83 27.74 -52.97
CA PHE C 187 14.55 27.92 -53.67
C PHE C 187 14.45 27.14 -54.96
N LEU C 188 13.29 26.52 -55.17
CA LEU C 188 13.12 25.67 -56.32
C LEU C 188 12.10 26.28 -57.24
N ASP C 189 12.57 26.81 -58.38
CA ASP C 189 11.66 27.33 -59.41
C ASP C 189 10.96 26.15 -60.07
N PHE C 190 9.69 26.34 -60.46
CA PHE C 190 8.96 25.21 -61.04
C PHE C 190 7.82 25.57 -62.02
N ARG C 191 7.71 26.86 -62.36
CA ARG C 191 6.74 27.32 -63.36
C ARG C 191 6.93 28.82 -63.55
N VAL C 192 6.69 29.30 -64.76
CA VAL C 192 6.75 30.73 -65.04
C VAL C 192 5.41 31.40 -64.75
N LEU C 193 5.43 32.49 -64.00
CA LEU C 193 4.19 33.17 -63.63
C LEU C 193 3.95 34.33 -64.57
N GLY C 194 5.01 34.73 -65.28
CA GLY C 194 4.93 35.88 -66.15
C GLY C 194 6.30 36.36 -66.61
N ARG C 195 6.30 37.31 -67.53
CA ARG C 195 7.54 37.85 -68.07
C ARG C 195 7.61 39.35 -67.84
N GLY C 196 8.81 39.83 -67.53
CA GLY C 196 9.01 41.23 -67.20
C GLY C 196 10.26 41.75 -67.90
N GLY C 197 10.37 43.07 -67.96
CA GLY C 197 11.49 43.73 -68.61
C GLY C 197 12.88 43.11 -68.45
N PHE C 198 13.21 42.60 -67.28
CA PHE C 198 14.57 42.14 -67.11
C PHE C 198 14.73 40.67 -66.82
N GLY C 199 13.66 39.91 -66.98
CA GLY C 199 13.75 38.50 -66.66
C GLY C 199 12.37 37.95 -66.33
N GLU C 200 12.32 36.64 -66.11
CA GLU C 200 11.04 36.02 -65.87
C GLU C 200 10.68 36.03 -64.40
N VAL C 201 9.42 35.75 -64.12
CA VAL C 201 8.97 35.59 -62.77
C VAL C 201 8.54 34.14 -62.64
N PHE C 202 9.07 33.46 -61.60
CA PHE C 202 8.78 32.05 -61.37
C PHE C 202 8.02 31.85 -60.10
N ALA C 203 7.09 30.89 -60.14
CA ALA C 203 6.55 30.34 -58.90
C ALA C 203 7.62 29.41 -58.37
N CYS C 204 7.96 29.55 -57.10
CA CYS C 204 9.04 28.77 -56.54
C CYS C 204 8.71 28.37 -55.12
N GLN C 205 9.44 27.37 -54.62
CA GLN C 205 9.23 26.84 -53.29
C GLN C 205 10.45 27.11 -52.43
N MET C 206 10.20 27.53 -51.18
CA MET C 206 11.27 27.64 -50.21
C MET C 206 11.48 26.22 -49.67
N LYS C 207 12.64 25.65 -49.97
CA LYS C 207 12.86 24.22 -49.80
C LYS C 207 12.65 23.71 -48.36
N ALA C 208 13.16 24.46 -47.39
CA ALA C 208 12.99 24.11 -45.99
C ALA C 208 11.53 23.98 -45.62
N THR C 209 10.78 25.04 -45.84
CA THR C 209 9.43 25.13 -45.31
C THR C 209 8.40 24.61 -46.30
N GLY C 210 8.73 24.66 -47.58
CA GLY C 210 7.80 24.28 -48.63
C GLY C 210 6.79 25.37 -48.95
N LYS C 211 7.00 26.56 -48.40
CA LYS C 211 6.09 27.67 -48.70
C LYS C 211 6.26 28.12 -50.13
N LEU C 212 5.14 28.46 -50.75
CA LEU C 212 5.14 28.89 -52.14
C LEU C 212 5.30 30.40 -52.27
N TYR C 213 6.26 30.82 -53.09
CA TYR C 213 6.52 32.23 -53.37
C TYR C 213 6.58 32.53 -54.88
N ALA C 214 6.76 33.81 -55.22
CA ALA C 214 7.06 34.23 -56.58
C ALA C 214 8.47 34.79 -56.58
N CYS C 215 9.32 34.29 -57.46
CA CYS C 215 10.69 34.81 -57.56
C CYS C 215 10.85 35.60 -58.86
N LYS C 216 11.05 36.90 -58.73
CA LYS C 216 11.24 37.78 -59.87
C LYS C 216 12.72 37.95 -60.17
N LYS C 217 13.12 37.60 -61.38
CA LYS C 217 14.53 37.67 -61.77
C LYS C 217 14.82 38.94 -62.57
N LEU C 218 15.95 39.57 -62.26
CA LEU C 218 16.50 40.65 -63.06
C LEU C 218 17.91 40.28 -63.51
N ASN C 219 18.02 39.76 -64.73
CA ASN C 219 19.30 39.55 -65.36
C ASN C 219 20.22 40.75 -65.13
N LYS C 220 21.43 40.49 -64.65
CA LYS C 220 22.34 41.56 -64.25
C LYS C 220 22.85 42.40 -65.42
N LYS C 221 23.17 41.76 -66.54
CA LYS C 221 23.74 42.47 -67.67
C LYS C 221 22.77 43.46 -68.30
N ARG C 222 21.54 43.00 -68.56
CA ARG C 222 20.50 43.86 -69.12
C ARG C 222 20.27 45.05 -68.22
N LEU C 223 20.15 44.78 -66.94
CA LEU C 223 19.95 45.84 -65.96
C LEU C 223 20.97 46.95 -66.12
N LYS C 224 22.24 46.59 -66.28
CA LYS C 224 23.28 47.59 -66.51
C LYS C 224 23.11 48.22 -67.89
N LYS C 225 22.98 47.39 -68.93
CA LYS C 225 22.90 47.90 -70.30
C LYS C 225 21.82 48.96 -70.46
N ARG C 226 20.69 48.78 -69.77
CA ARG C 226 19.56 49.67 -69.90
C ARG C 226 19.40 50.69 -68.77
N LYS C 227 20.46 50.91 -67.99
CA LYS C 227 20.44 51.94 -66.96
C LYS C 227 19.27 51.78 -65.97
N GLY C 228 18.99 50.55 -65.54
CA GLY C 228 17.81 50.31 -64.71
C GLY C 228 18.04 50.04 -63.22
N TYR C 229 19.21 50.41 -62.71
CA TYR C 229 19.51 50.20 -61.29
C TYR C 229 18.60 50.97 -60.33
N GLN C 230 18.35 52.24 -60.58
CA GLN C 230 17.53 53.03 -59.70
C GLN C 230 16.13 52.42 -59.58
N GLY C 231 15.52 52.10 -60.72
CA GLY C 231 14.18 51.54 -60.70
C GLY C 231 14.11 50.25 -59.91
N ALA C 232 15.08 49.36 -60.14
CA ALA C 232 15.13 48.05 -59.54
C ALA C 232 15.25 48.17 -58.04
N MET C 233 16.01 49.16 -57.60
CA MET C 233 16.31 49.34 -56.18
C MET C 233 15.12 49.96 -55.47
N VAL C 234 14.59 51.02 -56.05
CA VAL C 234 13.39 51.67 -55.51
C VAL C 234 12.34 50.64 -55.21
N GLU C 235 12.22 49.63 -56.07
CA GLU C 235 11.23 48.61 -55.86
C GLU C 235 11.58 47.72 -54.66
N LYS C 236 12.83 47.29 -54.60
CA LYS C 236 13.24 46.36 -53.56
C LYS C 236 13.08 47.02 -52.20
N LYS C 237 13.46 48.30 -52.10
CA LYS C 237 13.39 49.01 -50.85
C LYS C 237 11.96 49.27 -50.42
N ILE C 238 11.09 49.56 -51.38
CA ILE C 238 9.68 49.79 -51.07
C ILE C 238 9.06 48.50 -50.58
N LEU C 239 9.25 47.41 -51.32
CA LEU C 239 8.63 46.13 -50.95
C LEU C 239 9.13 45.55 -49.63
N ALA C 240 10.32 45.97 -49.21
CA ALA C 240 10.93 45.45 -47.99
C ALA C 240 10.41 46.18 -46.74
N LYS C 241 10.34 47.51 -46.83
CA LYS C 241 9.99 48.34 -45.71
C LYS C 241 8.48 48.55 -45.55
N VAL C 242 7.70 47.92 -46.42
CA VAL C 242 6.23 48.06 -46.38
C VAL C 242 5.52 46.73 -46.12
N HIS C 243 4.57 46.73 -45.19
CA HIS C 243 3.92 45.49 -44.81
C HIS C 243 2.43 45.67 -44.80
N SER C 244 1.80 45.43 -45.94
CA SER C 244 0.36 45.60 -46.10
C SER C 244 -0.22 44.39 -46.79
N ARG C 245 -1.44 44.01 -46.47
CA ARG C 245 -2.02 42.88 -47.19
C ARG C 245 -2.45 43.26 -48.62
N PHE C 246 -2.24 44.53 -48.98
CA PHE C 246 -2.61 45.00 -50.32
C PHE C 246 -1.44 45.41 -51.22
N ILE C 247 -0.22 45.41 -50.68
CA ILE C 247 0.99 45.46 -51.48
C ILE C 247 1.59 44.05 -51.49
N VAL C 248 2.16 43.62 -52.62
CA VAL C 248 2.87 42.33 -52.61
C VAL C 248 4.06 42.49 -51.67
N SER C 249 4.41 41.40 -51.01
CA SER C 249 5.36 41.48 -49.88
C SER C 249 6.69 40.79 -50.17
N LEU C 250 7.79 41.51 -49.93
CA LEU C 250 9.12 40.95 -50.16
C LEU C 250 9.56 40.09 -48.95
N ALA C 251 9.94 38.83 -49.24
CA ALA C 251 10.43 37.92 -48.20
C ALA C 251 11.97 37.79 -48.22
N TYR C 252 12.53 37.65 -49.42
CA TYR C 252 13.97 37.53 -49.57
C TYR C 252 14.49 38.40 -50.74
N ALA C 253 15.75 38.80 -50.67
CA ALA C 253 16.39 39.51 -51.78
C ALA C 253 17.85 39.10 -51.90
N PHE C 254 18.18 38.32 -52.93
CA PHE C 254 19.55 37.85 -53.12
C PHE C 254 20.01 37.91 -54.58
N GLU C 255 21.21 37.41 -54.84
CA GLU C 255 21.79 37.49 -56.17
C GLU C 255 22.38 36.16 -56.63
N THR C 256 22.37 35.93 -57.95
CA THR C 256 22.98 34.73 -58.52
C THR C 256 24.13 35.17 -59.42
N LYS C 257 24.77 34.22 -60.07
CA LYS C 257 25.78 34.58 -61.08
C LYS C 257 25.17 35.55 -62.08
N THR C 258 23.95 35.26 -62.50
CA THR C 258 23.33 35.96 -63.60
C THR C 258 22.26 36.98 -63.22
N ASP C 259 21.65 36.79 -62.05
CA ASP C 259 20.45 37.57 -61.68
C ASP C 259 20.48 38.23 -60.30
N LEU C 260 19.71 39.30 -60.16
CA LEU C 260 19.19 39.73 -58.86
C LEU C 260 17.84 39.03 -58.67
N CYS C 261 17.45 38.74 -57.43
CA CYS C 261 16.18 38.04 -57.20
C CYS C 261 15.31 38.71 -56.14
N LEU C 262 14.01 38.72 -56.37
CA LEU C 262 13.05 39.17 -55.37
C LEU C 262 12.06 38.06 -55.12
N VAL C 263 12.12 37.46 -53.94
CA VAL C 263 11.17 36.44 -53.54
C VAL C 263 10.06 37.16 -52.79
N MET C 264 8.84 37.01 -53.25
CA MET C 264 7.75 37.83 -52.72
C MET C 264 6.45 37.06 -52.72
N THR C 265 5.44 37.60 -52.06
CA THR C 265 4.09 37.05 -52.14
C THR C 265 3.75 36.54 -53.54
N ILE C 266 3.24 35.32 -53.63
CA ILE C 266 2.79 34.79 -54.90
C ILE C 266 1.34 35.19 -55.13
N MET C 267 1.06 35.67 -56.34
CA MET C 267 -0.29 36.09 -56.73
C MET C 267 -0.67 35.37 -58.00
N ASN C 268 -1.45 34.30 -57.86
CA ASN C 268 -1.62 33.32 -58.92
C ASN C 268 -2.85 33.52 -59.82
N GLY C 269 -3.67 34.52 -59.48
CA GLY C 269 -4.94 34.72 -60.14
C GLY C 269 -5.00 35.75 -61.26
N GLY C 270 -3.86 36.05 -61.90
CA GLY C 270 -3.85 37.00 -63.01
C GLY C 270 -4.09 38.43 -62.59
N ASP C 271 -3.86 39.37 -63.50
CA ASP C 271 -4.07 40.78 -63.14
C ASP C 271 -5.43 41.29 -63.58
N ILE C 272 -5.82 42.42 -63.02
CA ILE C 272 -7.14 42.96 -63.27
C ILE C 272 -7.37 43.17 -64.75
N ARG C 273 -6.32 43.58 -65.46
CA ARG C 273 -6.51 43.91 -66.87
C ARG C 273 -6.80 42.64 -67.65
N TYR C 274 -6.07 41.58 -67.35
CA TYR C 274 -6.40 40.30 -67.97
C TYR C 274 -7.86 39.99 -67.69
N HIS C 275 -8.25 40.15 -66.43
CA HIS C 275 -9.61 39.82 -66.03
C HIS C 275 -10.70 40.71 -66.64
N ILE C 276 -10.35 41.92 -67.05
CA ILE C 276 -11.31 42.82 -67.66
C ILE C 276 -11.66 42.36 -69.08
N TYR C 277 -10.64 41.99 -69.85
CA TYR C 277 -10.84 41.77 -71.28
C TYR C 277 -10.82 40.30 -71.67
N ASN C 278 -10.08 39.49 -70.94
CA ASN C 278 -9.71 38.18 -71.46
C ASN C 278 -10.53 37.01 -70.94
N VAL C 279 -11.32 37.23 -69.90
CA VAL C 279 -12.12 36.15 -69.38
C VAL C 279 -13.47 36.12 -70.11
N ASP C 280 -14.19 37.23 -70.02
CA ASP C 280 -15.52 37.34 -70.65
C ASP C 280 -15.48 38.01 -72.02
N GLU C 281 -14.51 37.61 -72.86
CA GLU C 281 -14.21 38.27 -74.15
C GLU C 281 -15.25 39.17 -74.82
N ASP C 282 -16.45 38.64 -75.03
CA ASP C 282 -17.47 39.37 -75.79
C ASP C 282 -18.30 40.33 -74.92
N ASN C 283 -18.23 40.14 -73.60
CA ASN C 283 -18.86 41.05 -72.64
C ASN C 283 -17.86 41.60 -71.62
N PRO C 284 -16.88 42.38 -72.11
CA PRO C 284 -15.76 42.86 -71.29
C PRO C 284 -16.21 43.81 -70.19
N GLY C 285 -15.66 43.63 -68.99
CA GLY C 285 -15.89 44.54 -67.88
C GLY C 285 -16.23 43.85 -66.57
N PHE C 286 -16.40 44.65 -65.53
CA PHE C 286 -16.80 44.13 -64.22
C PHE C 286 -18.16 44.69 -63.82
N GLN C 287 -19.01 43.82 -63.28
CA GLN C 287 -20.20 44.28 -62.60
C GLN C 287 -19.74 45.15 -61.44
N GLU C 288 -20.42 46.28 -61.25
CA GLU C 288 -20.02 47.26 -60.23
C GLU C 288 -19.49 46.70 -58.90
N PRO C 289 -20.26 45.80 -58.27
CA PRO C 289 -19.82 45.34 -56.96
C PRO C 289 -18.39 44.85 -57.01
N ARG C 290 -18.09 43.99 -57.99
CA ARG C 290 -16.74 43.44 -58.09
C ARG C 290 -15.75 44.58 -58.25
N ALA C 291 -16.04 45.48 -59.18
CA ALA C 291 -15.15 46.61 -59.44
C ALA C 291 -14.94 47.48 -58.21
N ILE C 292 -15.98 47.58 -57.38
CA ILE C 292 -15.90 48.39 -56.18
C ILE C 292 -15.04 47.70 -55.12
N PHE C 293 -15.22 46.40 -55.01
CA PHE C 293 -14.43 45.61 -54.06
C PHE C 293 -12.94 45.90 -54.31
N TYR C 294 -12.49 45.71 -55.55
CA TYR C 294 -11.11 45.98 -55.97
C TYR C 294 -10.70 47.42 -55.65
N THR C 295 -11.51 48.37 -56.09
CA THR C 295 -11.24 49.77 -55.80
C THR C 295 -10.99 49.96 -54.30
N ALA C 296 -11.82 49.31 -53.49
CA ALA C 296 -11.69 49.41 -52.05
C ALA C 296 -10.35 48.82 -51.60
N GLN C 297 -10.04 47.62 -52.05
CA GLN C 297 -8.74 47.03 -51.72
C GLN C 297 -7.59 47.95 -52.19
N ILE C 298 -7.62 48.36 -53.46
CA ILE C 298 -6.58 49.23 -54.03
C ILE C 298 -6.42 50.50 -53.20
N VAL C 299 -7.53 51.12 -52.84
CA VAL C 299 -7.49 52.35 -52.05
C VAL C 299 -6.71 52.11 -50.78
N SER C 300 -6.80 50.90 -50.25
CA SER C 300 -6.11 50.58 -49.02
C SER C 300 -4.64 50.47 -49.30
N GLY C 301 -4.32 49.89 -50.45
CA GLY C 301 -2.95 49.87 -50.93
C GLY C 301 -2.31 51.26 -51.02
N LEU C 302 -3.05 52.24 -51.53
CA LEU C 302 -2.48 53.59 -51.69
C LEU C 302 -2.24 54.23 -50.33
N GLU C 303 -3.25 54.12 -49.46
CA GLU C 303 -3.17 54.79 -48.17
C GLU C 303 -1.88 54.39 -47.45
N HIS C 304 -1.55 53.11 -47.53
CA HIS C 304 -0.36 52.62 -46.88
C HIS C 304 0.87 53.27 -47.49
N LEU C 305 0.96 53.21 -48.82
CA LEU C 305 2.07 53.87 -49.50
C LEU C 305 2.16 55.35 -49.14
N HIS C 306 1.03 56.05 -49.13
CA HIS C 306 1.09 57.49 -48.89
C HIS C 306 1.42 57.79 -47.43
N GLN C 307 1.00 56.91 -46.53
CA GLN C 307 1.29 57.07 -45.11
C GLN C 307 2.77 56.96 -44.84
N ARG C 308 3.48 56.23 -45.71
CA ARG C 308 4.92 56.09 -45.61
C ARG C 308 5.62 57.04 -46.58
N ASN C 309 4.90 58.08 -47.01
CA ASN C 309 5.42 59.07 -47.95
C ASN C 309 5.97 58.46 -49.22
N ILE C 310 5.23 57.53 -49.79
CA ILE C 310 5.63 56.95 -51.06
C ILE C 310 4.61 57.32 -52.11
N ILE C 311 5.10 57.70 -53.30
CA ILE C 311 4.23 57.90 -54.44
C ILE C 311 4.41 56.74 -55.40
N TYR C 312 3.31 56.05 -55.67
CA TYR C 312 3.29 54.87 -56.55
C TYR C 312 3.71 55.24 -57.97
N ARG C 313 2.97 56.18 -58.57
CA ARG C 313 3.24 56.68 -59.91
C ARG C 313 2.90 55.70 -61.05
N ASP C 314 2.45 54.50 -60.73
CA ASP C 314 2.26 53.52 -61.80
C ASP C 314 1.05 52.62 -61.56
N LEU C 315 0.00 53.13 -60.93
CA LEU C 315 -1.17 52.29 -60.68
C LEU C 315 -1.93 52.04 -61.97
N LYS C 316 -2.27 50.77 -62.22
CA LYS C 316 -3.08 50.41 -63.38
C LYS C 316 -3.52 48.95 -63.37
N PRO C 317 -4.59 48.64 -64.11
CA PRO C 317 -5.14 47.28 -64.15
C PRO C 317 -4.06 46.19 -64.27
N GLU C 318 -3.06 46.42 -65.10
CA GLU C 318 -2.07 45.36 -65.38
C GLU C 318 -1.11 45.16 -64.22
N ASN C 319 -1.13 46.10 -63.29
CA ASN C 319 -0.21 46.09 -62.16
C ASN C 319 -0.84 45.62 -60.87
N VAL C 320 -2.16 45.41 -60.91
CA VAL C 320 -2.93 44.95 -59.76
C VAL C 320 -3.19 43.45 -59.89
N LEU C 321 -2.61 42.66 -58.98
CA LEU C 321 -2.71 41.21 -59.07
C LEU C 321 -3.77 40.56 -58.12
N LEU C 322 -4.28 39.39 -58.55
CA LEU C 322 -5.17 38.55 -57.75
C LEU C 322 -4.44 37.34 -57.15
N ASP C 323 -4.66 37.08 -55.86
CA ASP C 323 -4.15 35.83 -55.29
C ASP C 323 -5.18 34.72 -55.46
N ASP C 324 -4.89 33.53 -54.95
CA ASP C 324 -5.75 32.37 -55.15
C ASP C 324 -7.22 32.55 -54.69
N ASP C 325 -7.43 33.41 -53.70
CA ASP C 325 -8.76 33.59 -53.10
C ASP C 325 -9.53 34.65 -53.84
N GLY C 326 -8.83 35.47 -54.61
CA GLY C 326 -9.49 36.56 -55.29
C GLY C 326 -9.26 37.87 -54.58
N ASN C 327 -8.32 37.88 -53.65
CA ASN C 327 -7.87 39.17 -53.13
C ASN C 327 -6.76 39.80 -53.98
N VAL C 328 -6.57 41.09 -53.81
CA VAL C 328 -5.85 41.88 -54.76
C VAL C 328 -4.72 42.64 -54.07
N ARG C 329 -3.57 42.70 -54.71
CA ARG C 329 -2.47 43.50 -54.18
C ARG C 329 -1.85 44.30 -55.29
N ILE C 330 -1.38 45.51 -54.97
CA ILE C 330 -0.64 46.25 -55.97
C ILE C 330 0.80 45.74 -56.03
N SER C 331 1.40 45.86 -57.21
CA SER C 331 2.72 45.32 -57.47
C SER C 331 3.36 46.17 -58.55
N ASP C 332 4.65 45.90 -58.81
CA ASP C 332 5.44 46.58 -59.83
C ASP C 332 5.71 47.99 -59.36
N LEU C 333 6.90 48.22 -58.80
CA LEU C 333 7.15 49.51 -58.17
C LEU C 333 8.41 50.27 -58.60
N GLY C 334 8.95 49.91 -59.77
CA GLY C 334 10.14 50.56 -60.28
C GLY C 334 9.98 52.06 -60.49
N LEU C 335 8.75 52.55 -60.58
CA LEU C 335 8.54 53.96 -60.88
C LEU C 335 8.16 54.77 -59.67
N ALA C 336 8.06 54.09 -58.54
CA ALA C 336 7.75 54.74 -57.28
C ALA C 336 8.82 55.76 -56.86
N VAL C 337 8.48 56.67 -55.95
CA VAL C 337 9.48 57.55 -55.36
C VAL C 337 9.18 57.72 -53.89
N GLU C 338 10.22 57.70 -53.06
CA GLU C 338 10.06 57.97 -51.63
C GLU C 338 10.39 59.43 -51.34
N LEU C 339 9.42 60.15 -50.80
CA LEU C 339 9.69 61.53 -50.39
C LEU C 339 10.57 61.56 -49.14
N LYS C 340 11.75 62.14 -49.27
CA LYS C 340 12.64 62.36 -48.13
C LYS C 340 11.86 63.05 -47.03
N ALA C 341 12.22 62.76 -45.78
CA ALA C 341 11.50 63.30 -44.65
C ALA C 341 11.44 64.83 -44.72
N GLY C 342 10.25 65.37 -44.44
CA GLY C 342 10.02 66.80 -44.54
C GLY C 342 9.58 67.26 -45.92
N GLN C 343 9.92 66.47 -46.95
CA GLN C 343 9.52 66.78 -48.34
C GLN C 343 8.05 66.43 -48.61
N THR C 344 7.33 67.36 -49.23
CA THR C 344 5.91 67.15 -49.43
C THR C 344 5.52 67.01 -50.90
N LYS C 345 6.35 67.51 -51.79
CA LYS C 345 6.07 67.43 -53.21
C LYS C 345 7.31 67.07 -54.03
N THR C 346 7.10 66.60 -55.25
CA THR C 346 8.22 66.16 -56.06
C THR C 346 7.98 66.42 -57.55
N LYS C 347 9.04 66.31 -58.36
CA LYS C 347 8.92 66.50 -59.80
C LYS C 347 9.49 65.29 -60.50
N GLY C 348 9.20 65.20 -61.80
CA GLY C 348 9.74 64.12 -62.63
C GLY C 348 8.70 63.42 -63.49
N TYR C 349 8.96 63.35 -64.79
CA TYR C 349 8.09 62.63 -65.72
C TYR C 349 8.30 61.13 -65.49
N ALA C 350 7.22 60.42 -65.20
CA ALA C 350 7.30 58.99 -64.98
C ALA C 350 5.91 58.40 -64.97
N GLY C 351 5.72 57.29 -65.67
CA GLY C 351 4.46 56.60 -65.58
C GLY C 351 4.01 56.01 -66.89
N THR C 352 2.77 55.54 -66.90
CA THR C 352 2.22 54.94 -68.07
C THR C 352 1.28 55.94 -68.69
N PRO C 353 1.48 56.23 -69.98
CA PRO C 353 0.63 57.09 -70.82
C PRO C 353 -0.84 56.69 -70.71
N GLY C 354 -1.67 57.63 -70.27
CA GLY C 354 -3.09 57.36 -70.09
C GLY C 354 -3.44 57.22 -68.63
N PHE C 355 -2.42 57.30 -67.77
CA PHE C 355 -2.64 57.20 -66.34
C PHE C 355 -1.96 58.33 -65.58
N MET C 356 -0.98 58.97 -66.19
CA MET C 356 -0.31 60.11 -65.55
C MET C 356 -1.27 61.29 -65.46
N ALA C 357 -1.30 61.93 -64.31
CA ALA C 357 -2.25 63.01 -64.05
C ALA C 357 -1.74 64.36 -64.54
N PRO C 358 -2.67 65.28 -64.85
CA PRO C 358 -2.38 66.62 -65.39
C PRO C 358 -1.18 67.33 -64.75
N GLU C 359 -1.15 67.49 -63.43
CA GLU C 359 -0.04 68.20 -62.80
C GLU C 359 1.30 67.65 -63.26
N LEU C 360 1.36 66.33 -63.44
CA LEU C 360 2.60 65.66 -63.79
C LEU C 360 3.00 66.04 -65.20
N LEU C 361 2.02 66.02 -66.08
CA LEU C 361 2.23 66.34 -67.47
C LEU C 361 2.66 67.80 -67.60
N LEU C 362 2.05 68.68 -66.81
CA LEU C 362 2.29 70.13 -66.92
C LEU C 362 3.65 70.48 -66.37
N GLY C 363 4.41 69.45 -66.03
CA GLY C 363 5.76 69.63 -65.55
C GLY C 363 5.79 70.25 -64.17
N GLU C 364 4.63 70.30 -63.52
CA GLU C 364 4.55 70.85 -62.18
C GLU C 364 5.06 69.86 -61.13
N GLU C 365 5.11 70.32 -59.88
CA GLU C 365 5.46 69.46 -58.77
C GLU C 365 4.20 68.89 -58.14
N TYR C 366 4.25 67.60 -57.82
CA TYR C 366 3.03 66.86 -57.48
C TYR C 366 3.06 66.06 -56.15
N ASP C 367 1.86 65.60 -55.77
CA ASP C 367 1.54 65.02 -54.47
C ASP C 367 1.31 63.52 -54.61
N PHE C 368 0.67 62.95 -53.61
CA PHE C 368 0.12 61.61 -53.74
C PHE C 368 -1.07 61.69 -54.70
N SER C 369 -1.60 62.90 -54.86
CA SER C 369 -2.79 63.15 -55.66
C SER C 369 -2.72 62.41 -57.00
N VAL C 370 -1.54 62.46 -57.58
CA VAL C 370 -1.24 61.75 -58.80
C VAL C 370 -1.85 60.35 -58.79
N ASP C 371 -1.61 59.59 -57.72
CA ASP C 371 -2.07 58.21 -57.65
C ASP C 371 -3.61 58.09 -57.74
N TYR C 372 -4.30 59.08 -57.19
CA TYR C 372 -5.76 59.05 -57.15
C TYR C 372 -6.35 59.29 -58.53
N PHE C 373 -5.65 60.05 -59.34
CA PHE C 373 -6.09 60.22 -60.71
C PHE C 373 -5.98 58.86 -61.40
N ALA C 374 -4.88 58.17 -61.14
CA ALA C 374 -4.67 56.85 -61.71
C ALA C 374 -5.76 55.89 -61.24
N LEU C 375 -6.14 56.01 -59.96
CA LEU C 375 -7.18 55.17 -59.41
C LEU C 375 -8.44 55.35 -60.24
N GLY C 376 -8.76 56.61 -60.53
CA GLY C 376 -9.94 56.97 -61.30
C GLY C 376 -9.96 56.36 -62.70
N VAL C 377 -8.85 56.51 -63.41
CA VAL C 377 -8.75 55.92 -64.74
C VAL C 377 -8.97 54.42 -64.62
N THR C 378 -8.53 53.86 -63.48
CA THR C 378 -8.53 52.42 -63.26
C THR C 378 -9.93 51.89 -63.02
N LEU C 379 -10.65 52.54 -62.12
CA LEU C 379 -12.02 52.15 -61.83
C LEU C 379 -12.80 52.27 -63.14
N TYR C 380 -12.57 53.37 -63.85
CA TYR C 380 -13.22 53.62 -65.12
C TYR C 380 -13.01 52.47 -66.10
N GLU C 381 -11.76 52.02 -66.23
CA GLU C 381 -11.48 50.95 -67.17
C GLU C 381 -12.16 49.68 -66.69
N MET C 382 -12.19 49.47 -65.38
CA MET C 382 -12.75 48.23 -64.82
C MET C 382 -14.24 48.09 -65.18
N ILE C 383 -14.89 49.21 -65.36
CA ILE C 383 -16.33 49.23 -65.61
C ILE C 383 -16.66 49.35 -67.09
N ALA C 384 -15.87 50.12 -67.82
CA ALA C 384 -16.15 50.39 -69.24
C ALA C 384 -15.42 49.48 -70.25
N ALA C 385 -14.46 48.71 -69.77
CA ALA C 385 -13.59 47.96 -70.67
C ALA C 385 -13.02 48.85 -71.78
N ARG C 386 -12.73 50.10 -71.43
CA ARG C 386 -12.06 51.01 -72.35
C ARG C 386 -11.43 52.16 -71.57
N GLY C 387 -10.47 52.84 -72.19
CA GLY C 387 -9.89 54.02 -71.59
C GLY C 387 -10.81 55.22 -71.73
N PRO C 388 -10.65 56.21 -70.85
CA PRO C 388 -11.47 57.43 -70.87
C PRO C 388 -10.99 58.39 -71.96
N PHE C 389 -9.78 58.15 -72.46
CA PHE C 389 -9.12 59.16 -73.28
C PHE C 389 -8.91 58.77 -74.73
N ARG C 390 -9.16 57.50 -75.06
CA ARG C 390 -9.18 57.11 -76.46
C ARG C 390 -10.13 55.96 -76.76
N ALA C 391 -10.43 55.79 -78.05
CA ALA C 391 -11.35 54.78 -78.54
C ALA C 391 -10.62 53.45 -78.74
N ARG C 392 -11.37 52.37 -78.91
CA ARG C 392 -10.74 51.08 -79.05
C ARG C 392 -9.83 51.07 -80.27
N GLY C 393 -8.55 50.75 -80.04
CA GLY C 393 -7.59 50.63 -81.13
C GLY C 393 -6.97 51.95 -81.51
N GLU C 394 -7.63 53.04 -81.11
CA GLU C 394 -7.11 54.38 -81.33
C GLU C 394 -5.74 54.52 -80.68
N LYS C 395 -4.73 54.76 -81.50
CA LYS C 395 -3.39 54.98 -81.00
C LYS C 395 -2.93 56.35 -81.45
N VAL C 396 -2.57 57.21 -80.51
CA VAL C 396 -2.19 58.57 -80.85
C VAL C 396 -0.78 58.90 -80.38
N GLU C 397 -0.27 60.03 -80.81
CA GLU C 397 1.05 60.47 -80.38
C GLU C 397 0.99 60.96 -78.95
N ASN C 398 2.10 60.85 -78.22
CA ASN C 398 2.16 61.33 -76.85
C ASN C 398 1.58 62.75 -76.75
N LYS C 399 2.13 63.66 -77.54
CA LYS C 399 1.66 65.05 -77.59
C LYS C 399 0.12 65.17 -77.57
N GLU C 400 -0.55 64.31 -78.34
CA GLU C 400 -2.01 64.36 -78.45
C GLU C 400 -2.69 63.77 -77.21
N LEU C 401 -2.20 62.61 -76.77
CA LEU C 401 -2.77 61.96 -75.58
C LEU C 401 -2.69 62.91 -74.40
N LYS C 402 -1.56 63.60 -74.29
CA LYS C 402 -1.36 64.60 -73.26
C LYS C 402 -2.47 65.65 -73.26
N GLN C 403 -2.72 66.26 -74.42
CA GLN C 403 -3.79 67.25 -74.56
C GLN C 403 -5.15 66.72 -74.11
N ARG C 404 -5.48 65.49 -74.48
CA ARG C 404 -6.75 64.91 -74.04
C ARG C 404 -6.82 64.86 -72.52
N VAL C 405 -5.78 64.33 -71.90
CA VAL C 405 -5.76 64.20 -70.45
C VAL C 405 -5.88 65.57 -69.80
N LEU C 406 -5.18 66.55 -70.36
CA LEU C 406 -5.15 67.91 -69.81
C LEU C 406 -6.46 68.66 -69.97
N GLU C 407 -7.12 68.52 -71.13
CA GLU C 407 -8.27 69.38 -71.41
C GLU C 407 -9.57 68.69 -71.86
N GLN C 408 -9.49 67.40 -72.15
CA GLN C 408 -10.69 66.66 -72.52
C GLN C 408 -11.50 66.25 -71.29
N ALA C 409 -12.79 66.54 -71.32
CA ALA C 409 -13.68 66.15 -70.23
C ALA C 409 -14.17 64.72 -70.46
N VAL C 410 -14.13 63.91 -69.40
CA VAL C 410 -14.45 62.49 -69.57
C VAL C 410 -15.93 62.24 -69.83
N THR C 411 -16.22 61.15 -70.53
CA THR C 411 -17.58 60.74 -70.88
C THR C 411 -17.95 59.40 -70.24
N TYR C 412 -19.09 59.35 -69.56
CA TYR C 412 -19.49 58.17 -68.83
C TYR C 412 -20.73 57.50 -69.40
N PRO C 413 -20.55 56.35 -70.07
CA PRO C 413 -21.65 55.58 -70.65
C PRO C 413 -22.68 55.16 -69.63
N ASP C 414 -23.58 54.26 -70.02
CA ASP C 414 -24.69 53.88 -69.15
C ASP C 414 -24.30 52.82 -68.14
N LYS C 415 -23.31 52.01 -68.48
CA LYS C 415 -22.80 50.99 -67.56
C LYS C 415 -22.52 51.56 -66.17
N PHE C 416 -22.28 52.87 -66.12
CA PHE C 416 -22.00 53.52 -64.84
C PHE C 416 -23.27 53.80 -64.05
N SER C 417 -23.15 53.71 -62.72
CA SER C 417 -24.23 54.08 -61.82
C SER C 417 -23.92 55.47 -61.30
N PRO C 418 -24.96 56.21 -60.88
CA PRO C 418 -24.71 57.56 -60.37
C PRO C 418 -23.45 57.57 -59.50
N ALA C 419 -23.37 56.62 -58.59
CA ALA C 419 -22.26 56.54 -57.63
C ALA C 419 -20.91 56.43 -58.32
N SER C 420 -20.74 55.37 -59.12
CA SER C 420 -19.52 55.16 -59.91
C SER C 420 -19.09 56.44 -60.58
N LYS C 421 -19.99 56.92 -61.43
CA LYS C 421 -19.77 58.13 -62.22
C LYS C 421 -19.23 59.24 -61.34
N ASP C 422 -19.88 59.44 -60.19
CA ASP C 422 -19.53 60.56 -59.32
C ASP C 422 -18.14 60.39 -58.72
N PHE C 423 -17.82 59.15 -58.35
CA PHE C 423 -16.53 58.84 -57.77
C PHE C 423 -15.43 59.15 -58.78
N CYS C 424 -15.58 58.54 -59.97
CA CYS C 424 -14.67 58.78 -61.07
C CYS C 424 -14.53 60.25 -61.42
N GLU C 425 -15.61 61.01 -61.30
CA GLU C 425 -15.52 62.44 -61.58
C GLU C 425 -14.62 63.09 -60.53
N ALA C 426 -14.68 62.59 -59.29
CA ALA C 426 -13.96 63.18 -58.18
C ALA C 426 -12.47 62.83 -58.17
N LEU C 427 -12.16 61.65 -58.69
CA LEU C 427 -10.78 61.25 -58.87
C LEU C 427 -10.14 61.86 -60.13
N LEU C 428 -10.95 62.03 -61.17
CA LEU C 428 -10.46 62.51 -62.48
C LEU C 428 -10.42 64.02 -62.61
N GLN C 429 -10.83 64.72 -61.55
CA GLN C 429 -10.70 66.16 -61.46
C GLN C 429 -9.32 66.61 -61.98
N LYS C 430 -9.31 67.45 -63.01
CA LYS C 430 -8.05 67.88 -63.61
C LYS C 430 -7.13 68.58 -62.59
N ASP C 431 -7.73 69.34 -61.67
CA ASP C 431 -6.94 70.12 -60.73
C ASP C 431 -6.82 69.38 -59.38
N PRO C 432 -5.59 68.98 -59.03
CA PRO C 432 -5.37 68.16 -57.84
C PRO C 432 -5.91 68.81 -56.57
N GLU C 433 -6.00 70.12 -56.56
CA GLU C 433 -6.50 70.86 -55.40
C GLU C 433 -7.97 70.54 -55.17
N LYS C 434 -8.64 70.04 -56.20
CA LYS C 434 -10.06 69.73 -56.12
C LYS C 434 -10.32 68.24 -56.24
N ARG C 435 -9.26 67.43 -56.24
CA ARG C 435 -9.38 65.99 -56.49
C ARG C 435 -9.47 65.18 -55.22
N LEU C 436 -10.54 64.41 -55.10
CA LEU C 436 -10.70 63.45 -54.02
C LEU C 436 -9.39 62.68 -53.84
N GLY C 437 -8.92 62.56 -52.59
CA GLY C 437 -7.68 61.83 -52.37
C GLY C 437 -7.27 61.53 -50.94
N PHE C 438 -6.14 62.10 -50.56
CA PHE C 438 -5.49 61.77 -49.30
C PHE C 438 -5.37 63.04 -48.46
N ARG C 439 -6.24 63.15 -47.46
CA ARG C 439 -6.21 64.28 -46.53
C ARG C 439 -6.01 63.80 -45.10
N ASP C 440 -5.23 64.57 -44.34
CA ASP C 440 -5.03 64.30 -42.92
C ASP C 440 -4.55 62.87 -42.68
N GLY C 441 -3.38 62.56 -43.22
CA GLY C 441 -2.74 61.27 -43.00
C GLY C 441 -3.58 60.03 -43.27
N SER C 442 -4.67 60.17 -44.03
CA SER C 442 -5.45 58.98 -44.39
C SER C 442 -6.37 59.18 -45.59
N CYS C 443 -7.08 58.11 -45.94
CA CYS C 443 -8.12 58.14 -46.94
C CYS C 443 -9.50 58.02 -46.32
N ASP C 444 -9.61 58.30 -45.01
CA ASP C 444 -10.89 58.19 -44.35
C ASP C 444 -11.95 59.01 -45.11
N GLY C 445 -11.58 60.24 -45.46
CA GLY C 445 -12.47 61.11 -46.23
C GLY C 445 -12.99 60.38 -47.45
N LEU C 446 -12.11 59.63 -48.09
CA LEU C 446 -12.47 58.91 -49.29
C LEU C 446 -13.35 57.68 -49.01
N ARG C 447 -13.02 56.90 -47.98
CA ARG C 447 -13.83 55.72 -47.63
C ARG C 447 -15.31 56.10 -47.43
N THR C 448 -15.52 57.35 -47.02
CA THR C 448 -16.85 57.92 -46.81
C THR C 448 -17.78 57.80 -48.01
N HIS C 449 -17.24 57.99 -49.20
CA HIS C 449 -18.04 58.07 -50.41
C HIS C 449 -19.12 57.01 -50.51
N PRO C 450 -20.29 57.43 -51.01
CA PRO C 450 -21.49 56.64 -51.26
C PRO C 450 -21.23 55.40 -52.09
N LEU C 451 -20.07 55.32 -52.70
CA LEU C 451 -19.78 54.19 -53.56
C LEU C 451 -19.45 52.98 -52.70
N PHE C 452 -18.92 53.26 -51.51
CA PHE C 452 -18.47 52.23 -50.60
C PHE C 452 -19.54 51.98 -49.55
N ARG C 453 -20.78 52.19 -49.95
CA ARG C 453 -21.92 52.10 -49.04
C ARG C 453 -22.03 50.71 -48.42
N ASP C 454 -21.75 49.68 -49.20
CA ASP C 454 -21.95 48.31 -48.74
C ASP C 454 -20.64 47.62 -48.33
N ILE C 455 -19.58 48.41 -48.18
CA ILE C 455 -18.27 47.88 -47.87
C ILE C 455 -17.99 48.04 -46.38
N SER C 456 -17.80 46.92 -45.68
CA SER C 456 -17.37 46.96 -44.29
C SER C 456 -15.86 47.11 -44.27
N TRP C 457 -15.40 48.33 -44.04
CA TRP C 457 -13.98 48.63 -44.08
C TRP C 457 -13.18 47.81 -43.07
N ARG C 458 -13.77 47.60 -41.89
CA ARG C 458 -13.13 46.80 -40.86
C ARG C 458 -12.77 45.45 -41.43
N GLN C 459 -13.77 44.78 -42.01
CA GLN C 459 -13.59 43.43 -42.48
C GLN C 459 -12.67 43.41 -43.71
N LEU C 460 -12.76 44.45 -44.52
CA LEU C 460 -11.90 44.58 -45.66
C LEU C 460 -10.44 44.73 -45.26
N GLU C 461 -10.17 45.68 -44.36
CA GLU C 461 -8.82 45.96 -43.90
C GLU C 461 -8.19 44.71 -43.27
N ALA C 462 -9.04 43.79 -42.83
CA ALA C 462 -8.55 42.61 -42.15
C ALA C 462 -8.63 41.40 -43.05
N GLY C 463 -8.82 41.63 -44.34
CA GLY C 463 -8.86 40.54 -45.30
C GLY C 463 -9.86 39.46 -44.96
N MET C 464 -10.95 39.86 -44.31
CA MET C 464 -11.92 38.85 -43.87
C MET C 464 -13.25 38.90 -44.63
N LEU C 465 -13.31 39.72 -45.68
CA LEU C 465 -14.47 39.70 -46.57
C LEU C 465 -14.38 38.61 -47.63
N THR C 466 -15.53 38.16 -48.12
CA THR C 466 -15.54 37.21 -49.23
C THR C 466 -15.41 37.91 -50.61
N PRO C 467 -14.29 37.65 -51.30
CA PRO C 467 -14.02 38.28 -52.60
C PRO C 467 -15.12 37.93 -53.61
N PRO C 468 -15.52 38.90 -54.45
CA PRO C 468 -16.69 38.72 -55.32
C PRO C 468 -16.43 37.66 -56.38
N PHE C 469 -15.17 37.28 -56.55
CA PHE C 469 -14.79 36.37 -57.61
C PHE C 469 -13.56 35.57 -57.21
N VAL C 470 -13.63 34.27 -57.40
CA VAL C 470 -12.57 33.35 -57.03
C VAL C 470 -12.08 32.60 -58.26
N PRO C 471 -10.78 32.72 -58.56
CA PRO C 471 -10.14 32.12 -59.75
C PRO C 471 -10.16 30.60 -59.71
N ASP C 472 -9.54 29.97 -60.70
CA ASP C 472 -9.56 28.51 -60.80
C ASP C 472 -8.19 27.84 -60.92
N SER C 473 -7.86 27.02 -59.94
CA SER C 473 -6.62 26.24 -59.95
C SER C 473 -6.43 25.52 -61.28
N VAL C 490 23.29 38.77 -73.51
CA VAL C 490 23.59 39.97 -74.29
C VAL C 490 25.10 40.19 -74.36
N LYS C 491 25.52 41.11 -75.24
CA LYS C 491 26.93 41.19 -75.63
C LYS C 491 27.72 42.32 -74.96
N GLY C 492 28.95 41.99 -74.57
CA GLY C 492 29.97 42.98 -74.25
C GLY C 492 29.81 43.90 -73.04
N VAL C 493 29.29 43.38 -71.94
CA VAL C 493 29.22 44.17 -70.72
C VAL C 493 30.23 43.68 -69.71
N ALA C 494 30.98 44.61 -69.15
CA ALA C 494 31.97 44.29 -68.13
C ALA C 494 31.55 44.88 -66.79
N PHE C 495 31.64 44.08 -65.73
CA PHE C 495 31.25 44.52 -64.39
C PHE C 495 32.41 45.15 -63.64
N GLU C 496 32.23 46.40 -63.21
CA GLU C 496 33.24 47.07 -62.39
C GLU C 496 32.88 47.08 -60.90
N LYS C 497 33.64 47.85 -60.12
CA LYS C 497 33.45 47.97 -58.68
C LYS C 497 32.02 48.41 -58.36
N ALA C 498 31.58 49.50 -58.98
CA ALA C 498 30.29 50.07 -58.68
C ALA C 498 29.14 49.10 -58.96
N ASP C 499 29.33 48.21 -59.93
CA ASP C 499 28.30 47.23 -60.28
C ASP C 499 28.18 46.22 -59.17
N THR C 500 29.32 45.73 -58.71
CA THR C 500 29.29 44.73 -57.65
C THR C 500 28.74 45.32 -56.35
N GLU C 501 29.17 46.52 -55.98
CA GLU C 501 28.61 47.19 -54.82
C GLU C 501 27.07 47.26 -54.89
N PHE C 502 26.54 47.72 -56.02
CA PHE C 502 25.10 47.82 -56.20
C PHE C 502 24.44 46.47 -55.91
N PHE C 503 24.90 45.45 -56.60
CA PHE C 503 24.35 44.12 -56.40
C PHE C 503 24.35 43.75 -54.93
N GLN C 504 25.46 43.92 -54.23
CA GLN C 504 25.51 43.57 -52.81
C GLN C 504 24.48 44.33 -51.97
N GLU C 505 24.40 45.64 -52.15
CA GLU C 505 23.41 46.45 -51.45
C GLU C 505 21.98 45.99 -51.82
N PHE C 506 21.82 45.38 -52.98
CA PHE C 506 20.50 44.98 -53.41
C PHE C 506 20.17 43.71 -52.66
N ALA C 507 21.05 42.73 -52.78
CA ALA C 507 20.87 41.43 -52.13
C ALA C 507 21.03 41.56 -50.62
N SER C 508 20.02 42.11 -49.96
CA SER C 508 20.11 42.41 -48.54
C SER C 508 19.61 41.26 -47.68
N GLY C 509 19.30 40.14 -48.30
CA GLY C 509 18.91 38.94 -47.57
C GLY C 509 17.45 38.87 -47.14
N THR C 510 17.22 38.28 -45.98
CA THR C 510 15.89 37.92 -45.49
C THR C 510 15.11 39.08 -44.86
N CYS C 511 13.81 39.13 -45.11
CA CYS C 511 12.98 40.18 -44.52
C CYS C 511 12.27 39.72 -43.27
N PRO C 512 12.72 40.22 -42.11
CA PRO C 512 12.25 39.82 -40.77
C PRO C 512 10.77 39.44 -40.70
N ILE C 513 9.85 40.38 -40.88
CA ILE C 513 8.45 40.06 -40.63
C ILE C 513 7.98 38.86 -41.44
N PRO C 514 8.17 38.91 -42.76
CA PRO C 514 7.66 37.81 -43.59
C PRO C 514 8.31 36.47 -43.28
N TRP C 515 9.57 36.46 -42.89
CA TRP C 515 10.23 35.21 -42.54
C TRP C 515 9.62 34.61 -41.26
N GLN C 516 9.32 35.45 -40.27
CA GLN C 516 8.71 34.93 -39.06
C GLN C 516 7.31 34.40 -39.37
N GLU C 517 6.57 35.14 -40.20
CA GLU C 517 5.28 34.65 -40.66
C GLU C 517 5.42 33.27 -41.27
N GLU C 518 6.33 33.12 -42.22
CA GLU C 518 6.57 31.84 -42.88
C GLU C 518 6.90 30.75 -41.84
N MET C 519 7.87 31.02 -40.96
CA MET C 519 8.20 30.04 -39.92
C MET C 519 6.96 29.61 -39.20
N ILE C 520 6.08 30.56 -38.89
CA ILE C 520 4.89 30.22 -38.14
C ILE C 520 3.85 29.50 -38.98
N GLU C 521 3.47 30.05 -40.12
CA GLU C 521 2.43 29.42 -40.93
C GLU C 521 2.84 28.01 -41.28
N THR C 522 4.12 27.83 -41.54
CA THR C 522 4.61 26.62 -42.13
C THR C 522 4.85 25.52 -41.09
N GLY C 523 4.61 25.87 -39.83
CA GLY C 523 4.74 24.92 -38.73
C GLY C 523 6.13 24.80 -38.13
N VAL C 524 7.13 25.27 -38.86
CA VAL C 524 8.52 25.15 -38.41
C VAL C 524 8.78 25.78 -37.03
N PHE C 525 8.15 26.91 -36.74
CA PHE C 525 8.33 27.55 -35.43
C PHE C 525 7.83 26.68 -34.26
N GLY C 526 6.60 26.19 -34.38
CA GLY C 526 6.04 25.26 -33.42
C GLY C 526 7.00 24.12 -33.16
N ASP C 527 7.56 23.57 -34.22
CA ASP C 527 8.45 22.42 -34.09
C ASP C 527 9.77 22.77 -33.40
N LEU C 528 10.47 23.79 -33.93
CA LEU C 528 11.74 24.17 -33.34
C LEU C 528 11.62 24.79 -31.95
N ASN C 529 10.42 25.14 -31.50
CA ASN C 529 10.33 25.91 -30.27
C ASN C 529 10.02 25.12 -29.02
N VAL C 530 9.58 23.89 -29.19
CA VAL C 530 9.26 23.01 -28.06
C VAL C 530 10.33 23.00 -26.96
N TRP C 531 9.89 22.89 -25.71
CA TRP C 531 10.77 22.84 -24.55
C TRP C 531 10.94 21.41 -24.04
N ARG C 532 9.82 20.76 -23.71
CA ARG C 532 9.84 19.35 -23.36
C ARG C 532 8.87 18.60 -24.26
N PRO C 533 9.37 17.65 -25.04
CA PRO C 533 8.58 16.82 -25.98
C PRO C 533 7.75 15.69 -25.31
N ARG D 31 10.12 -39.65 34.82
CA ARG D 31 8.74 -39.80 34.34
C ARG D 31 8.64 -40.57 33.00
N ASP D 32 8.06 -41.77 33.05
CA ASP D 32 8.05 -42.71 31.92
C ASP D 32 7.21 -42.29 30.68
N ARG D 33 7.88 -42.11 29.55
CA ARG D 33 7.20 -41.63 28.32
C ARG D 33 6.25 -42.66 27.70
N LYS D 34 6.63 -43.94 27.75
CA LYS D 34 5.77 -45.01 27.28
C LYS D 34 4.39 -44.96 27.97
N TYR D 35 4.38 -44.69 29.28
CA TYR D 35 3.12 -44.64 30.02
C TYR D 35 2.42 -43.29 29.82
N LEU D 36 3.19 -42.22 29.79
CA LEU D 36 2.64 -40.91 29.47
C LEU D 36 1.78 -40.99 28.22
N ALA D 37 2.27 -41.75 27.24
CA ALA D 37 1.61 -41.86 25.95
C ALA D 37 0.30 -42.61 26.00
N ARG D 38 -0.02 -43.24 27.12
CA ARG D 38 -1.28 -43.99 27.23
C ARG D 38 -2.41 -43.11 27.72
N LEU D 39 -2.08 -41.86 28.01
CA LEU D 39 -3.07 -40.89 28.43
C LEU D 39 -3.35 -40.01 27.24
N LYS D 40 -4.39 -40.36 26.48
CA LYS D 40 -4.79 -39.60 25.30
C LYS D 40 -6.32 -39.59 25.24
N LEU D 41 -6.88 -38.40 25.05
CA LEU D 41 -8.33 -38.26 25.05
C LEU D 41 -8.93 -39.08 23.93
N PRO D 42 -10.07 -39.73 24.20
CA PRO D 42 -10.74 -40.61 23.25
C PRO D 42 -11.61 -39.86 22.24
N PRO D 43 -11.98 -40.53 21.14
CA PRO D 43 -13.06 -40.09 20.26
C PRO D 43 -14.37 -40.00 21.02
N LEU D 44 -15.16 -38.98 20.71
CA LEU D 44 -16.46 -38.78 21.35
C LEU D 44 -17.35 -40.01 21.34
N SER D 45 -17.26 -40.82 20.29
CA SER D 45 -18.14 -41.98 20.20
C SER D 45 -17.91 -42.96 21.36
N LYS D 46 -16.66 -43.07 21.83
CA LYS D 46 -16.34 -43.93 22.97
C LYS D 46 -16.92 -43.44 24.32
N CYS D 47 -17.46 -42.24 24.37
CA CYS D 47 -17.96 -41.67 25.61
C CYS D 47 -19.47 -41.70 25.68
N GLU D 48 -20.12 -42.32 24.72
CA GLU D 48 -21.58 -42.27 24.71
C GLU D 48 -22.15 -43.05 25.88
N ALA D 49 -21.56 -44.22 26.13
CA ALA D 49 -22.01 -45.12 27.18
C ALA D 49 -21.95 -44.51 28.57
N LEU D 50 -20.78 -43.98 28.93
CA LEU D 50 -20.61 -43.43 30.27
C LEU D 50 -21.26 -42.06 30.37
N ARG D 51 -21.98 -41.68 29.31
CA ARG D 51 -22.81 -40.50 29.37
C ARG D 51 -24.17 -40.78 30.02
N GLU D 52 -24.47 -42.06 30.25
CA GLU D 52 -25.67 -42.42 31.02
C GLU D 52 -25.29 -42.84 32.44
N SER D 53 -24.21 -43.59 32.53
CA SER D 53 -23.76 -44.11 33.81
C SER D 53 -23.11 -43.03 34.66
N LEU D 54 -23.41 -41.77 34.35
CA LEU D 54 -22.81 -40.66 35.08
C LEU D 54 -23.83 -39.75 35.74
N ASP D 55 -23.52 -39.33 36.96
CA ASP D 55 -24.35 -38.36 37.67
C ASP D 55 -24.17 -36.98 37.06
N LEU D 56 -25.28 -36.41 36.56
CA LEU D 56 -25.28 -35.08 35.97
C LEU D 56 -25.17 -34.02 37.04
N GLY D 57 -25.60 -34.35 38.25
CA GLY D 57 -25.74 -33.38 39.32
C GLY D 57 -24.70 -32.29 39.32
N PHE D 58 -25.16 -31.04 39.44
CA PHE D 58 -24.27 -29.88 39.40
C PHE D 58 -23.14 -29.84 40.44
N GLU D 59 -23.49 -29.75 41.72
CA GLU D 59 -22.44 -29.65 42.72
C GLU D 59 -21.54 -30.89 42.70
N GLY D 60 -22.14 -32.04 42.38
CA GLY D 60 -21.39 -33.28 42.26
C GLY D 60 -20.27 -33.26 41.23
N MET D 61 -20.51 -32.62 40.07
CA MET D 61 -19.54 -32.64 38.98
C MET D 61 -18.77 -31.34 38.78
N CYS D 62 -19.37 -30.20 39.13
CA CYS D 62 -18.73 -28.92 38.83
C CYS D 62 -18.06 -28.29 40.03
N LEU D 63 -18.45 -28.70 41.23
CA LEU D 63 -17.83 -28.21 42.45
C LEU D 63 -16.85 -29.21 43.07
N GLU D 64 -17.27 -30.47 43.17
CA GLU D 64 -16.46 -31.50 43.83
C GLU D 64 -15.35 -32.14 42.95
N GLN D 65 -15.61 -32.33 41.65
CA GLN D 65 -14.59 -32.89 40.77
C GLN D 65 -13.66 -31.81 40.17
N PRO D 66 -12.38 -31.83 40.57
CA PRO D 66 -11.43 -30.78 40.18
C PRO D 66 -11.46 -30.49 38.70
N ILE D 67 -11.56 -31.51 37.86
CA ILE D 67 -11.53 -31.29 36.43
C ILE D 67 -12.84 -30.70 35.89
N GLY D 68 -13.97 -31.19 36.41
CA GLY D 68 -15.26 -30.61 36.03
C GLY D 68 -15.28 -29.13 36.35
N LYS D 69 -14.78 -28.77 37.53
CA LYS D 69 -14.75 -27.39 37.98
C LYS D 69 -13.90 -26.53 37.04
N ARG D 70 -12.76 -27.07 36.64
CA ARG D 70 -11.85 -26.39 35.77
C ARG D 70 -12.51 -26.18 34.37
N LEU D 71 -13.14 -27.21 33.85
CA LEU D 71 -13.78 -27.12 32.55
C LEU D 71 -15.04 -26.25 32.58
N PHE D 72 -15.68 -26.15 33.73
CA PHE D 72 -16.89 -25.35 33.87
C PHE D 72 -16.54 -23.90 34.08
N GLN D 73 -15.43 -23.63 34.75
CA GLN D 73 -14.94 -22.27 34.81
C GLN D 73 -14.43 -21.77 33.44
N GLN D 74 -13.89 -22.68 32.63
CA GLN D 74 -13.47 -22.32 31.27
C GLN D 74 -14.65 -21.87 30.42
N PHE D 75 -15.67 -22.70 30.36
CA PHE D 75 -16.94 -22.32 29.76
C PHE D 75 -17.34 -20.92 30.21
N LEU D 76 -17.45 -20.73 31.51
CA LEU D 76 -17.80 -19.44 32.07
C LEU D 76 -16.90 -18.31 31.55
N ARG D 77 -15.60 -18.53 31.47
CA ARG D 77 -14.67 -17.47 31.09
C ARG D 77 -14.87 -17.05 29.64
N THR D 78 -15.34 -17.98 28.81
CA THR D 78 -15.54 -17.70 27.39
C THR D 78 -16.97 -17.30 27.03
N HIS D 79 -17.78 -16.98 28.03
CA HIS D 79 -19.11 -16.44 27.79
C HIS D 79 -19.30 -15.14 28.57
N GLU D 80 -19.26 -14.01 27.85
CA GLU D 80 -19.36 -12.69 28.45
C GLU D 80 -20.34 -12.65 29.63
N GLN D 81 -21.60 -13.02 29.35
CA GLN D 81 -22.69 -12.90 30.34
C GLN D 81 -22.26 -13.35 31.75
N HIS D 82 -21.59 -14.48 31.81
CA HIS D 82 -21.24 -15.12 33.04
C HIS D 82 -19.96 -14.56 33.66
N GLY D 83 -19.26 -13.70 32.93
CA GLY D 83 -18.02 -13.10 33.41
C GLY D 83 -18.04 -12.65 34.88
N PRO D 84 -19.02 -11.84 35.25
CA PRO D 84 -19.10 -11.33 36.62
C PRO D 84 -19.20 -12.45 37.67
N ALA D 85 -20.07 -13.43 37.43
CA ALA D 85 -20.28 -14.49 38.40
C ALA D 85 -19.00 -15.29 38.62
N LEU D 86 -18.38 -15.69 37.53
CA LEU D 86 -17.11 -16.39 37.61
C LEU D 86 -16.07 -15.61 38.40
N GLN D 87 -15.95 -14.31 38.10
CA GLN D 87 -14.95 -13.50 38.79
C GLN D 87 -15.22 -13.35 40.28
N LEU D 88 -16.50 -13.20 40.64
CA LEU D 88 -16.87 -13.14 42.05
C LEU D 88 -16.47 -14.44 42.71
N TRP D 89 -16.99 -15.54 42.19
CA TRP D 89 -16.64 -16.87 42.68
C TRP D 89 -15.14 -16.94 42.96
N LYS D 90 -14.33 -16.73 41.93
CA LYS D 90 -12.87 -16.78 42.05
C LYS D 90 -12.35 -15.84 43.14
N ASP D 91 -12.86 -14.62 43.19
CA ASP D 91 -12.40 -13.70 44.22
C ASP D 91 -12.70 -14.19 45.63
N ILE D 92 -13.83 -14.86 45.82
CA ILE D 92 -14.24 -15.30 47.14
C ILE D 92 -13.27 -16.33 47.63
N GLU D 93 -12.98 -17.29 46.77
CA GLU D 93 -12.04 -18.33 47.18
C GLU D 93 -10.70 -17.68 47.48
N ASP D 94 -10.35 -16.62 46.73
CA ASP D 94 -9.11 -15.92 46.99
C ASP D 94 -9.15 -15.28 48.38
N TYR D 95 -10.30 -14.76 48.76
CA TYR D 95 -10.44 -14.13 50.07
C TYR D 95 -10.32 -15.17 51.18
N ASP D 96 -10.88 -16.35 50.93
CA ASP D 96 -10.95 -17.44 51.89
C ASP D 96 -9.62 -18.11 52.14
N THR D 97 -8.60 -17.68 51.42
CA THR D 97 -7.30 -18.30 51.45
C THR D 97 -6.24 -17.23 51.67
N ALA D 98 -6.68 -16.00 51.84
CA ALA D 98 -5.72 -14.91 51.97
C ALA D 98 -5.17 -14.86 53.39
N ASP D 99 -3.96 -14.35 53.53
CA ASP D 99 -3.41 -14.04 54.84
C ASP D 99 -4.30 -13.01 55.53
N ASP D 100 -4.47 -13.15 56.84
CA ASP D 100 -5.37 -12.26 57.56
C ASP D 100 -5.06 -10.79 57.26
N ALA D 101 -3.78 -10.51 57.00
CA ALA D 101 -3.32 -9.16 56.75
C ALA D 101 -3.98 -8.53 55.54
N LEU D 102 -4.23 -9.34 54.51
CA LEU D 102 -4.78 -8.84 53.26
C LEU D 102 -6.30 -8.90 53.15
N ARG D 103 -6.95 -9.46 54.17
CA ARG D 103 -8.38 -9.67 54.10
C ARG D 103 -9.21 -8.39 53.95
N PRO D 104 -8.97 -7.39 54.81
CA PRO D 104 -9.74 -6.15 54.74
C PRO D 104 -9.82 -5.54 53.33
N GLN D 105 -8.68 -5.44 52.64
CA GLN D 105 -8.65 -4.80 51.33
C GLN D 105 -9.27 -5.68 50.26
N LYS D 106 -9.01 -6.98 50.33
CA LYS D 106 -9.63 -7.89 49.39
C LYS D 106 -11.15 -7.81 49.50
N ALA D 107 -11.65 -7.59 50.72
CA ALA D 107 -13.08 -7.45 50.95
C ALA D 107 -13.57 -6.13 50.38
N GLN D 108 -12.72 -5.11 50.51
CA GLN D 108 -12.96 -3.79 49.93
C GLN D 108 -13.11 -3.88 48.41
N ALA D 109 -12.03 -4.22 47.72
CA ALA D 109 -12.05 -4.41 46.28
C ALA D 109 -13.20 -5.30 45.82
N LEU D 110 -13.58 -6.26 46.66
CA LEU D 110 -14.60 -7.24 46.29
C LEU D 110 -15.98 -6.60 46.26
N ARG D 111 -16.28 -5.78 47.26
CA ARG D 111 -17.54 -5.06 47.30
C ARG D 111 -17.59 -4.00 46.20
N ALA D 112 -16.46 -3.34 46.00
CA ALA D 112 -16.33 -2.34 44.95
C ALA D 112 -16.54 -2.95 43.57
N ALA D 113 -16.09 -4.18 43.38
CA ALA D 113 -16.05 -4.78 42.06
C ALA D 113 -17.30 -5.56 41.68
N TYR D 114 -18.10 -5.98 42.64
CA TYR D 114 -19.26 -6.81 42.29
C TYR D 114 -20.56 -6.38 42.94
N LEU D 115 -20.48 -5.49 43.93
CA LEU D 115 -21.63 -5.18 44.80
C LEU D 115 -22.19 -3.76 44.70
N GLU D 116 -21.37 -2.81 44.27
CA GLU D 116 -21.88 -1.48 43.90
C GLU D 116 -22.57 -1.59 42.54
N PRO D 117 -23.83 -1.13 42.45
CA PRO D 117 -24.60 -1.28 41.21
C PRO D 117 -23.96 -0.55 40.03
N GLN D 118 -22.99 0.31 40.34
CA GLN D 118 -22.21 1.02 39.32
C GLN D 118 -21.32 0.05 38.53
N ALA D 119 -20.29 -0.46 39.21
CA ALA D 119 -19.20 -1.25 38.63
C ALA D 119 -19.54 -2.20 37.48
N GLN D 120 -18.58 -2.35 36.56
CA GLN D 120 -18.76 -3.21 35.40
C GLN D 120 -19.19 -4.60 35.80
N LEU D 121 -18.49 -5.16 36.78
CA LEU D 121 -18.72 -6.53 37.17
C LEU D 121 -19.80 -6.69 38.23
N PHE D 122 -20.73 -5.75 38.30
CA PHE D 122 -21.85 -5.86 39.23
C PHE D 122 -22.61 -7.15 38.98
N CYS D 123 -23.12 -7.78 40.02
CA CYS D 123 -23.85 -9.04 39.85
C CYS D 123 -25.37 -8.87 39.98
N SER D 124 -26.03 -8.58 38.87
CA SER D 124 -27.46 -8.33 38.86
C SER D 124 -28.32 -9.52 39.33
N PHE D 125 -27.76 -10.72 39.33
CA PHE D 125 -28.53 -11.92 39.68
C PHE D 125 -28.67 -12.07 41.20
N LEU D 126 -27.90 -11.27 41.93
CA LEU D 126 -27.96 -11.27 43.40
C LEU D 126 -29.09 -10.41 43.90
N ASP D 127 -30.08 -11.04 44.52
CA ASP D 127 -31.20 -10.31 45.08
C ASP D 127 -30.67 -9.34 46.12
N ALA D 128 -31.23 -8.14 46.15
CA ALA D 128 -30.73 -7.07 47.00
C ALA D 128 -30.56 -7.44 48.48
N GLU D 129 -31.45 -8.29 49.00
CA GLU D 129 -31.35 -8.68 50.41
C GLU D 129 -30.00 -9.35 50.69
N THR D 130 -29.54 -10.15 49.73
CA THR D 130 -28.25 -10.83 49.84
C THR D 130 -27.09 -9.83 49.71
N VAL D 131 -27.23 -8.90 48.78
CA VAL D 131 -26.21 -7.87 48.56
C VAL D 131 -26.04 -7.01 49.81
N ALA D 132 -27.15 -6.70 50.48
CA ALA D 132 -27.12 -5.94 51.73
C ALA D 132 -26.23 -6.60 52.77
N ARG D 133 -26.51 -7.86 53.08
CA ARG D 133 -25.72 -8.61 54.05
C ARG D 133 -24.25 -8.63 53.66
N ALA D 134 -23.96 -8.95 52.39
CA ALA D 134 -22.58 -9.04 51.92
C ALA D 134 -21.84 -7.72 52.06
N ARG D 135 -22.60 -6.65 51.98
CA ARG D 135 -22.07 -5.30 52.10
C ARG D 135 -21.56 -4.97 53.51
N ALA D 136 -22.26 -5.49 54.54
CA ALA D 136 -21.91 -5.23 55.95
C ALA D 136 -21.10 -6.36 56.60
N GLY D 137 -19.77 -6.21 56.62
CA GLY D 137 -18.90 -7.33 56.88
C GLY D 137 -18.73 -7.80 58.31
N ALA D 138 -19.05 -9.07 58.55
CA ALA D 138 -18.81 -9.71 59.86
C ALA D 138 -17.37 -10.20 60.00
N GLY D 139 -17.19 -11.46 60.38
CA GLY D 139 -15.87 -12.02 60.58
C GLY D 139 -15.59 -13.20 59.67
N ASP D 140 -14.99 -14.26 60.23
CA ASP D 140 -14.71 -15.47 59.47
C ASP D 140 -16.04 -16.07 59.01
N GLY D 141 -16.18 -16.25 57.71
CA GLY D 141 -17.43 -16.70 57.13
C GLY D 141 -18.11 -15.51 56.47
N LEU D 142 -17.35 -14.44 56.28
CA LEU D 142 -17.87 -13.18 55.76
C LEU D 142 -18.69 -13.34 54.49
N PHE D 143 -18.04 -13.78 53.42
CA PHE D 143 -18.76 -13.94 52.17
C PHE D 143 -19.26 -15.37 51.92
N GLN D 144 -19.40 -16.16 52.98
CA GLN D 144 -19.91 -17.52 52.81
C GLN D 144 -21.32 -17.52 52.23
N PRO D 145 -22.21 -16.71 52.80
CA PRO D 145 -23.57 -16.75 52.29
C PRO D 145 -23.68 -16.10 50.92
N LEU D 146 -22.74 -15.22 50.60
CA LEU D 146 -22.64 -14.69 49.24
C LEU D 146 -22.31 -15.83 48.27
N LEU D 147 -21.25 -16.57 48.59
CA LEU D 147 -20.79 -17.66 47.75
C LEU D 147 -21.87 -18.70 47.51
N ARG D 148 -22.70 -18.95 48.50
CA ARG D 148 -23.77 -19.92 48.35
C ARG D 148 -24.77 -19.42 47.33
N ALA D 149 -24.97 -18.10 47.29
CA ALA D 149 -25.93 -17.51 46.36
C ALA D 149 -25.39 -17.53 44.94
N VAL D 150 -24.08 -17.31 44.81
CA VAL D 150 -23.41 -17.35 43.52
C VAL D 150 -23.47 -18.75 42.94
N LEU D 151 -23.19 -19.75 43.77
CA LEU D 151 -23.19 -21.11 43.31
C LEU D 151 -24.61 -21.56 43.01
N ALA D 152 -25.56 -21.06 43.78
CA ALA D 152 -26.96 -21.40 43.56
C ALA D 152 -27.40 -20.90 42.18
N HIS D 153 -26.83 -19.76 41.80
CA HIS D 153 -27.07 -19.15 40.49
C HIS D 153 -26.44 -19.98 39.38
N LEU D 154 -25.16 -20.29 39.55
CA LEU D 154 -24.45 -21.04 38.54
C LEU D 154 -25.08 -22.40 38.28
N GLY D 155 -25.74 -22.98 39.30
CA GLY D 155 -26.33 -24.30 39.15
C GLY D 155 -27.58 -24.34 38.28
N GLN D 156 -28.09 -23.18 37.92
CA GLN D 156 -29.28 -23.10 37.11
C GLN D 156 -28.95 -23.06 35.61
N ALA D 157 -29.28 -21.96 34.96
CA ALA D 157 -29.07 -21.86 33.52
C ALA D 157 -27.61 -22.07 33.15
N PRO D 158 -26.68 -21.41 33.89
CA PRO D 158 -25.28 -21.47 33.47
C PRO D 158 -24.82 -22.89 33.36
N PHE D 159 -25.20 -23.71 34.33
CA PHE D 159 -24.84 -25.11 34.31
C PHE D 159 -25.54 -25.80 33.16
N GLN D 160 -26.81 -25.48 32.97
CA GLN D 160 -27.60 -26.09 31.92
C GLN D 160 -26.99 -25.74 30.54
N GLU D 161 -26.45 -24.54 30.42
CA GLU D 161 -25.75 -24.15 29.21
C GLU D 161 -24.46 -24.96 29.03
N PHE D 162 -23.65 -25.00 30.07
CA PHE D 162 -22.47 -25.87 30.12
C PHE D 162 -22.76 -27.28 29.56
N LEU D 163 -23.88 -27.87 29.96
CA LEU D 163 -24.22 -29.21 29.52
C LEU D 163 -24.44 -29.26 28.00
N ASP D 164 -24.75 -28.10 27.43
CA ASP D 164 -25.02 -28.00 26.00
C ASP D 164 -23.82 -27.41 25.28
N SER D 165 -22.66 -27.43 25.96
CA SER D 165 -21.46 -26.87 25.39
C SER D 165 -20.41 -27.96 25.16
N LEU D 166 -19.30 -27.59 24.51
CA LEU D 166 -18.25 -28.55 24.18
C LEU D 166 -17.46 -28.89 25.42
N TYR D 167 -17.36 -27.92 26.31
CA TYR D 167 -16.72 -28.13 27.60
C TYR D 167 -17.28 -29.33 28.34
N PHE D 168 -18.61 -29.50 28.33
CA PHE D 168 -19.16 -30.72 28.93
C PHE D 168 -18.71 -32.02 28.23
N LEU D 169 -18.67 -32.00 26.91
CA LEU D 169 -18.17 -33.15 26.15
C LEU D 169 -16.71 -33.46 26.47
N ARG D 170 -15.92 -32.43 26.79
CA ARG D 170 -14.53 -32.64 27.14
C ARG D 170 -14.44 -33.35 28.48
N PHE D 171 -15.33 -32.97 29.38
CA PHE D 171 -15.36 -33.57 30.70
C PHE D 171 -15.64 -35.05 30.53
N LEU D 172 -16.47 -35.42 29.55
CA LEU D 172 -16.78 -36.82 29.32
C LEU D 172 -15.56 -37.57 28.79
N GLN D 173 -14.74 -36.88 28.00
CA GLN D 173 -13.51 -37.51 27.50
C GLN D 173 -12.58 -37.83 28.65
N TRP D 174 -12.39 -36.85 29.51
CA TRP D 174 -11.55 -37.03 30.68
C TRP D 174 -12.08 -38.14 31.56
N LYS D 175 -13.39 -38.16 31.77
CA LYS D 175 -14.00 -39.18 32.61
C LYS D 175 -13.78 -40.57 32.02
N TRP D 176 -13.52 -40.62 30.74
CA TRP D 176 -13.32 -41.87 30.05
C TRP D 176 -11.89 -42.35 30.26
N LEU D 177 -10.95 -41.41 30.21
CA LEU D 177 -9.56 -41.77 30.41
C LEU D 177 -9.38 -42.21 31.86
N GLU D 178 -10.15 -41.57 32.74
CA GLU D 178 -10.08 -41.84 34.16
C GLU D 178 -10.54 -43.28 34.47
N ALA D 179 -11.47 -43.77 33.65
CA ALA D 179 -12.03 -45.09 33.87
C ALA D 179 -11.21 -46.19 33.22
N GLN D 180 -10.18 -45.81 32.45
CA GLN D 180 -9.34 -46.81 31.81
C GLN D 180 -8.47 -47.54 32.86
N PRO D 181 -8.11 -48.79 32.56
CA PRO D 181 -7.30 -49.59 33.49
C PRO D 181 -5.91 -48.98 33.75
N MET D 182 -5.62 -48.75 35.03
CA MET D 182 -4.31 -48.31 35.49
C MET D 182 -4.00 -49.11 36.76
N GLY D 183 -3.38 -50.29 36.57
CA GLY D 183 -3.09 -51.19 37.68
C GLY D 183 -1.61 -51.28 37.99
N GLU D 184 -1.14 -52.46 38.36
CA GLU D 184 0.22 -52.59 38.87
C GLU D 184 1.34 -52.14 37.93
N ASP D 185 1.21 -52.43 36.64
CA ASP D 185 2.29 -52.13 35.70
C ASP D 185 2.47 -50.62 35.58
N TRP D 186 1.51 -49.87 36.11
CA TRP D 186 1.53 -48.42 36.08
C TRP D 186 2.31 -47.78 37.23
N PHE D 187 2.89 -48.59 38.10
CA PHE D 187 3.53 -48.04 39.30
C PHE D 187 4.86 -48.68 39.62
N LEU D 188 5.82 -47.85 39.97
CA LEU D 188 7.16 -48.32 40.19
C LEU D 188 7.50 -48.19 41.67
N ASP D 189 7.58 -49.31 42.38
CA ASP D 189 8.03 -49.32 43.77
C ASP D 189 9.53 -49.01 43.80
N PHE D 190 9.99 -48.26 44.81
CA PHE D 190 11.40 -47.91 44.85
C PHE D 190 12.00 -47.65 46.26
N ARG D 191 11.26 -47.99 47.31
CA ARG D 191 11.73 -47.88 48.69
C ARG D 191 10.63 -48.34 49.63
N VAL D 192 11.00 -48.97 50.75
CA VAL D 192 10.02 -49.37 51.76
C VAL D 192 9.76 -48.23 52.74
N LEU D 193 8.50 -47.93 52.99
CA LEU D 193 8.14 -46.82 53.87
C LEU D 193 7.83 -47.34 55.25
N GLY D 194 7.59 -48.65 55.34
CA GLY D 194 7.15 -49.23 56.59
C GLY D 194 6.62 -50.64 56.38
N ARG D 195 6.39 -51.34 57.49
CA ARG D 195 5.92 -52.71 57.45
C ARG D 195 4.59 -52.83 58.18
N GLY D 196 3.72 -53.68 57.66
CA GLY D 196 2.37 -53.81 58.21
C GLY D 196 1.95 -55.26 58.24
N GLY D 197 0.90 -55.53 59.00
CA GLY D 197 0.39 -56.87 59.18
C GLY D 197 0.37 -57.78 57.96
N PHE D 198 0.01 -57.24 56.80
CA PHE D 198 -0.14 -58.15 55.68
C PHE D 198 0.81 -57.93 54.54
N GLY D 199 1.81 -57.09 54.74
CA GLY D 199 2.73 -56.79 53.67
C GLY D 199 3.38 -55.44 53.88
N GLU D 200 4.32 -55.11 53.00
CA GLU D 200 5.04 -53.87 53.17
C GLU D 200 4.32 -52.70 52.54
N VAL D 201 4.82 -51.51 52.84
CA VAL D 201 4.30 -50.31 52.23
C VAL D 201 5.48 -49.68 51.51
N PHE D 202 5.30 -49.39 50.23
CA PHE D 202 6.36 -48.83 49.39
C PHE D 202 6.04 -47.41 48.96
N ALA D 203 7.06 -46.57 48.92
CA ALA D 203 6.99 -45.34 48.16
C ALA D 203 7.08 -45.77 46.70
N CYS D 204 6.18 -45.27 45.87
CA CYS D 204 6.14 -45.66 44.48
C CYS D 204 5.79 -44.48 43.61
N GLN D 205 6.05 -44.62 42.32
CA GLN D 205 5.81 -43.58 41.34
C GLN D 205 4.74 -44.02 40.35
N MET D 206 3.83 -43.10 40.04
CA MET D 206 2.87 -43.35 38.98
C MET D 206 3.58 -42.99 37.68
N LYS D 207 3.82 -44.01 36.85
CA LYS D 207 4.77 -43.89 35.75
C LYS D 207 4.45 -42.76 34.77
N ALA D 208 3.19 -42.66 34.39
CA ALA D 208 2.74 -41.64 33.46
C ALA D 208 3.09 -40.24 33.95
N THR D 209 2.65 -39.94 35.16
CA THR D 209 2.70 -38.57 35.66
C THR D 209 3.93 -38.31 36.50
N GLY D 210 4.49 -39.36 37.08
CA GLY D 210 5.66 -39.22 37.92
C GLY D 210 5.31 -38.75 39.31
N LYS D 211 4.02 -38.73 39.64
CA LYS D 211 3.61 -38.38 40.99
C LYS D 211 3.99 -39.45 42.01
N LEU D 212 4.43 -39.00 43.18
CA LEU D 212 4.85 -39.92 44.22
C LEU D 212 3.71 -40.31 45.14
N TYR D 213 3.56 -41.62 45.34
CA TYR D 213 2.52 -42.16 46.23
C TYR D 213 3.09 -43.18 47.24
N ALA D 214 2.22 -43.67 48.11
CA ALA D 214 2.53 -44.80 48.97
C ALA D 214 1.66 -45.98 48.53
N CYS D 215 2.28 -47.14 48.31
CA CYS D 215 1.51 -48.32 47.91
C CYS D 215 1.54 -49.35 49.01
N LYS D 216 0.39 -49.60 49.61
CA LYS D 216 0.30 -50.54 50.72
C LYS D 216 -0.13 -51.88 50.15
N LYS D 217 0.68 -52.90 50.40
CA LYS D 217 0.40 -54.26 49.94
C LYS D 217 -0.20 -55.12 51.04
N LEU D 218 -1.19 -55.93 50.65
CA LEU D 218 -1.78 -56.96 51.47
C LEU D 218 -1.69 -58.29 50.72
N ASN D 219 -0.66 -59.06 51.01
CA ASN D 219 -0.54 -60.43 50.52
C ASN D 219 -1.89 -61.16 50.61
N LYS D 220 -2.33 -61.75 49.52
CA LYS D 220 -3.67 -62.34 49.47
C LYS D 220 -3.84 -63.56 50.40
N LYS D 221 -2.84 -64.42 50.45
CA LYS D 221 -2.94 -65.67 51.22
C LYS D 221 -3.06 -65.43 52.72
N ARG D 222 -2.13 -64.66 53.28
CA ARG D 222 -2.19 -64.28 54.69
C ARG D 222 -3.53 -63.65 55.04
N LEU D 223 -3.99 -62.70 54.21
CA LEU D 223 -5.30 -62.07 54.40
C LEU D 223 -6.41 -63.11 54.61
N LYS D 224 -6.40 -64.16 53.78
CA LYS D 224 -7.39 -65.23 53.97
C LYS D 224 -7.09 -66.01 55.25
N LYS D 225 -5.85 -66.46 55.39
CA LYS D 225 -5.46 -67.30 56.53
C LYS D 225 -5.87 -66.69 57.86
N ARG D 226 -5.75 -65.38 57.97
CA ARG D 226 -6.01 -64.68 59.23
C ARG D 226 -7.35 -64.00 59.30
N LYS D 227 -8.28 -64.35 58.42
CA LYS D 227 -9.64 -63.81 58.50
C LYS D 227 -9.68 -62.27 58.50
N GLY D 228 -8.88 -61.63 57.66
CA GLY D 228 -8.80 -60.16 57.67
C GLY D 228 -9.50 -59.41 56.54
N TYR D 229 -10.41 -60.06 55.82
CA TYR D 229 -11.13 -59.41 54.72
C TYR D 229 -11.95 -58.18 55.14
N GLN D 230 -12.74 -58.31 56.21
CA GLN D 230 -13.59 -57.21 56.64
C GLN D 230 -12.75 -55.99 56.95
N GLY D 231 -11.65 -56.19 57.68
CA GLY D 231 -10.81 -55.07 58.06
C GLY D 231 -10.23 -54.36 56.85
N ALA D 232 -9.66 -55.15 55.94
CA ALA D 232 -9.03 -54.63 54.74
C ALA D 232 -10.02 -53.81 53.91
N MET D 233 -11.26 -54.27 53.84
CA MET D 233 -12.28 -53.65 53.01
C MET D 233 -12.77 -52.36 53.64
N VAL D 234 -13.07 -52.43 54.95
CA VAL D 234 -13.53 -51.25 55.67
C VAL D 234 -12.57 -50.11 55.44
N GLU D 235 -11.29 -50.43 55.34
CA GLU D 235 -10.29 -49.39 55.15
C GLU D 235 -10.36 -48.82 53.74
N LYS D 236 -10.40 -49.72 52.75
CA LYS D 236 -10.43 -49.28 51.37
C LYS D 236 -11.65 -48.40 51.11
N LYS D 237 -12.82 -48.83 51.59
CA LYS D 237 -14.03 -48.05 51.38
C LYS D 237 -14.01 -46.69 52.08
N ILE D 238 -13.47 -46.65 53.30
CA ILE D 238 -13.37 -45.39 54.03
C ILE D 238 -12.45 -44.41 53.28
N LEU D 239 -11.27 -44.90 52.89
CA LEU D 239 -10.28 -44.04 52.28
C LEU D 239 -10.71 -43.57 50.90
N ALA D 240 -11.64 -44.29 50.29
CA ALA D 240 -12.09 -43.97 48.95
C ALA D 240 -13.17 -42.88 49.00
N LYS D 241 -14.11 -43.05 49.91
CA LYS D 241 -15.28 -42.17 49.98
C LYS D 241 -15.05 -40.91 50.83
N VAL D 242 -13.86 -40.76 51.37
CA VAL D 242 -13.52 -39.62 52.23
C VAL D 242 -12.42 -38.74 51.62
N HIS D 243 -12.64 -37.43 51.64
CA HIS D 243 -11.69 -36.51 51.01
C HIS D 243 -11.37 -35.35 51.95
N SER D 244 -10.34 -35.53 52.77
CA SER D 244 -9.94 -34.54 53.75
C SER D 244 -8.44 -34.35 53.69
N ARG D 245 -7.95 -33.15 53.96
CA ARG D 245 -6.50 -33.02 53.99
C ARG D 245 -5.89 -33.63 55.25
N PHE D 246 -6.74 -34.21 56.11
CA PHE D 246 -6.24 -34.78 57.37
C PHE D 246 -6.40 -36.30 57.48
N ILE D 247 -7.08 -36.90 56.50
CA ILE D 247 -7.08 -38.35 56.33
C ILE D 247 -6.17 -38.66 55.16
N VAL D 248 -5.40 -39.74 55.22
CA VAL D 248 -4.63 -40.12 54.04
C VAL D 248 -5.65 -40.46 52.94
N SER D 249 -5.27 -40.21 51.69
CA SER D 249 -6.24 -40.28 50.61
C SER D 249 -5.95 -41.40 49.62
N LEU D 250 -6.98 -42.19 49.32
CA LEU D 250 -6.85 -43.29 48.37
C LEU D 250 -6.97 -42.80 46.91
N ALA D 251 -5.97 -43.14 46.09
CA ALA D 251 -5.97 -42.76 44.69
C ALA D 251 -6.36 -43.93 43.80
N TYR D 252 -5.83 -45.10 44.12
CA TYR D 252 -6.04 -46.29 43.30
C TYR D 252 -6.22 -47.51 44.17
N ALA D 253 -6.94 -48.50 43.67
CA ALA D 253 -7.08 -49.76 44.38
C ALA D 253 -7.16 -50.92 43.39
N PHE D 254 -6.09 -51.68 43.31
CA PHE D 254 -6.04 -52.83 42.42
C PHE D 254 -5.44 -54.10 43.05
N GLU D 255 -5.26 -55.13 42.23
CA GLU D 255 -4.76 -56.43 42.70
C GLU D 255 -3.67 -56.98 41.82
N THR D 256 -2.74 -57.73 42.42
CA THR D 256 -1.71 -58.44 41.66
C THR D 256 -1.90 -59.94 41.85
N LYS D 257 -1.01 -60.74 41.28
CA LYS D 257 -1.07 -62.19 41.48
C LYS D 257 -1.11 -62.47 42.98
N THR D 258 -0.27 -61.74 43.71
CA THR D 258 -0.01 -62.02 45.12
C THR D 258 -0.68 -61.06 46.11
N ASP D 259 -0.97 -59.84 45.67
CA ASP D 259 -1.40 -58.79 46.60
C ASP D 259 -2.67 -58.04 46.22
N LEU D 260 -3.34 -57.50 47.23
CA LEU D 260 -4.22 -56.35 47.03
C LEU D 260 -3.36 -55.09 47.20
N CYS D 261 -3.73 -53.98 46.57
CA CYS D 261 -2.92 -52.76 46.67
C CYS D 261 -3.74 -51.51 46.92
N LEU D 262 -3.21 -50.63 47.77
CA LEU D 262 -3.83 -49.34 48.02
C LEU D 262 -2.79 -48.27 47.77
N VAL D 263 -3.00 -47.47 46.72
CA VAL D 263 -2.08 -46.40 46.38
C VAL D 263 -2.70 -45.18 47.03
N MET D 264 -1.96 -44.50 47.88
CA MET D 264 -2.57 -43.44 48.66
C MET D 264 -1.57 -42.34 48.91
N THR D 265 -2.03 -41.20 49.41
CA THR D 265 -1.14 -40.13 49.82
C THR D 265 0.13 -40.67 50.45
N ILE D 266 1.28 -40.16 50.03
CA ILE D 266 2.54 -40.53 50.67
C ILE D 266 2.81 -39.61 51.84
N MET D 267 3.21 -40.19 52.97
CA MET D 267 3.48 -39.44 54.20
C MET D 267 4.87 -39.84 54.69
N ASN D 268 5.85 -39.01 54.39
CA ASN D 268 7.24 -39.43 54.45
C ASN D 268 7.94 -39.07 55.78
N GLY D 269 7.25 -38.31 56.63
CA GLY D 269 7.87 -37.75 57.83
C GLY D 269 7.69 -38.52 59.13
N GLY D 270 7.43 -39.82 59.04
CA GLY D 270 7.30 -40.63 60.24
C GLY D 270 6.03 -40.35 61.05
N ASP D 271 5.74 -41.21 62.02
CA ASP D 271 4.52 -41.03 62.79
C ASP D 271 4.78 -40.31 64.08
N ILE D 272 3.72 -39.84 64.71
CA ILE D 272 3.84 -39.03 65.91
C ILE D 272 4.59 -39.79 67.01
N ARG D 273 4.32 -41.08 67.10
CA ARG D 273 4.90 -41.81 68.19
C ARG D 273 6.41 -41.88 68.00
N TYR D 274 6.85 -42.16 66.78
CA TYR D 274 8.28 -42.12 66.49
C TYR D 274 8.84 -40.79 66.97
N HIS D 275 8.15 -39.72 66.58
CA HIS D 275 8.60 -38.37 66.87
C HIS D 275 8.55 -38.00 68.34
N ILE D 276 7.71 -38.68 69.12
CA ILE D 276 7.66 -38.43 70.56
C ILE D 276 8.92 -38.96 71.27
N TYR D 277 9.31 -40.20 70.96
CA TYR D 277 10.34 -40.90 71.73
C TYR D 277 11.68 -40.98 71.04
N ASN D 278 11.68 -41.03 69.71
CA ASN D 278 12.86 -41.47 68.98
C ASN D 278 13.75 -40.37 68.42
N VAL D 279 13.25 -39.14 68.38
CA VAL D 279 14.06 -38.04 67.87
C VAL D 279 14.89 -37.44 68.99
N ASP D 280 14.21 -36.96 70.03
CA ASP D 280 14.87 -36.35 71.18
C ASP D 280 15.10 -37.31 72.35
N GLU D 281 15.54 -38.52 72.04
CA GLU D 281 15.67 -39.65 73.01
C GLU D 281 15.66 -39.35 74.53
N ASP D 282 16.56 -38.49 74.97
CA ASP D 282 16.72 -38.25 76.41
C ASP D 282 15.76 -37.18 76.96
N ASN D 283 15.17 -36.40 76.06
CA ASN D 283 14.14 -35.43 76.43
C ASN D 283 12.84 -35.65 75.66
N PRO D 284 12.18 -36.80 75.89
CA PRO D 284 11.01 -37.22 75.12
C PRO D 284 9.82 -36.31 75.31
N GLY D 285 9.13 -35.98 74.21
CA GLY D 285 7.90 -35.22 74.29
C GLY D 285 7.82 -34.06 73.32
N PHE D 286 6.67 -33.40 73.29
CA PHE D 286 6.49 -32.23 72.44
C PHE D 286 6.26 -30.99 73.29
N GLN D 287 6.90 -29.90 72.90
CA GLN D 287 6.55 -28.60 73.44
C GLN D 287 5.10 -28.35 73.11
N GLU D 288 4.33 -27.84 74.06
CA GLU D 288 2.89 -27.64 73.90
C GLU D 288 2.41 -27.17 72.52
N PRO D 289 2.99 -26.08 72.00
CA PRO D 289 2.50 -25.54 70.73
C PRO D 289 2.48 -26.60 69.63
N ARG D 290 3.60 -27.30 69.46
CA ARG D 290 3.65 -28.37 68.47
C ARG D 290 2.53 -29.40 68.73
N ALA D 291 2.44 -29.88 69.97
CA ALA D 291 1.42 -30.86 70.35
C ALA D 291 0.00 -30.36 70.08
N ILE D 292 -0.22 -29.08 70.29
CA ILE D 292 -1.51 -28.48 70.04
C ILE D 292 -1.82 -28.45 68.56
N PHE D 293 -0.82 -28.05 67.77
CA PHE D 293 -0.96 -28.00 66.33
C PHE D 293 -1.50 -29.34 65.83
N TYR D 294 -0.82 -30.43 66.21
CA TYR D 294 -1.23 -31.78 65.81
C TYR D 294 -2.66 -32.09 66.31
N THR D 295 -2.91 -31.84 67.59
CA THR D 295 -4.24 -32.05 68.15
C THR D 295 -5.27 -31.37 67.25
N ALA D 296 -4.99 -30.12 66.89
CA ALA D 296 -5.90 -29.37 66.05
C ALA D 296 -6.10 -30.05 64.70
N GLN D 297 -5.01 -30.41 64.04
CA GLN D 297 -5.15 -31.14 62.78
C GLN D 297 -5.94 -32.43 62.99
N ILE D 298 -5.57 -33.23 64.00
CA ILE D 298 -6.24 -34.50 64.27
C ILE D 298 -7.73 -34.29 64.51
N VAL D 299 -8.05 -33.29 65.32
CA VAL D 299 -9.45 -32.97 65.58
C VAL D 299 -10.22 -32.77 64.28
N SER D 300 -9.57 -32.19 63.28
CA SER D 300 -10.22 -31.93 62.01
C SER D 300 -10.43 -33.25 61.29
N GLY D 301 -9.45 -34.14 61.42
CA GLY D 301 -9.58 -35.51 60.93
C GLY D 301 -10.79 -36.26 61.49
N LEU D 302 -11.05 -36.10 62.77
CA LEU D 302 -12.18 -36.79 63.39
C LEU D 302 -13.49 -36.21 62.88
N GLU D 303 -13.59 -34.89 62.89
CA GLU D 303 -14.82 -34.22 62.52
C GLU D 303 -15.30 -34.71 61.19
N HIS D 304 -14.38 -34.87 60.25
CA HIS D 304 -14.72 -35.37 58.92
C HIS D 304 -15.27 -36.77 59.00
N LEU D 305 -14.55 -37.67 59.68
CA LEU D 305 -15.01 -39.04 59.85
C LEU D 305 -16.41 -39.07 60.50
N HIS D 306 -16.60 -38.29 61.55
CA HIS D 306 -17.87 -38.34 62.27
C HIS D 306 -19.01 -37.72 61.44
N GLN D 307 -18.68 -36.70 60.65
CA GLN D 307 -19.66 -36.09 59.78
C GLN D 307 -20.17 -37.08 58.74
N ARG D 308 -19.36 -38.08 58.44
CA ARG D 308 -19.76 -39.10 57.49
C ARG D 308 -20.20 -40.37 58.23
N ASN D 309 -20.52 -40.19 59.51
CA ASN D 309 -20.94 -41.31 60.35
C ASN D 309 -19.94 -42.46 60.34
N ILE D 310 -18.66 -42.11 60.45
CA ILE D 310 -17.62 -43.12 60.65
C ILE D 310 -17.04 -43.05 62.07
N ILE D 311 -16.83 -44.20 62.69
CA ILE D 311 -16.12 -44.23 63.94
C ILE D 311 -14.74 -44.80 63.68
N TYR D 312 -13.70 -44.03 64.03
CA TYR D 312 -12.32 -44.40 63.77
C TYR D 312 -11.98 -45.65 64.54
N ARG D 313 -12.14 -45.59 65.88
CA ARG D 313 -11.85 -46.70 66.79
C ARG D 313 -10.39 -47.03 67.02
N ASP D 314 -9.47 -46.32 66.38
CA ASP D 314 -8.07 -46.71 66.46
C ASP D 314 -7.11 -45.51 66.43
N LEU D 315 -7.53 -44.38 66.96
CA LEU D 315 -6.66 -43.22 66.94
C LEU D 315 -5.51 -43.41 67.91
N LYS D 316 -4.28 -43.10 67.47
CA LYS D 316 -3.10 -43.16 68.35
C LYS D 316 -1.85 -42.63 67.68
N PRO D 317 -0.85 -42.23 68.48
CA PRO D 317 0.38 -41.64 67.95
C PRO D 317 0.97 -42.41 66.79
N GLU D 318 0.95 -43.74 66.85
CA GLU D 318 1.58 -44.54 65.79
C GLU D 318 0.79 -44.53 64.49
N ASN D 319 -0.43 -44.04 64.54
CA ASN D 319 -1.33 -44.08 63.39
C ASN D 319 -1.45 -42.73 62.74
N VAL D 320 -0.87 -41.72 63.36
CA VAL D 320 -0.89 -40.36 62.83
C VAL D 320 0.44 -40.05 62.11
N LEU D 321 0.36 -39.81 60.79
CA LEU D 321 1.55 -39.60 60.00
C LEU D 321 1.85 -38.13 59.63
N LEU D 322 3.15 -37.85 59.40
CA LEU D 322 3.64 -36.56 58.96
C LEU D 322 4.02 -36.63 57.48
N ASP D 323 3.59 -35.63 56.71
CA ASP D 323 4.08 -35.51 55.34
C ASP D 323 5.36 -34.66 55.33
N ASP D 324 5.93 -34.46 54.15
CA ASP D 324 7.21 -33.77 54.03
C ASP D 324 7.26 -32.38 54.70
N ASP D 325 6.11 -31.70 54.78
CA ASP D 325 6.05 -30.32 55.27
C ASP D 325 5.86 -30.29 56.77
N GLY D 326 5.45 -31.43 57.32
CA GLY D 326 5.19 -31.50 58.72
C GLY D 326 3.70 -31.40 59.02
N ASN D 327 2.88 -31.54 57.99
CA ASN D 327 1.46 -31.70 58.22
C ASN D 327 1.10 -33.14 58.46
N VAL D 328 -0.05 -33.35 59.06
CA VAL D 328 -0.38 -34.61 59.69
C VAL D 328 -1.71 -35.18 59.15
N ARG D 329 -1.73 -36.48 58.92
CA ARG D 329 -2.98 -37.11 58.54
C ARG D 329 -3.20 -38.37 59.35
N ILE D 330 -4.45 -38.69 59.66
CA ILE D 330 -4.71 -39.97 60.29
C ILE D 330 -4.74 -41.05 59.25
N SER D 331 -4.38 -42.28 59.63
CA SER D 331 -4.24 -43.38 58.70
C SER D 331 -4.54 -44.64 59.46
N ASP D 332 -4.57 -45.76 58.74
CA ASP D 332 -4.76 -47.11 59.32
C ASP D 332 -6.20 -47.21 59.80
N LEU D 333 -7.05 -47.84 59.01
CA LEU D 333 -8.48 -47.79 59.31
C LEU D 333 -9.22 -49.13 59.32
N GLY D 334 -8.45 -50.20 59.47
CA GLY D 334 -9.00 -51.56 59.49
C GLY D 334 -10.01 -51.75 60.59
N LEU D 335 -9.92 -50.95 61.64
CA LEU D 335 -10.81 -51.10 62.78
C LEU D 335 -12.02 -50.18 62.78
N ALA D 336 -12.09 -49.32 61.77
CA ALA D 336 -13.18 -48.37 61.66
C ALA D 336 -14.53 -49.08 61.47
N VAL D 337 -15.62 -48.36 61.72
CA VAL D 337 -16.95 -48.86 61.36
C VAL D 337 -17.79 -47.73 60.77
N GLU D 338 -18.58 -48.05 59.76
CA GLU D 338 -19.52 -47.08 59.19
C GLU D 338 -20.92 -47.31 59.75
N LEU D 339 -21.48 -46.30 60.41
CA LEU D 339 -22.83 -46.43 60.89
C LEU D 339 -23.81 -46.36 59.73
N LYS D 340 -24.57 -47.45 59.53
CA LYS D 340 -25.65 -47.46 58.55
C LYS D 340 -26.56 -46.26 58.79
N ALA D 341 -27.12 -45.73 57.69
CA ALA D 341 -27.95 -44.54 57.77
C ALA D 341 -29.07 -44.71 58.78
N GLY D 342 -29.26 -43.70 59.62
CA GLY D 342 -30.25 -43.75 60.70
C GLY D 342 -29.71 -44.33 62.00
N GLN D 343 -28.63 -45.12 61.91
CA GLN D 343 -28.00 -45.71 63.09
C GLN D 343 -27.13 -44.70 63.84
N THR D 344 -27.29 -44.62 65.16
CA THR D 344 -26.57 -43.61 65.92
C THR D 344 -25.52 -44.20 66.86
N LYS D 345 -25.68 -45.47 67.22
CA LYS D 345 -24.74 -46.11 68.14
C LYS D 345 -24.40 -47.52 67.69
N THR D 346 -23.29 -48.04 68.19
CA THR D 346 -22.86 -49.38 67.79
C THR D 346 -22.19 -50.14 68.93
N LYS D 347 -21.99 -51.45 68.74
CA LYS D 347 -21.32 -52.27 69.72
C LYS D 347 -20.18 -53.03 69.07
N GLY D 348 -19.27 -53.58 69.88
CA GLY D 348 -18.16 -54.36 69.38
C GLY D 348 -16.82 -54.01 69.99
N TYR D 349 -16.13 -55.02 70.54
CA TYR D 349 -14.80 -54.83 71.10
C TYR D 349 -13.82 -54.65 69.94
N ALA D 350 -13.12 -53.52 69.94
CA ALA D 350 -12.14 -53.27 68.89
C ALA D 350 -11.23 -52.11 69.27
N GLY D 351 -9.93 -52.27 69.08
CA GLY D 351 -9.04 -51.16 69.25
C GLY D 351 -7.74 -51.53 69.90
N THR D 352 -6.99 -50.52 70.29
CA THR D 352 -5.70 -50.73 70.91
C THR D 352 -5.83 -50.51 72.40
N PRO D 353 -5.41 -51.51 73.19
CA PRO D 353 -5.35 -51.46 74.65
C PRO D 353 -4.64 -50.23 75.17
N GLY D 354 -5.33 -49.44 75.96
CA GLY D 354 -4.81 -48.16 76.44
C GLY D 354 -5.39 -46.96 75.70
N PHE D 355 -6.24 -47.24 74.71
CA PHE D 355 -6.89 -46.19 73.95
C PHE D 355 -8.40 -46.39 73.85
N MET D 356 -8.87 -47.61 74.11
CA MET D 356 -10.31 -47.86 74.08
C MET D 356 -10.96 -47.22 75.27
N ALA D 357 -12.09 -46.54 75.04
CA ALA D 357 -12.79 -45.77 76.08
C ALA D 357 -13.70 -46.66 76.93
N PRO D 358 -13.94 -46.25 78.18
CA PRO D 358 -14.80 -46.96 79.14
C PRO D 358 -16.07 -47.59 78.55
N GLU D 359 -16.93 -46.81 77.90
CA GLU D 359 -18.18 -47.37 77.37
C GLU D 359 -17.91 -48.63 76.55
N LEU D 360 -16.82 -48.62 75.81
CA LEU D 360 -16.49 -49.71 74.90
C LEU D 360 -16.12 -50.95 75.69
N LEU D 361 -15.33 -50.71 76.74
CA LEU D 361 -14.89 -51.78 77.62
C LEU D 361 -16.07 -52.37 78.38
N LEU D 362 -16.98 -51.52 78.86
CA LEU D 362 -18.13 -51.99 79.63
C LEU D 362 -19.13 -52.75 78.78
N GLY D 363 -18.76 -53.02 77.53
CA GLY D 363 -19.59 -53.77 76.61
C GLY D 363 -20.84 -53.02 76.20
N GLU D 364 -20.87 -51.73 76.50
CA GLU D 364 -22.02 -50.88 76.14
C GLU D 364 -22.01 -50.52 74.65
N GLU D 365 -23.06 -49.83 74.22
CA GLU D 365 -23.09 -49.32 72.87
C GLU D 365 -22.58 -47.88 72.85
N TYR D 366 -21.74 -47.55 71.86
CA TYR D 366 -21.00 -46.30 71.86
C TYR D 366 -21.14 -45.40 70.61
N ASP D 367 -20.64 -44.16 70.77
CA ASP D 367 -20.80 -43.05 69.84
C ASP D 367 -19.49 -42.78 69.12
N PHE D 368 -19.39 -41.59 68.55
CA PHE D 368 -18.10 -41.09 68.09
C PHE D 368 -17.26 -40.77 69.32
N SER D 369 -17.94 -40.62 70.46
CA SER D 369 -17.33 -40.19 71.70
C SER D 369 -16.07 -40.99 71.99
N VAL D 370 -16.14 -42.28 71.69
CA VAL D 370 -14.99 -43.16 71.77
C VAL D 370 -13.72 -42.50 71.23
N ASP D 371 -13.81 -41.92 70.04
CA ASP D 371 -12.63 -41.36 69.40
C ASP D 371 -12.01 -40.20 70.22
N TYR D 372 -12.88 -39.46 70.90
CA TYR D 372 -12.42 -38.30 71.64
C TYR D 372 -11.65 -38.73 72.86
N PHE D 373 -12.04 -39.87 73.42
CA PHE D 373 -11.29 -40.40 74.55
C PHE D 373 -9.88 -40.72 74.07
N ALA D 374 -9.81 -41.32 72.88
CA ALA D 374 -8.53 -41.67 72.29
C ALA D 374 -7.72 -40.41 71.99
N LEU D 375 -8.39 -39.38 71.50
CA LEU D 375 -7.73 -38.11 71.26
C LEU D 375 -7.02 -37.68 72.54
N GLY D 376 -7.74 -37.71 73.66
CA GLY D 376 -7.19 -37.33 74.95
C GLY D 376 -5.97 -38.15 75.40
N VAL D 377 -6.04 -39.46 75.24
CA VAL D 377 -4.89 -40.28 75.58
C VAL D 377 -3.71 -39.84 74.75
N THR D 378 -4.02 -39.41 73.52
CA THR D 378 -3.04 -39.09 72.49
C THR D 378 -2.32 -37.78 72.79
N LEU D 379 -3.11 -36.76 73.08
CA LEU D 379 -2.54 -35.47 73.44
C LEU D 379 -1.67 -35.70 74.67
N TYR D 380 -2.20 -36.44 75.63
CA TYR D 380 -1.48 -36.73 76.86
C TYR D 380 -0.12 -37.34 76.55
N GLU D 381 -0.10 -38.36 75.71
CA GLU D 381 1.16 -39.02 75.39
C GLU D 381 2.10 -38.05 74.71
N MET D 382 1.56 -37.16 73.88
CA MET D 382 2.38 -36.23 73.11
C MET D 382 3.13 -35.28 74.02
N ILE D 383 2.56 -35.03 75.18
CA ILE D 383 3.14 -34.07 76.11
C ILE D 383 3.99 -34.74 77.20
N ALA D 384 3.55 -35.92 77.64
CA ALA D 384 4.20 -36.59 78.77
C ALA D 384 5.19 -37.67 78.38
N ALA D 385 5.21 -38.04 77.09
CA ALA D 385 6.01 -39.18 76.65
C ALA D 385 5.79 -40.41 77.55
N ARG D 386 4.53 -40.61 77.92
CA ARG D 386 4.13 -41.80 78.67
C ARG D 386 2.61 -41.94 78.60
N GLY D 387 2.12 -43.14 78.87
CA GLY D 387 0.69 -43.34 78.94
C GLY D 387 0.13 -42.87 80.27
N PRO D 388 -1.18 -42.60 80.31
CA PRO D 388 -1.87 -42.16 81.52
C PRO D 388 -2.15 -43.31 82.46
N PHE D 389 -2.08 -44.52 81.92
CA PHE D 389 -2.60 -45.66 82.66
C PHE D 389 -1.56 -46.67 83.09
N ARG D 390 -0.32 -46.52 82.62
CA ARG D 390 0.77 -47.32 83.18
C ARG D 390 2.12 -46.62 83.19
N ALA D 391 3.03 -47.17 83.96
CA ALA D 391 4.36 -46.60 84.12
C ALA D 391 5.28 -47.11 83.00
N ARG D 392 6.45 -46.49 82.86
CA ARG D 392 7.35 -46.95 81.83
C ARG D 392 7.73 -48.42 82.01
N GLY D 393 7.48 -49.23 80.99
CA GLY D 393 7.88 -50.63 81.00
C GLY D 393 6.85 -51.51 81.66
N GLU D 394 5.99 -50.87 82.45
CA GLU D 394 4.90 -51.57 83.13
C GLU D 394 4.01 -52.25 82.11
N LYS D 395 3.94 -53.58 82.18
CA LYS D 395 3.10 -54.34 81.29
C LYS D 395 2.13 -55.15 82.12
N VAL D 396 0.83 -54.96 81.91
CA VAL D 396 -0.14 -55.61 82.76
C VAL D 396 -1.06 -56.48 81.95
N GLU D 397 -1.88 -57.26 82.63
CA GLU D 397 -2.87 -58.07 81.93
C GLU D 397 -4.02 -57.19 81.44
N ASN D 398 -4.67 -57.60 80.35
CA ASN D 398 -5.83 -56.87 79.85
C ASN D 398 -6.80 -56.56 80.99
N LYS D 399 -7.22 -57.59 81.72
CA LYS D 399 -8.15 -57.41 82.83
C LYS D 399 -7.77 -56.23 83.73
N GLU D 400 -6.48 -56.06 84.00
CA GLU D 400 -6.02 -55.01 84.90
C GLU D 400 -6.00 -53.65 84.20
N LEU D 401 -5.51 -53.61 82.96
CA LEU D 401 -5.47 -52.36 82.20
C LEU D 401 -6.88 -51.82 82.09
N LYS D 402 -7.83 -52.71 81.82
CA LYS D 402 -9.24 -52.37 81.77
C LYS D 402 -9.71 -51.64 83.01
N GLN D 403 -9.47 -52.22 84.19
CA GLN D 403 -9.83 -51.60 85.46
C GLN D 403 -9.24 -50.20 85.64
N ARG D 404 -7.96 -50.03 85.28
CA ARG D 404 -7.37 -48.69 85.35
C ARG D 404 -8.15 -47.69 84.50
N VAL D 405 -8.38 -48.03 83.23
CA VAL D 405 -9.09 -47.14 82.34
C VAL D 405 -10.48 -46.83 82.88
N LEU D 406 -11.17 -47.84 83.40
CA LEU D 406 -12.51 -47.69 83.94
C LEU D 406 -12.60 -46.88 85.22
N GLU D 407 -11.65 -47.05 86.14
CA GLU D 407 -11.82 -46.44 87.45
C GLU D 407 -10.62 -45.65 87.98
N GLN D 408 -9.48 -45.73 87.33
CA GLN D 408 -8.33 -44.91 87.70
C GLN D 408 -8.46 -43.46 87.21
N ALA D 409 -8.25 -42.50 88.11
CA ALA D 409 -8.28 -41.11 87.75
C ALA D 409 -6.91 -40.70 87.25
N VAL D 410 -6.85 -39.99 86.14
CA VAL D 410 -5.57 -39.65 85.53
C VAL D 410 -4.75 -38.62 86.33
N THR D 411 -3.43 -38.71 86.23
CA THR D 411 -2.51 -37.80 86.90
C THR D 411 -1.71 -36.95 85.93
N TYR D 412 -1.70 -35.63 86.13
CA TYR D 412 -1.05 -34.74 85.19
C TYR D 412 0.16 -34.04 85.77
N PRO D 413 1.38 -34.45 85.36
CA PRO D 413 2.63 -33.86 85.80
C PRO D 413 2.74 -32.36 85.51
N ASP D 414 3.93 -31.81 85.67
CA ASP D 414 4.09 -30.36 85.58
C ASP D 414 4.24 -29.89 84.14
N LYS D 415 4.74 -30.77 83.27
CA LYS D 415 4.87 -30.48 81.86
C LYS D 415 3.57 -29.91 81.27
N PHE D 416 2.45 -30.24 81.88
CA PHE D 416 1.16 -29.74 81.43
C PHE D 416 0.89 -28.31 81.85
N SER D 417 0.18 -27.58 81.00
CA SER D 417 -0.24 -26.22 81.32
C SER D 417 -1.70 -26.31 81.71
N PRO D 418 -2.19 -25.33 82.47
CA PRO D 418 -3.59 -25.37 82.87
C PRO D 418 -4.48 -25.82 81.71
N ALA D 419 -4.26 -25.20 80.55
CA ALA D 419 -5.09 -25.45 79.37
C ALA D 419 -5.03 -26.91 78.92
N SER D 420 -3.81 -27.40 78.67
CA SER D 420 -3.60 -28.81 78.29
C SER D 420 -4.36 -29.72 79.22
N LYS D 421 -4.01 -29.61 80.51
CA LYS D 421 -4.56 -30.44 81.57
C LYS D 421 -6.08 -30.44 81.50
N ASP D 422 -6.66 -29.25 81.36
CA ASP D 422 -8.11 -29.14 81.36
C ASP D 422 -8.71 -29.84 80.14
N PHE D 423 -8.06 -29.70 79.00
CA PHE D 423 -8.54 -30.28 77.75
C PHE D 423 -8.57 -31.79 77.88
N CYS D 424 -7.42 -32.35 78.27
CA CYS D 424 -7.28 -33.78 78.56
C CYS D 424 -8.28 -34.27 79.58
N GLU D 425 -8.57 -33.45 80.59
CA GLU D 425 -9.58 -33.86 81.57
C GLU D 425 -10.94 -34.01 80.87
N ALA D 426 -11.21 -33.12 79.93
CA ALA D 426 -12.51 -33.06 79.27
C ALA D 426 -12.70 -34.19 78.26
N LEU D 427 -11.59 -34.65 77.71
CA LEU D 427 -11.62 -35.74 76.73
C LEU D 427 -11.62 -37.07 77.47
N LEU D 428 -10.95 -37.12 78.61
CA LEU D 428 -10.72 -38.36 79.33
C LEU D 428 -11.84 -38.66 80.31
N GLN D 429 -12.81 -37.76 80.39
CA GLN D 429 -14.03 -38.00 81.16
C GLN D 429 -14.51 -39.44 80.98
N LYS D 430 -14.61 -40.19 82.08
CA LYS D 430 -15.00 -41.60 82.03
C LYS D 430 -16.38 -41.78 81.41
N ASP D 431 -17.30 -40.85 81.68
CA ASP D 431 -18.66 -40.96 81.16
C ASP D 431 -18.87 -40.14 79.90
N PRO D 432 -19.14 -40.81 78.75
CA PRO D 432 -19.23 -40.16 77.43
C PRO D 432 -20.27 -39.03 77.39
N GLU D 433 -21.28 -39.13 78.24
CA GLU D 433 -22.30 -38.11 78.34
C GLU D 433 -21.72 -36.80 78.83
N LYS D 434 -20.56 -36.87 79.49
CA LYS D 434 -19.91 -35.67 80.01
C LYS D 434 -18.59 -35.35 79.30
N ARG D 435 -18.31 -36.08 78.22
CA ARG D 435 -17.02 -35.95 77.55
C ARG D 435 -17.07 -35.00 76.36
N LEU D 436 -16.19 -34.00 76.40
CA LEU D 436 -15.99 -33.08 75.27
C LEU D 436 -15.92 -33.88 73.99
N GLY D 437 -16.68 -33.49 72.97
CA GLY D 437 -16.63 -34.24 71.74
C GLY D 437 -17.29 -33.62 70.52
N PHE D 438 -18.28 -34.36 70.01
CA PHE D 438 -18.91 -34.04 68.75
C PHE D 438 -20.40 -33.76 68.98
N ARG D 439 -20.76 -32.47 69.00
CA ARG D 439 -22.15 -32.04 69.15
C ARG D 439 -22.62 -31.25 67.92
N ASP D 440 -23.88 -31.48 67.55
CA ASP D 440 -24.51 -30.74 66.46
C ASP D 440 -23.70 -30.79 65.16
N GLY D 441 -23.55 -31.99 64.62
CA GLY D 441 -22.84 -32.20 63.38
C GLY D 441 -21.47 -31.56 63.23
N SER D 442 -20.81 -31.22 64.34
CA SER D 442 -19.46 -30.67 64.22
C SER D 442 -18.64 -30.70 65.51
N CYS D 443 -17.40 -30.23 65.41
CA CYS D 443 -16.54 -30.04 66.56
C CYS D 443 -16.36 -28.56 66.88
N ASP D 444 -17.28 -27.72 66.42
CA ASP D 444 -17.16 -26.30 66.71
C ASP D 444 -17.05 -26.08 68.22
N GLY D 445 -17.92 -26.73 68.97
CA GLY D 445 -17.91 -26.61 70.41
C GLY D 445 -16.52 -26.86 70.93
N LEU D 446 -15.87 -27.87 70.35
CA LEU D 446 -14.52 -28.22 70.75
C LEU D 446 -13.44 -27.21 70.31
N ARG D 447 -13.50 -26.73 69.08
CA ARG D 447 -12.54 -25.73 68.61
C ARG D 447 -12.48 -24.51 69.54
N THR D 448 -13.60 -24.25 70.21
CA THR D 448 -13.75 -23.18 71.18
C THR D 448 -12.71 -23.18 72.29
N HIS D 449 -12.37 -24.37 72.76
CA HIS D 449 -11.54 -24.50 73.95
C HIS D 449 -10.32 -23.57 73.93
N PRO D 450 -10.02 -22.98 75.08
CA PRO D 450 -8.89 -22.12 75.41
C PRO D 450 -7.53 -22.70 74.98
N LEU D 451 -7.48 -23.98 74.67
CA LEU D 451 -6.22 -24.59 74.28
C LEU D 451 -5.86 -24.16 72.85
N PHE D 452 -6.89 -23.86 72.06
CA PHE D 452 -6.75 -23.52 70.66
C PHE D 452 -6.82 -22.03 70.50
N ARG D 453 -6.39 -21.33 71.56
CA ARG D 453 -6.45 -19.88 71.60
C ARG D 453 -5.67 -19.23 70.45
N ASP D 454 -4.53 -19.81 70.08
CA ASP D 454 -3.63 -19.19 69.10
C ASP D 454 -3.73 -19.88 67.74
N ILE D 455 -4.75 -20.70 67.58
CA ILE D 455 -4.93 -21.45 66.34
C ILE D 455 -5.96 -20.78 65.45
N SER D 456 -5.53 -20.35 64.27
CA SER D 456 -6.47 -19.83 63.27
C SER D 456 -7.08 -20.99 62.52
N TRP D 457 -8.30 -21.34 62.88
CA TRP D 457 -8.94 -22.52 62.32
C TRP D 457 -9.10 -22.44 60.81
N ARG D 458 -9.37 -21.22 60.33
CA ARG D 458 -9.53 -20.99 58.91
C ARG D 458 -8.29 -21.46 58.18
N GLN D 459 -7.15 -20.94 58.63
CA GLN D 459 -5.89 -21.22 57.99
C GLN D 459 -5.48 -22.68 58.17
N LEU D 460 -5.83 -23.26 59.32
CA LEU D 460 -5.56 -24.66 59.57
C LEU D 460 -6.35 -25.56 58.65
N GLU D 461 -7.66 -25.31 58.59
CA GLU D 461 -8.57 -26.08 57.76
C GLU D 461 -8.13 -26.05 56.30
N ALA D 462 -7.42 -25.00 55.93
CA ALA D 462 -7.03 -24.82 54.54
C ALA D 462 -5.57 -25.17 54.31
N GLY D 463 -4.96 -25.86 55.28
CA GLY D 463 -3.59 -26.29 55.13
C GLY D 463 -2.62 -25.16 54.84
N MET D 464 -2.92 -23.96 55.32
CA MET D 464 -2.09 -22.81 55.03
C MET D 464 -1.33 -22.23 56.23
N LEU D 465 -1.35 -22.94 57.36
CA LEU D 465 -0.51 -22.58 58.49
C LEU D 465 0.89 -23.18 58.36
N THR D 466 1.87 -22.55 59.00
CA THR D 466 3.23 -23.09 59.02
C THR D 466 3.41 -24.13 60.14
N PRO D 467 3.64 -25.40 59.78
CA PRO D 467 3.78 -26.48 60.75
C PRO D 467 4.93 -26.20 61.70
N PRO D 468 4.77 -26.52 62.99
CA PRO D 468 5.77 -26.16 64.01
C PRO D 468 7.08 -26.90 63.83
N PHE D 469 7.09 -27.92 63.00
CA PHE D 469 8.27 -28.76 62.83
C PHE D 469 8.29 -29.36 61.44
N VAL D 470 9.43 -29.23 60.77
CA VAL D 470 9.59 -29.71 59.41
C VAL D 470 10.70 -30.76 59.37
N PRO D 471 10.36 -31.99 58.93
CA PRO D 471 11.28 -33.14 58.87
C PRO D 471 12.45 -32.92 57.93
N ASP D 472 13.29 -33.94 57.74
CA ASP D 472 14.48 -33.79 56.90
C ASP D 472 14.59 -34.87 55.81
N VAL D 490 3.27 -68.45 52.45
CA VAL D 490 2.68 -69.32 53.48
C VAL D 490 2.10 -70.58 52.83
N LYS D 491 1.73 -71.56 53.66
CA LYS D 491 1.42 -72.89 53.17
C LYS D 491 -0.07 -73.24 53.07
N GLY D 492 -0.42 -73.90 51.97
CA GLY D 492 -1.68 -74.61 51.84
C GLY D 492 -3.00 -73.84 51.85
N VAL D 493 -3.03 -72.69 51.17
CA VAL D 493 -4.30 -71.99 51.00
C VAL D 493 -4.80 -72.13 49.55
N ALA D 494 -6.07 -72.46 49.41
CA ALA D 494 -6.69 -72.56 48.10
C ALA D 494 -7.76 -71.49 47.92
N PHE D 495 -7.74 -70.82 46.78
CA PHE D 495 -8.69 -69.75 46.51
C PHE D 495 -9.95 -70.26 45.83
N GLU D 496 -11.10 -70.01 46.48
CA GLU D 496 -12.38 -70.36 45.88
C GLU D 496 -13.10 -69.15 45.26
N LYS D 497 -14.36 -69.37 44.89
CA LYS D 497 -15.17 -68.36 44.23
C LYS D 497 -15.22 -67.10 45.08
N ALA D 498 -15.60 -67.27 46.34
CA ALA D 498 -15.79 -66.14 47.26
C ALA D 498 -14.51 -65.32 47.45
N ASP D 499 -13.37 -65.97 47.37
CA ASP D 499 -12.11 -65.25 47.51
C ASP D 499 -11.91 -64.34 46.32
N THR D 500 -12.13 -64.87 45.12
CA THR D 500 -11.93 -64.07 43.93
C THR D 500 -12.92 -62.91 43.86
N GLU D 501 -14.19 -63.18 44.17
CA GLU D 501 -15.18 -62.12 44.23
C GLU D 501 -14.71 -60.98 45.14
N PHE D 502 -14.33 -61.32 46.36
CA PHE D 502 -13.82 -60.33 47.31
C PHE D 502 -12.71 -59.46 46.71
N PHE D 503 -11.66 -60.12 46.23
CA PHE D 503 -10.60 -59.41 45.52
C PHE D 503 -11.11 -58.42 44.44
N GLN D 504 -11.98 -58.89 43.55
CA GLN D 504 -12.52 -58.01 42.51
C GLN D 504 -13.25 -56.79 43.09
N GLU D 505 -14.08 -57.02 44.09
CA GLU D 505 -14.80 -55.94 44.73
C GLU D 505 -13.83 -54.98 45.41
N PHE D 506 -12.65 -55.48 45.74
CA PHE D 506 -11.71 -54.66 46.47
C PHE D 506 -11.01 -53.81 45.46
N ALA D 507 -10.47 -54.45 44.43
CA ALA D 507 -9.76 -53.75 43.37
C ALA D 507 -10.73 -52.95 42.49
N SER D 508 -11.17 -51.79 43.01
CA SER D 508 -12.24 -51.05 42.37
C SER D 508 -11.71 -49.97 41.43
N GLY D 509 -10.39 -49.97 41.21
CA GLY D 509 -9.75 -49.07 40.25
C GLY D 509 -9.46 -47.68 40.79
N THR D 510 -9.57 -46.69 39.91
CA THR D 510 -9.13 -45.33 40.18
C THR D 510 -10.13 -44.49 40.95
N CYS D 511 -9.64 -43.63 41.84
CA CYS D 511 -10.53 -42.75 42.60
C CYS D 511 -10.65 -41.35 41.99
N PRO D 512 -11.81 -41.03 41.40
CA PRO D 512 -12.07 -39.81 40.63
C PRO D 512 -11.37 -38.56 41.15
N ILE D 513 -11.74 -38.04 42.32
CA ILE D 513 -11.17 -36.78 42.79
C ILE D 513 -9.63 -36.77 42.79
N PRO D 514 -9.01 -37.76 43.47
CA PRO D 514 -7.54 -37.74 43.52
C PRO D 514 -6.88 -37.88 42.16
N TRP D 515 -7.48 -38.62 41.24
CA TRP D 515 -6.91 -38.75 39.91
C TRP D 515 -6.94 -37.42 39.16
N GLN D 516 -8.05 -36.69 39.28
CA GLN D 516 -8.13 -35.40 38.60
C GLN D 516 -7.13 -34.43 39.22
N GLU D 517 -6.98 -34.46 40.55
CA GLU D 517 -5.96 -33.68 41.21
C GLU D 517 -4.58 -33.98 40.62
N GLU D 518 -4.24 -35.26 40.55
CA GLU D 518 -2.97 -35.69 39.99
C GLU D 518 -2.79 -35.18 38.57
N MET D 519 -3.78 -35.42 37.73
CA MET D 519 -3.70 -34.92 36.36
C MET D 519 -3.38 -33.43 36.36
N ILE D 520 -4.03 -32.68 37.23
CA ILE D 520 -3.80 -31.25 37.26
C ILE D 520 -2.45 -30.86 37.86
N GLU D 521 -2.12 -31.38 39.03
CA GLU D 521 -0.87 -30.98 39.68
C GLU D 521 0.29 -31.32 38.79
N THR D 522 0.17 -32.46 38.14
CA THR D 522 1.29 -33.07 37.48
C THR D 522 1.52 -32.48 36.09
N GLY D 523 0.62 -31.58 35.68
CA GLY D 523 0.72 -30.88 34.42
C GLY D 523 0.03 -31.53 33.23
N VAL D 524 -0.23 -32.83 33.37
CA VAL D 524 -0.83 -33.62 32.31
C VAL D 524 -2.15 -33.06 31.78
N PHE D 525 -2.98 -32.48 32.65
CA PHE D 525 -4.26 -31.93 32.21
C PHE D 525 -4.08 -30.71 31.30
N GLY D 526 -3.26 -29.76 31.74
CA GLY D 526 -2.91 -28.63 30.90
C GLY D 526 -2.47 -29.08 29.51
N ASP D 527 -1.61 -30.09 29.45
CA ASP D 527 -1.06 -30.53 28.18
C ASP D 527 -2.12 -31.19 27.31
N LEU D 528 -2.84 -32.16 27.86
CA LEU D 528 -3.86 -32.86 27.08
C LEU D 528 -5.07 -32.00 26.76
N ASN D 529 -5.21 -30.86 27.41
CA ASN D 529 -6.43 -30.09 27.22
C ASN D 529 -6.42 -28.99 26.16
N VAL D 530 -5.22 -28.59 25.73
CA VAL D 530 -5.06 -27.53 24.73
C VAL D 530 -6.00 -27.69 23.53
N TRP D 531 -6.48 -26.54 23.02
CA TRP D 531 -7.34 -26.48 21.84
C TRP D 531 -6.57 -26.14 20.57
N ARG D 532 -5.87 -25.00 20.59
CA ARG D 532 -4.97 -24.64 19.49
C ARG D 532 -3.60 -24.35 20.07
N PRO D 533 -2.58 -25.10 19.64
CA PRO D 533 -1.19 -24.96 20.10
C PRO D 533 -0.44 -23.78 19.51
PB ADP E . -26.48 -3.58 -14.62
O1B ADP E . -27.85 -2.98 -14.45
O2B ADP E . -26.49 -5.09 -14.71
O3B ADP E . -25.60 -2.92 -15.65
PA ADP E . -24.17 -3.47 -12.95
O1A ADP E . -24.06 -4.79 -12.21
O2A ADP E . -23.34 -3.35 -14.20
O3A ADP E . -25.74 -3.20 -13.24
O5' ADP E . -23.78 -2.22 -11.99
C5' ADP E . -23.98 -0.87 -12.42
C4' ADP E . -22.75 -0.01 -12.18
O4' ADP E . -22.45 0.08 -10.79
C3' ADP E . -21.49 -0.53 -12.85
O3' ADP E . -21.32 0.07 -14.14
C2' ADP E . -20.39 -0.09 -11.90
O2' ADP E . -19.95 1.23 -12.19
C1' ADP E . -21.06 -0.03 -10.55
N9 ADP E . -20.76 -1.33 -9.89
C8 ADP E . -21.43 -2.47 -10.15
N7 ADP E . -20.91 -3.51 -9.42
C5 ADP E . -19.90 -3.01 -8.69
C6 ADP E . -18.96 -3.57 -7.69
N6 ADP E . -19.01 -4.88 -7.37
N1 ADP E . -18.04 -2.73 -7.16
C2 ADP E . -18.00 -1.43 -7.49
N3 ADP E . -18.84 -0.84 -8.38
C4 ADP E . -19.79 -1.57 -9.00
MG MG F . -23.42 -2.57 -16.53
MG MG G . -27.09 -6.96 -16.43
C1 GOL H . -34.46 2.70 -8.04
O1 GOL H . -35.58 2.58 -8.90
C2 GOL H . -34.90 2.53 -6.59
O2 GOL H . -35.31 3.77 -6.02
C3 GOL H . -33.88 1.77 -5.71
O3 GOL H . -32.51 1.93 -6.10
PB ADP I . 19.79 11.64 20.34
O1B ADP I . 19.42 12.75 21.28
O2B ADP I . 21.09 11.89 19.63
O3B ADP I . 19.66 10.22 20.86
PA ADP I . 18.20 10.87 18.05
O1A ADP I . 18.81 11.55 16.86
O2A ADP I . 18.53 9.43 18.36
O3A ADP I . 18.54 11.79 19.32
O5' ADP I . 16.59 10.94 17.98
C5' ADP I . 15.79 10.74 19.14
C4' ADP I . 14.52 9.91 18.89
O4' ADP I . 13.56 10.63 18.08
C3' ADP I . 14.73 8.56 18.21
O3' ADP I . 15.04 7.49 19.10
C2' ADP I . 13.39 8.32 17.54
O2' ADP I . 12.45 7.75 18.46
C1' ADP I . 12.95 9.72 17.17
N9 ADP I . 13.57 10.01 15.85
C8 ADP I . 14.82 10.47 15.66
N7 ADP I . 15.10 10.65 14.34
C5 ADP I . 13.98 10.29 13.67
C6 ADP I . 13.59 10.26 12.25
N6 ADP I . 14.49 10.64 11.32
N1 ADP I . 12.33 9.86 11.94
C2 ADP I . 11.47 9.48 12.90
N3 ADP I . 11.75 9.49 14.22
C4 ADP I . 12.97 9.88 14.66
MG MG J . 18.74 8.06 20.21
MG MG K . 23.65 11.23 19.40
C1 GOL L . 15.59 7.92 -1.95
O1 GOL L . 14.73 8.27 -0.88
C2 GOL L . 16.86 8.76 -1.95
O2 GOL L . 18.02 7.95 -2.08
C3 GOL L . 16.99 9.60 -0.67
O3 GOL L . 17.58 8.87 0.40
PB ADP M . 8.45 44.64 -64.53
O1B ADP M . 9.75 44.32 -65.25
O2B ADP M . 8.59 45.69 -63.43
O3B ADP M . 7.21 44.88 -65.34
PA ADP M . 6.80 42.80 -63.05
O1A ADP M . 7.16 42.96 -61.60
O2A ADP M . 5.63 43.57 -63.60
O3A ADP M . 8.14 43.18 -63.88
O5' ADP M . 6.55 41.27 -63.46
C5' ADP M . 6.06 40.99 -64.76
C4' ADP M . 4.88 40.04 -64.76
O4' ADP M . 5.20 38.87 -64.01
C3' ADP M . 3.62 40.62 -64.11
O3' ADP M . 2.78 41.36 -65.01
C2' ADP M . 2.94 39.37 -63.63
O2' ADP M . 2.27 38.73 -64.72
C1' ADP M . 4.09 38.46 -63.22
N9 ADP M . 4.30 38.70 -61.76
C8 ADP M . 5.02 39.71 -61.21
N7 ADP M . 5.00 39.66 -59.85
C5 ADP M . 4.22 38.59 -59.52
C6 ADP M . 3.78 37.95 -58.27
N6 ADP M . 4.16 38.46 -57.07
N1 ADP M . 2.99 36.86 -58.37
C2 ADP M . 2.60 36.35 -59.54
N3 ADP M . 2.97 36.87 -60.71
C4 ADP M . 3.76 37.98 -60.77
MG MG N . 4.76 44.79 -65.28
MG MG O . 8.80 48.26 -63.21
PB ADP P . -1.46 -52.05 59.21
O1B ADP P . -1.34 -53.44 58.65
O2B ADP P . -2.84 -51.48 59.02
O3B ADP P . -0.85 -51.83 60.58
PA ADP P . -0.52 -49.61 58.08
O1A ADP P . -1.55 -49.22 57.06
O2A ADP P . -0.53 -48.94 59.44
O3A ADP P . -0.48 -51.21 58.26
O5' ADP P . 0.97 -49.37 57.47
C5' ADP P . 2.09 -49.90 58.18
C4' ADP P . 3.29 -48.94 58.17
O4' ADP P . 3.61 -48.54 56.83
C3' ADP P . 3.08 -47.66 58.96
O3' ADP P . 3.50 -47.77 60.31
C2' ADP P . 3.95 -46.66 58.24
O2' ADP P . 5.25 -46.59 58.83
C1' ADP P . 4.05 -47.19 56.81
N9 ADP P . 3.02 -46.44 56.08
C8 ADP P . 1.70 -46.75 56.11
N7 ADP P . 0.97 -45.88 55.38
C5 ADP P . 1.83 -44.99 54.86
C6 ADP P . 1.69 -43.83 53.98
N6 ADP P . 0.46 -43.48 53.55
N1 ADP P . 2.83 -43.15 53.67
C2 ADP P . 4.04 -43.52 54.14
N3 ADP P . 4.23 -44.58 54.95
C4 ADP P . 3.18 -45.35 55.34
MG MG Q . -0.09 -49.67 61.64
MG MG R . -4.98 -51.96 60.33
#